data_1SIV
# 
_entry.id   1SIV 
# 
_audit_conform.dict_name       mmcif_pdbx.dic 
_audit_conform.dict_version    5.386 
_audit_conform.dict_location   http://mmcif.pdb.org/dictionaries/ascii/mmcif_pdbx.dic 
# 
loop_
_database_2.database_id 
_database_2.database_code 
_database_2.pdbx_database_accession 
_database_2.pdbx_DOI 
PDB   1SIV         pdb_00001siv 10.2210/pdb1siv/pdb 
WWPDB D_1000176389 ?            ?                   
# 
loop_
_pdbx_audit_revision_history.ordinal 
_pdbx_audit_revision_history.data_content_type 
_pdbx_audit_revision_history.major_revision 
_pdbx_audit_revision_history.minor_revision 
_pdbx_audit_revision_history.revision_date 
1 'Structure model' 1 0 1994-01-31 
2 'Structure model' 1 1 2008-03-24 
3 'Structure model' 1 2 2011-07-13 
4 'Structure model' 1 3 2012-12-12 
5 'Structure model' 1 4 2017-11-29 
6 'Structure model' 1 5 2024-02-14 
# 
_pdbx_audit_revision_details.ordinal             1 
_pdbx_audit_revision_details.revision_ordinal    1 
_pdbx_audit_revision_details.data_content_type   'Structure model' 
_pdbx_audit_revision_details.provider            repository 
_pdbx_audit_revision_details.type                'Initial release' 
_pdbx_audit_revision_details.description         ? 
_pdbx_audit_revision_details.details             ? 
# 
loop_
_pdbx_audit_revision_group.ordinal 
_pdbx_audit_revision_group.revision_ordinal 
_pdbx_audit_revision_group.data_content_type 
_pdbx_audit_revision_group.group 
1  2 'Structure model' 'Version format compliance' 
2  3 'Structure model' 'Atomic model'              
3  3 'Structure model' 'Database references'       
4  3 'Structure model' 'Derived calculations'      
5  3 'Structure model' 'Non-polymer description'   
6  3 'Structure model' 'Structure summary'         
7  3 'Structure model' 'Version format compliance' 
8  4 'Structure model' Other                       
9  5 'Structure model' 'Derived calculations'      
10 5 'Structure model' Other                       
11 6 'Structure model' 'Data collection'           
12 6 'Structure model' 'Database references'       
13 6 'Structure model' 'Derived calculations'      
# 
loop_
_pdbx_audit_revision_category.ordinal 
_pdbx_audit_revision_category.revision_ordinal 
_pdbx_audit_revision_category.data_content_type 
_pdbx_audit_revision_category.category 
1 5 'Structure model' pdbx_database_status 
2 5 'Structure model' struct_conf          
3 5 'Structure model' struct_conf_type     
4 6 'Structure model' chem_comp_atom       
5 6 'Structure model' chem_comp_bond       
6 6 'Structure model' database_2           
7 6 'Structure model' struct_site          
# 
loop_
_pdbx_audit_revision_item.ordinal 
_pdbx_audit_revision_item.revision_ordinal 
_pdbx_audit_revision_item.data_content_type 
_pdbx_audit_revision_item.item 
1 5 'Structure model' '_pdbx_database_status.process_site'  
2 6 'Structure model' '_database_2.pdbx_DOI'                
3 6 'Structure model' '_database_2.pdbx_database_accession' 
4 6 'Structure model' '_struct_site.pdbx_auth_asym_id'      
5 6 'Structure model' '_struct_site.pdbx_auth_comp_id'      
6 6 'Structure model' '_struct_site.pdbx_auth_seq_id'       
# 
_pdbx_database_status.status_code                     REL 
_pdbx_database_status.entry_id                        1SIV 
_pdbx_database_status.recvd_initial_deposition_date   1993-08-24 
_pdbx_database_status.deposit_site                    ? 
_pdbx_database_status.process_site                    BNL 
_pdbx_database_status.SG_entry                        . 
_pdbx_database_status.pdb_format_compatible           Y 
_pdbx_database_status.status_code_mr                  ? 
_pdbx_database_status.status_code_sf                  ? 
_pdbx_database_status.status_code_cs                  ? 
_pdbx_database_status.methods_development_category    ? 
_pdbx_database_status.status_code_nmr_data            ? 
# 
loop_
_audit_author.name 
_audit_author.pdbx_ordinal 
'Zhao, B.'         1 
'Abdel-Meguid, S.' 2 
# 
_citation.id                        primary 
_citation.title                     
;Three-dimensional structure of a simian immunodeficiency virus protease/inhibitor complex. Implications for the design of human immunodeficiency virus type 1 and 2 protease inhibitors.
;
_citation.journal_abbrev            Biochemistry 
_citation.journal_volume            32 
_citation.page_first                13054 
_citation.page_last                 13060 
_citation.year                      1993 
_citation.journal_id_ASTM           BICHAW 
_citation.country                   US 
_citation.journal_id_ISSN           0006-2960 
_citation.journal_id_CSD            0033 
_citation.book_publisher            ? 
_citation.pdbx_database_id_PubMed   8241159 
_citation.pdbx_database_id_DOI      10.1021/bi00211a015 
# 
loop_
_citation_author.citation_id 
_citation_author.name 
_citation_author.ordinal 
_citation_author.identifier_ORCID 
primary 'Zhao, B.'           1 ? 
primary 'Winborne, E.'       2 ? 
primary 'Minnich, M.D.'      3 ? 
primary 'Culp, J.S.'         4 ? 
primary 'Debouck, C.'        5 ? 
primary 'Abdel-Meguid, S.S.' 6 ? 
# 
loop_
_entity.id 
_entity.type 
_entity.src_method 
_entity.pdbx_description 
_entity.formula_weight 
_entity.pdbx_number_of_molecules 
_entity.pdbx_ec 
_entity.pdbx_mutation 
_entity.pdbx_fragment 
_entity.details 
1 polymer     man 'SIV PROTEASE'                                                                                  10725.448 2  ? ? 
? ? 
2 non-polymer syn 'methyl N-{(4S,5S)-5-[(L-alanyl-L-alanyl)amino]-4-hydroxy-6-phenylhexanoyl}-L-valyl-L-valinate' 577.713   1  ? ? 
? ? 
3 water       nat water                                                                                           18.015    34 ? ? 
? ? 
# 
_entity_poly.entity_id                      1 
_entity_poly.type                           'polypeptide(L)' 
_entity_poly.nstd_linkage                   no 
_entity_poly.nstd_monomer                   no 
_entity_poly.pdbx_seq_one_letter_code       
;PQFSLWRRPVVTAHIEGQPVEVLLDTGADDSIVTGIELGPHYTPKIVGGIGGFINTKEYKNVKIEVLGKRIKGTIMTGDT
PINIFGRNLLTALGMSLNL
;
_entity_poly.pdbx_seq_one_letter_code_can   
;PQFSLWRRPVVTAHIEGQPVEVLLDTGADDSIVTGIELGPHYTPKIVGGIGGFINTKEYKNVKIEVLGKRIKGTIMTGDT
PINIFGRNLLTALGMSLNL
;
_entity_poly.pdbx_strand_id                 A,B 
_entity_poly.pdbx_target_identifier         ? 
# 
loop_
_pdbx_entity_nonpoly.entity_id 
_pdbx_entity_nonpoly.name 
_pdbx_entity_nonpoly.comp_id 
2 'methyl N-{(4S,5S)-5-[(L-alanyl-L-alanyl)amino]-4-hydroxy-6-phenylhexanoyl}-L-valyl-L-valinate' PSI 
3 water                                                                                           HOH 
# 
loop_
_entity_poly_seq.entity_id 
_entity_poly_seq.num 
_entity_poly_seq.mon_id 
_entity_poly_seq.hetero 
1 1  PRO n 
1 2  GLN n 
1 3  PHE n 
1 4  SER n 
1 5  LEU n 
1 6  TRP n 
1 7  ARG n 
1 8  ARG n 
1 9  PRO n 
1 10 VAL n 
1 11 VAL n 
1 12 THR n 
1 13 ALA n 
1 14 HIS n 
1 15 ILE n 
1 16 GLU n 
1 17 GLY n 
1 18 GLN n 
1 19 PRO n 
1 20 VAL n 
1 21 GLU n 
1 22 VAL n 
1 23 LEU n 
1 24 LEU n 
1 25 ASP n 
1 26 THR n 
1 27 GLY n 
1 28 ALA n 
1 29 ASP n 
1 30 ASP n 
1 31 SER n 
1 32 ILE n 
1 33 VAL n 
1 34 THR n 
1 35 GLY n 
1 36 ILE n 
1 37 GLU n 
1 38 LEU n 
1 39 GLY n 
1 40 PRO n 
1 41 HIS n 
1 42 TYR n 
1 43 THR n 
1 44 PRO n 
1 45 LYS n 
1 46 ILE n 
1 47 VAL n 
1 48 GLY n 
1 49 GLY n 
1 50 ILE n 
1 51 GLY n 
1 52 GLY n 
1 53 PHE n 
1 54 ILE n 
1 55 ASN n 
1 56 THR n 
1 57 LYS n 
1 58 GLU n 
1 59 TYR n 
1 60 LYS n 
1 61 ASN n 
1 62 VAL n 
1 63 LYS n 
1 64 ILE n 
1 65 GLU n 
1 66 VAL n 
1 67 LEU n 
1 68 GLY n 
1 69 LYS n 
1 70 ARG n 
1 71 ILE n 
1 72 LYS n 
1 73 GLY n 
1 74 THR n 
1 75 ILE n 
1 76 MET n 
1 77 THR n 
1 78 GLY n 
1 79 ASP n 
1 80 THR n 
1 81 PRO n 
1 82 ILE n 
1 83 ASN n 
1 84 ILE n 
1 85 PHE n 
1 86 GLY n 
1 87 ARG n 
1 88 ASN n 
1 89 LEU n 
1 90 LEU n 
1 91 THR n 
1 92 ALA n 
1 93 LEU n 
1 94 GLY n 
1 95 MET n 
1 96 SER n 
1 97 LEU n 
1 98 ASN n 
1 99 LEU n 
# 
_entity_src_gen.entity_id                          1 
_entity_src_gen.pdbx_src_id                        1 
_entity_src_gen.pdbx_alt_source_flag               sample 
_entity_src_gen.pdbx_seq_type                      ? 
_entity_src_gen.pdbx_beg_seq_num                   ? 
_entity_src_gen.pdbx_end_seq_num                   ? 
_entity_src_gen.gene_src_common_name               ? 
_entity_src_gen.gene_src_genus                     Lentivirus 
_entity_src_gen.pdbx_gene_src_gene                 ? 
_entity_src_gen.gene_src_species                   ? 
_entity_src_gen.gene_src_strain                    ? 
_entity_src_gen.gene_src_tissue                    ? 
_entity_src_gen.gene_src_tissue_fraction           ? 
_entity_src_gen.gene_src_details                   ? 
_entity_src_gen.pdbx_gene_src_fragment             ? 
_entity_src_gen.pdbx_gene_src_scientific_name      'Simian immunodeficiency virus' 
_entity_src_gen.pdbx_gene_src_ncbi_taxonomy_id     11723 
_entity_src_gen.pdbx_gene_src_variant              ? 
_entity_src_gen.pdbx_gene_src_cell_line            ? 
_entity_src_gen.pdbx_gene_src_atcc                 ? 
_entity_src_gen.pdbx_gene_src_organ                ? 
_entity_src_gen.pdbx_gene_src_organelle            ? 
_entity_src_gen.pdbx_gene_src_cell                 ? 
_entity_src_gen.pdbx_gene_src_cellular_location    ? 
_entity_src_gen.host_org_common_name               ? 
_entity_src_gen.pdbx_host_org_scientific_name      ? 
_entity_src_gen.pdbx_host_org_ncbi_taxonomy_id     ? 
_entity_src_gen.host_org_genus                     ? 
_entity_src_gen.pdbx_host_org_gene                 ? 
_entity_src_gen.pdbx_host_org_organ                ? 
_entity_src_gen.host_org_species                   ? 
_entity_src_gen.pdbx_host_org_tissue               ? 
_entity_src_gen.pdbx_host_org_tissue_fraction      ? 
_entity_src_gen.pdbx_host_org_strain               ? 
_entity_src_gen.pdbx_host_org_variant              ? 
_entity_src_gen.pdbx_host_org_cell_line            ? 
_entity_src_gen.pdbx_host_org_atcc                 ? 
_entity_src_gen.pdbx_host_org_culture_collection   ? 
_entity_src_gen.pdbx_host_org_cell                 ? 
_entity_src_gen.pdbx_host_org_organelle            ? 
_entity_src_gen.pdbx_host_org_cellular_location    ? 
_entity_src_gen.pdbx_host_org_vector_type          ? 
_entity_src_gen.pdbx_host_org_vector               ? 
_entity_src_gen.host_org_details                   ? 
_entity_src_gen.expression_system_id               ? 
_entity_src_gen.plasmid_name                       ? 
_entity_src_gen.plasmid_details                    ? 
_entity_src_gen.pdbx_description                   ? 
# 
loop_
_chem_comp.id 
_chem_comp.type 
_chem_comp.mon_nstd_flag 
_chem_comp.name 
_chem_comp.pdbx_synonyms 
_chem_comp.formula 
_chem_comp.formula_weight 
ALA 'L-peptide linking' y ALANINE                                                                                         ? 
'C3 H7 N O2'     89.093  
ARG 'L-peptide linking' y ARGININE                                                                                        ? 
'C6 H15 N4 O2 1' 175.209 
ASN 'L-peptide linking' y ASPARAGINE                                                                                      ? 
'C4 H8 N2 O3'    132.118 
ASP 'L-peptide linking' y 'ASPARTIC ACID'                                                                                 ? 
'C4 H7 N O4'     133.103 
GLN 'L-peptide linking' y GLUTAMINE                                                                                       ? 
'C5 H10 N2 O3'   146.144 
GLU 'L-peptide linking' y 'GLUTAMIC ACID'                                                                                 ? 
'C5 H9 N O4'     147.129 
GLY 'peptide linking'   y GLYCINE                                                                                         ? 
'C2 H5 N O2'     75.067  
HIS 'L-peptide linking' y HISTIDINE                                                                                       ? 
'C6 H10 N3 O2 1' 156.162 
HOH non-polymer         . WATER                                                                                           ? 'H2 O' 
18.015  
ILE 'L-peptide linking' y ISOLEUCINE                                                                                      ? 
'C6 H13 N O2'    131.173 
LEU 'L-peptide linking' y LEUCINE                                                                                         ? 
'C6 H13 N O2'    131.173 
LYS 'L-peptide linking' y LYSINE                                                                                          ? 
'C6 H15 N2 O2 1' 147.195 
MET 'L-peptide linking' y METHIONINE                                                                                      ? 
'C5 H11 N O2 S'  149.211 
PHE 'L-peptide linking' y PHENYLALANINE                                                                                   ? 
'C9 H11 N O2'    165.189 
PRO 'L-peptide linking' y PROLINE                                                                                         ? 
'C5 H9 N O2'     115.130 
PSI peptide-like        . 'methyl N-{(4S,5S)-5-[(L-alanyl-L-alanyl)amino]-4-hydroxy-6-phenylhexanoyl}-L-valyl-L-valinate' 
'SKF 107457' 'C29 H47 N5 O7'  577.713 
SER 'L-peptide linking' y SERINE                                                                                          ? 
'C3 H7 N O3'     105.093 
THR 'L-peptide linking' y THREONINE                                                                                       ? 
'C4 H9 N O3'     119.119 
TRP 'L-peptide linking' y TRYPTOPHAN                                                                                      ? 
'C11 H12 N2 O2'  204.225 
TYR 'L-peptide linking' y TYROSINE                                                                                        ? 
'C9 H11 N O3'    181.189 
VAL 'L-peptide linking' y VALINE                                                                                          ? 
'C5 H11 N O2'    117.146 
# 
loop_
_pdbx_poly_seq_scheme.asym_id 
_pdbx_poly_seq_scheme.entity_id 
_pdbx_poly_seq_scheme.seq_id 
_pdbx_poly_seq_scheme.mon_id 
_pdbx_poly_seq_scheme.ndb_seq_num 
_pdbx_poly_seq_scheme.pdb_seq_num 
_pdbx_poly_seq_scheme.auth_seq_num 
_pdbx_poly_seq_scheme.pdb_mon_id 
_pdbx_poly_seq_scheme.auth_mon_id 
_pdbx_poly_seq_scheme.pdb_strand_id 
_pdbx_poly_seq_scheme.pdb_ins_code 
_pdbx_poly_seq_scheme.hetero 
A 1 1  PRO 1  1  1  PRO PRO A . n 
A 1 2  GLN 2  2  2  GLN GLN A . n 
A 1 3  PHE 3  3  3  PHE PHE A . n 
A 1 4  SER 4  4  4  SER SER A . n 
A 1 5  LEU 5  5  5  LEU LEU A . n 
A 1 6  TRP 6  6  6  TRP TRP A . n 
A 1 7  ARG 7  7  7  ARG ARG A . n 
A 1 8  ARG 8  8  8  ARG ARG A . n 
A 1 9  PRO 9  9  9  PRO PRO A . n 
A 1 10 VAL 10 10 10 VAL VAL A . n 
A 1 11 VAL 11 11 11 VAL VAL A . n 
A 1 12 THR 12 12 12 THR THR A . n 
A 1 13 ALA 13 13 13 ALA ALA A . n 
A 1 14 HIS 14 14 14 HIS HIS A . n 
A 1 15 ILE 15 15 15 ILE ILE A . n 
A 1 16 GLU 16 16 16 GLU GLU A . n 
A 1 17 GLY 17 17 17 GLY GLY A . n 
A 1 18 GLN 18 18 18 GLN GLN A . n 
A 1 19 PRO 19 19 19 PRO PRO A . n 
A 1 20 VAL 20 20 20 VAL VAL A . n 
A 1 21 GLU 21 21 21 GLU GLU A . n 
A 1 22 VAL 22 22 22 VAL VAL A . n 
A 1 23 LEU 23 23 23 LEU LEU A . n 
A 1 24 LEU 24 24 24 LEU LEU A . n 
A 1 25 ASP 25 25 25 ASP ASP A . n 
A 1 26 THR 26 26 26 THR THR A . n 
A 1 27 GLY 27 27 27 GLY GLY A . n 
A 1 28 ALA 28 28 28 ALA ALA A . n 
A 1 29 ASP 29 29 29 ASP ASP A . n 
A 1 30 ASP 30 30 30 ASP ASP A . n 
A 1 31 SER 31 31 31 SER SER A . n 
A 1 32 ILE 32 32 32 ILE ILE A . n 
A 1 33 VAL 33 33 33 VAL VAL A . n 
A 1 34 THR 34 34 34 THR THR A . n 
A 1 35 GLY 35 35 35 GLY GLY A . n 
A 1 36 ILE 36 36 36 ILE ILE A . n 
A 1 37 GLU 37 37 37 GLU GLU A . n 
A 1 38 LEU 38 38 38 LEU LEU A . n 
A 1 39 GLY 39 39 39 GLY GLY A . n 
A 1 40 PRO 40 40 40 PRO PRO A . n 
A 1 41 HIS 41 41 41 HIS HIS A . n 
A 1 42 TYR 42 42 42 TYR TYR A . n 
A 1 43 THR 43 43 43 THR THR A . n 
A 1 44 PRO 44 44 44 PRO PRO A . n 
A 1 45 LYS 45 45 45 LYS LYS A . n 
A 1 46 ILE 46 46 46 ILE ILE A . n 
A 1 47 VAL 47 47 47 VAL VAL A . n 
A 1 48 GLY 48 48 48 GLY GLY A . n 
A 1 49 GLY 49 49 49 GLY GLY A . n 
A 1 50 ILE 50 50 50 ILE ILE A . n 
A 1 51 GLY 51 51 51 GLY GLY A . n 
A 1 52 GLY 52 52 52 GLY GLY A . n 
A 1 53 PHE 53 53 53 PHE PHE A . n 
A 1 54 ILE 54 54 54 ILE ILE A . n 
A 1 55 ASN 55 55 55 ASN ASN A . n 
A 1 56 THR 56 56 56 THR THR A . n 
A 1 57 LYS 57 57 57 LYS LYS A . n 
A 1 58 GLU 58 58 58 GLU GLU A . n 
A 1 59 TYR 59 59 59 TYR TYR A . n 
A 1 60 LYS 60 60 60 LYS LYS A . n 
A 1 61 ASN 61 61 61 ASN ASN A . n 
A 1 62 VAL 62 62 62 VAL VAL A . n 
A 1 63 LYS 63 63 63 LYS LYS A . n 
A 1 64 ILE 64 64 64 ILE ILE A . n 
A 1 65 GLU 65 65 65 GLU GLU A . n 
A 1 66 VAL 66 66 66 VAL VAL A . n 
A 1 67 LEU 67 67 67 LEU LEU A . n 
A 1 68 GLY 68 68 68 GLY GLY A . n 
A 1 69 LYS 69 69 69 LYS LYS A . n 
A 1 70 ARG 70 70 70 ARG ARG A . n 
A 1 71 ILE 71 71 71 ILE ILE A . n 
A 1 72 LYS 72 72 72 LYS LYS A . n 
A 1 73 GLY 73 73 73 GLY GLY A . n 
A 1 74 THR 74 74 74 THR THR A . n 
A 1 75 ILE 75 75 75 ILE ILE A . n 
A 1 76 MET 76 76 76 MET MET A . n 
A 1 77 THR 77 77 77 THR THR A . n 
A 1 78 GLY 78 78 78 GLY GLY A . n 
A 1 79 ASP 79 79 79 ASP ASP A . n 
A 1 80 THR 80 80 80 THR THR A . n 
A 1 81 PRO 81 81 81 PRO PRO A . n 
A 1 82 ILE 82 82 82 ILE ILE A . n 
A 1 83 ASN 83 83 83 ASN ASN A . n 
A 1 84 ILE 84 84 84 ILE ILE A . n 
A 1 85 PHE 85 85 85 PHE PHE A . n 
A 1 86 GLY 86 86 86 GLY GLY A . n 
A 1 87 ARG 87 87 87 ARG ARG A . n 
A 1 88 ASN 88 88 88 ASN ASN A . n 
A 1 89 LEU 89 89 89 LEU LEU A . n 
A 1 90 LEU 90 90 90 LEU LEU A . n 
A 1 91 THR 91 91 91 THR THR A . n 
A 1 92 ALA 92 92 92 ALA ALA A . n 
A 1 93 LEU 93 93 93 LEU LEU A . n 
A 1 94 GLY 94 94 94 GLY GLY A . n 
A 1 95 MET 95 95 95 MET MET A . n 
A 1 96 SER 96 96 96 SER SER A . n 
A 1 97 LEU 97 97 97 LEU LEU A . n 
A 1 98 ASN 98 98 98 ASN ASN A . n 
A 1 99 LEU 99 99 99 LEU LEU A . n 
B 1 1  PRO 1  1  1  PRO PRO B . n 
B 1 2  GLN 2  2  2  GLN GLN B . n 
B 1 3  PHE 3  3  3  PHE PHE B . n 
B 1 4  SER 4  4  4  SER SER B . n 
B 1 5  LEU 5  5  5  LEU LEU B . n 
B 1 6  TRP 6  6  6  TRP TRP B . n 
B 1 7  ARG 7  7  7  ARG ARG B . n 
B 1 8  ARG 8  8  8  ARG ARG B . n 
B 1 9  PRO 9  9  9  PRO PRO B . n 
B 1 10 VAL 10 10 10 VAL VAL B . n 
B 1 11 VAL 11 11 11 VAL VAL B . n 
B 1 12 THR 12 12 12 THR THR B . n 
B 1 13 ALA 13 13 13 ALA ALA B . n 
B 1 14 HIS 14 14 14 HIS HIS B . n 
B 1 15 ILE 15 15 15 ILE ILE B . n 
B 1 16 GLU 16 16 16 GLU GLU B . n 
B 1 17 GLY 17 17 17 GLY GLY B . n 
B 1 18 GLN 18 18 18 GLN GLN B . n 
B 1 19 PRO 19 19 19 PRO PRO B . n 
B 1 20 VAL 20 20 20 VAL VAL B . n 
B 1 21 GLU 21 21 21 GLU GLU B . n 
B 1 22 VAL 22 22 22 VAL VAL B . n 
B 1 23 LEU 23 23 23 LEU LEU B . n 
B 1 24 LEU 24 24 24 LEU LEU B . n 
B 1 25 ASP 25 25 25 ASP ASP B . n 
B 1 26 THR 26 26 26 THR THR B . n 
B 1 27 GLY 27 27 27 GLY GLY B . n 
B 1 28 ALA 28 28 28 ALA ALA B . n 
B 1 29 ASP 29 29 29 ASP ASP B . n 
B 1 30 ASP 30 30 30 ASP ASP B . n 
B 1 31 SER 31 31 31 SER SER B . n 
B 1 32 ILE 32 32 32 ILE ILE B . n 
B 1 33 VAL 33 33 33 VAL VAL B . n 
B 1 34 THR 34 34 34 THR THR B . n 
B 1 35 GLY 35 35 35 GLY GLY B . n 
B 1 36 ILE 36 36 36 ILE ILE B . n 
B 1 37 GLU 37 37 37 GLU GLU B . n 
B 1 38 LEU 38 38 38 LEU LEU B . n 
B 1 39 GLY 39 39 39 GLY GLY B . n 
B 1 40 PRO 40 40 40 PRO PRO B . n 
B 1 41 HIS 41 41 41 HIS HIS B . n 
B 1 42 TYR 42 42 42 TYR TYR B . n 
B 1 43 THR 43 43 43 THR THR B . n 
B 1 44 PRO 44 44 44 PRO PRO B . n 
B 1 45 LYS 45 45 45 LYS LYS B . n 
B 1 46 ILE 46 46 46 ILE ILE B . n 
B 1 47 VAL 47 47 47 VAL VAL B . n 
B 1 48 GLY 48 48 48 GLY GLY B . n 
B 1 49 GLY 49 49 49 GLY GLY B . n 
B 1 50 ILE 50 50 50 ILE ILE B . n 
B 1 51 GLY 51 51 51 GLY GLY B . n 
B 1 52 GLY 52 52 52 GLY GLY B . n 
B 1 53 PHE 53 53 53 PHE PHE B . n 
B 1 54 ILE 54 54 54 ILE ILE B . n 
B 1 55 ASN 55 55 55 ASN ASN B . n 
B 1 56 THR 56 56 56 THR THR B . n 
B 1 57 LYS 57 57 57 LYS LYS B . n 
B 1 58 GLU 58 58 58 GLU GLU B . n 
B 1 59 TYR 59 59 59 TYR TYR B . n 
B 1 60 LYS 60 60 60 LYS LYS B . n 
B 1 61 ASN 61 61 61 ASN ASN B . n 
B 1 62 VAL 62 62 62 VAL VAL B . n 
B 1 63 LYS 63 63 63 LYS LYS B . n 
B 1 64 ILE 64 64 64 ILE ILE B . n 
B 1 65 GLU 65 65 65 GLU GLU B . n 
B 1 66 VAL 66 66 66 VAL VAL B . n 
B 1 67 LEU 67 67 67 LEU LEU B . n 
B 1 68 GLY 68 68 68 GLY GLY B . n 
B 1 69 LYS 69 69 69 LYS LYS B . n 
B 1 70 ARG 70 70 70 ARG ARG B . n 
B 1 71 ILE 71 71 71 ILE ILE B . n 
B 1 72 LYS 72 72 72 LYS LYS B . n 
B 1 73 GLY 73 73 73 GLY GLY B . n 
B 1 74 THR 74 74 74 THR THR B . n 
B 1 75 ILE 75 75 75 ILE ILE B . n 
B 1 76 MET 76 76 76 MET MET B . n 
B 1 77 THR 77 77 77 THR THR B . n 
B 1 78 GLY 78 78 78 GLY GLY B . n 
B 1 79 ASP 79 79 79 ASP ASP B . n 
B 1 80 THR 80 80 80 THR THR B . n 
B 1 81 PRO 81 81 81 PRO PRO B . n 
B 1 82 ILE 82 82 82 ILE ILE B . n 
B 1 83 ASN 83 83 83 ASN ASN B . n 
B 1 84 ILE 84 84 84 ILE ILE B . n 
B 1 85 PHE 85 85 85 PHE PHE B . n 
B 1 86 GLY 86 86 86 GLY GLY B . n 
B 1 87 ARG 87 87 87 ARG ARG B . n 
B 1 88 ASN 88 88 88 ASN ASN B . n 
B 1 89 LEU 89 89 89 LEU LEU B . n 
B 1 90 LEU 90 90 90 LEU LEU B . n 
B 1 91 THR 91 91 91 THR THR B . n 
B 1 92 ALA 92 92 92 ALA ALA B . n 
B 1 93 LEU 93 93 93 LEU LEU B . n 
B 1 94 GLY 94 94 94 GLY GLY B . n 
B 1 95 MET 95 95 95 MET MET B . n 
B 1 96 SER 96 96 96 SER SER B . n 
B 1 97 LEU 97 97 97 LEU LEU B . n 
B 1 98 ASN 98 98 98 ASN ASN B . n 
B 1 99 LEU 99 99 99 LEU LEU B . n 
# 
loop_
_pdbx_nonpoly_scheme.asym_id 
_pdbx_nonpoly_scheme.entity_id 
_pdbx_nonpoly_scheme.mon_id 
_pdbx_nonpoly_scheme.ndb_seq_num 
_pdbx_nonpoly_scheme.pdb_seq_num 
_pdbx_nonpoly_scheme.auth_seq_num 
_pdbx_nonpoly_scheme.pdb_mon_id 
_pdbx_nonpoly_scheme.auth_mon_id 
_pdbx_nonpoly_scheme.pdb_strand_id 
_pdbx_nonpoly_scheme.pdb_ins_code 
C 2 PSI 1  100 100 PSI GLI B . 
D 3 HOH 1  501 501 HOH HOH A . 
D 3 HOH 2  502 502 HOH HOH A . 
D 3 HOH 3  503 503 HOH HOH A . 
D 3 HOH 4  504 504 HOH HOH A . 
D 3 HOH 5  505 505 HOH HOH A . 
D 3 HOH 6  506 506 HOH HOH A . 
D 3 HOH 7  507 507 HOH HOH A . 
D 3 HOH 8  508 508 HOH HOH A . 
D 3 HOH 9  509 509 HOH HOH A . 
D 3 HOH 10 510 510 HOH HOH A . 
D 3 HOH 11 511 511 HOH HOH A . 
D 3 HOH 12 512 512 HOH HOH A . 
D 3 HOH 13 514 514 HOH HOH A . 
D 3 HOH 14 515 515 HOH HOH A . 
D 3 HOH 15 516 516 HOH HOH A . 
D 3 HOH 16 517 517 HOH HOH A . 
D 3 HOH 17 518 518 HOH HOH A . 
D 3 HOH 18 519 519 HOH HOH A . 
D 3 HOH 19 520 520 HOH HOH A . 
D 3 HOH 20 522 522 HOH HOH A . 
D 3 HOH 21 523 523 HOH HOH A . 
D 3 HOH 22 531 531 HOH HOH A . 
E 3 HOH 1  500 500 HOH HOH B . 
E 3 HOH 2  532 532 HOH HOH B . 
E 3 HOH 3  533 533 HOH HOH B . 
E 3 HOH 4  534 534 HOH HOH B . 
E 3 HOH 5  535 535 HOH HOH B . 
E 3 HOH 6  536 536 HOH HOH B . 
E 3 HOH 7  537 537 HOH HOH B . 
E 3 HOH 8  540 540 HOH HOH B . 
E 3 HOH 9  543 543 HOH HOH B . 
E 3 HOH 10 544 544 HOH HOH B . 
E 3 HOH 11 545 545 HOH HOH B . 
E 3 HOH 12 547 547 HOH HOH B . 
# 
loop_
_software.name 
_software.classification 
_software.version 
_software.citation_id 
_software.pdbx_ordinal 
X-PLOR 'model building' . ? 1 
X-PLOR refinement       . ? 2 
X-PLOR phasing          . ? 3 
# 
_cell.entry_id           1SIV 
_cell.length_a           46.300 
_cell.length_b           101.500 
_cell.length_c           118.800 
_cell.angle_alpha        90.00 
_cell.angle_beta         90.00 
_cell.angle_gamma        90.00 
_cell.Z_PDB              16 
_cell.pdbx_unique_axis   ? 
# 
_symmetry.entry_id                         1SIV 
_symmetry.space_group_name_H-M             'I 2 2 2' 
_symmetry.pdbx_full_space_group_name_H-M   ? 
_symmetry.cell_setting                     ? 
_symmetry.Int_Tables_number                23 
# 
_exptl.entry_id          1SIV 
_exptl.method            'X-RAY DIFFRACTION' 
_exptl.crystals_number   ? 
# 
_exptl_crystal.id                    1 
_exptl_crystal.density_meas          ? 
_exptl_crystal.density_Matthews      3.25 
_exptl_crystal.density_percent_sol   62.17 
_exptl_crystal.description           ? 
# 
_diffrn.id                     1 
_diffrn.crystal_id             1 
_diffrn.ambient_temp           ? 
_diffrn.ambient_temp_details   ? 
# 
_refine.entry_id                                 1SIV 
_refine.ls_number_reflns_obs                     ? 
_refine.ls_number_reflns_all                     ? 
_refine.pdbx_ls_sigma_I                          ? 
_refine.pdbx_ls_sigma_F                          2.0 
_refine.pdbx_data_cutoff_high_absF               ? 
_refine.pdbx_data_cutoff_low_absF                ? 
_refine.pdbx_data_cutoff_high_rms_absF           ? 
_refine.ls_d_res_low                             6 
_refine.ls_d_res_high                            2.5 
_refine.ls_percent_reflns_obs                    ? 
_refine.ls_R_factor_obs                          0.1890000 
_refine.ls_R_factor_all                          ? 
_refine.ls_R_factor_R_work                       0.1890000 
_refine.ls_R_factor_R_free                       ? 
_refine.ls_R_factor_R_free_error                 ? 
_refine.ls_R_factor_R_free_error_details         ? 
_refine.ls_percent_reflns_R_free                 ? 
_refine.ls_number_reflns_R_free                  ? 
_refine.ls_number_parameters                     ? 
_refine.ls_number_restraints                     ? 
_refine.occupancy_min                            ? 
_refine.occupancy_max                            ? 
_refine.B_iso_mean                               ? 
_refine.aniso_B[1][1]                            ? 
_refine.aniso_B[2][2]                            ? 
_refine.aniso_B[3][3]                            ? 
_refine.aniso_B[1][2]                            ? 
_refine.aniso_B[1][3]                            ? 
_refine.aniso_B[2][3]                            ? 
_refine.solvent_model_details                    ? 
_refine.solvent_model_param_ksol                 ? 
_refine.solvent_model_param_bsol                 ? 
_refine.pdbx_ls_cross_valid_method               ? 
_refine.details                                  ? 
_refine.pdbx_starting_model                      ? 
_refine.pdbx_method_to_determine_struct          ? 
_refine.pdbx_isotropic_thermal_model             ? 
_refine.pdbx_stereochemistry_target_values       ? 
_refine.pdbx_stereochem_target_val_spec_case     ? 
_refine.pdbx_R_Free_selection_details            ? 
_refine.pdbx_overall_ESU_R                       ? 
_refine.pdbx_overall_ESU_R_Free                  ? 
_refine.overall_SU_ML                            ? 
_refine.overall_SU_B                             ? 
_refine.pdbx_refine_id                           'X-RAY DIFFRACTION' 
_refine.pdbx_diffrn_id                           1 
_refine.pdbx_TLS_residual_ADP_flag               ? 
_refine.correlation_coeff_Fo_to_Fc               ? 
_refine.correlation_coeff_Fo_to_Fc_free          ? 
_refine.pdbx_solvent_vdw_probe_radii             ? 
_refine.pdbx_solvent_ion_probe_radii             ? 
_refine.pdbx_solvent_shrinkage_radii             ? 
_refine.pdbx_overall_phase_error                 ? 
_refine.overall_SU_R_Cruickshank_DPI             ? 
_refine.pdbx_overall_SU_R_free_Cruickshank_DPI   ? 
_refine.pdbx_overall_SU_R_Blow_DPI               ? 
_refine.pdbx_overall_SU_R_free_Blow_DPI          ? 
# 
_refine_hist.pdbx_refine_id                   'X-RAY DIFFRACTION' 
_refine_hist.cycle_id                         LAST 
_refine_hist.pdbx_number_atoms_protein        1510 
_refine_hist.pdbx_number_atoms_nucleic_acid   0 
_refine_hist.pdbx_number_atoms_ligand         41 
_refine_hist.number_atoms_solvent             34 
_refine_hist.number_atoms_total               1585 
_refine_hist.d_res_high                       2.5 
_refine_hist.d_res_low                        6 
# 
loop_
_refine_ls_restr.type 
_refine_ls_restr.dev_ideal 
_refine_ls_restr.dev_ideal_target 
_refine_ls_restr.weight 
_refine_ls_restr.number 
_refine_ls_restr.pdbx_refine_id 
_refine_ls_restr.pdbx_restraint_function 
x_bond_d                0.017 ? ? ? 'X-RAY DIFFRACTION' ? 
x_bond_d_na             ?     ? ? ? 'X-RAY DIFFRACTION' ? 
x_bond_d_prot           ?     ? ? ? 'X-RAY DIFFRACTION' ? 
x_angle_d               ?     ? ? ? 'X-RAY DIFFRACTION' ? 
x_angle_d_na            ?     ? ? ? 'X-RAY DIFFRACTION' ? 
x_angle_d_prot          ?     ? ? ? 'X-RAY DIFFRACTION' ? 
x_angle_deg             3.48  ? ? ? 'X-RAY DIFFRACTION' ? 
x_angle_deg_na          ?     ? ? ? 'X-RAY DIFFRACTION' ? 
x_angle_deg_prot        ?     ? ? ? 'X-RAY DIFFRACTION' ? 
x_dihedral_angle_d      ?     ? ? ? 'X-RAY DIFFRACTION' ? 
x_dihedral_angle_d_na   ?     ? ? ? 'X-RAY DIFFRACTION' ? 
x_dihedral_angle_d_prot ?     ? ? ? 'X-RAY DIFFRACTION' ? 
x_improper_angle_d      2.01  ? ? ? 'X-RAY DIFFRACTION' ? 
x_improper_angle_d_na   ?     ? ? ? 'X-RAY DIFFRACTION' ? 
x_improper_angle_d_prot ?     ? ? ? 'X-RAY DIFFRACTION' ? 
x_mcbond_it             ?     ? ? ? 'X-RAY DIFFRACTION' ? 
x_mcangle_it            ?     ? ? ? 'X-RAY DIFFRACTION' ? 
x_scbond_it             ?     ? ? ? 'X-RAY DIFFRACTION' ? 
x_scangle_it            ?     ? ? ? 'X-RAY DIFFRACTION' ? 
# 
_struct_ncs_oper.id             1 
_struct_ncs_oper.code           given 
_struct_ncs_oper.details        ? 
_struct_ncs_oper.matrix[1][1]   -0.99473436 
_struct_ncs_oper.matrix[1][2]   -0.10138146 
_struct_ncs_oper.matrix[1][3]   0.01343579 
_struct_ncs_oper.matrix[2][1]   -0.09197137 
_struct_ncs_oper.matrix[2][2]   0.82825543 
_struct_ncs_oper.matrix[2][3]   -0.55296435 
_struct_ncs_oper.matrix[3][1]   0.04485191 
_struct_ncs_oper.matrix[3][2]   -0.55115506 
_struct_ncs_oper.matrix[3][3]   -0.83321106 
_struct_ncs_oper.vector[1]      0.10168 
_struct_ncs_oper.vector[2]      0.14482 
_struct_ncs_oper.vector[3]      -0.27861 
# 
_struct.entry_id                  1SIV 
_struct.title                     
;THREE-DIMENSIONAL STRUCTURE OF A SIV PROTEASE(SLASH)INHIBITOR COMPLEX. IMPLICATIONS FOR THE DESIGN OF HIV-1 AND HIV-2 PROTEASE INHIBITORS
;
_struct.pdbx_model_details        ? 
_struct.pdbx_CASP_flag            ? 
_struct.pdbx_model_type_details   ? 
# 
_struct_keywords.entry_id        1SIV 
_struct_keywords.pdbx_keywords   'HYDROLASE/HYDROLASE INHIBITOR' 
_struct_keywords.text            'HYDROLASE-HYDROLASE INHIBITOR COMPLEX, ACID PROTEINASE' 
# 
loop_
_struct_asym.id 
_struct_asym.pdbx_blank_PDB_chainid_flag 
_struct_asym.pdbx_modified 
_struct_asym.entity_id 
_struct_asym.details 
A N N 1 ? 
B N N 1 ? 
C N N 2 ? 
D N N 3 ? 
E N N 3 ? 
# 
_struct_ref.id                         1 
_struct_ref.db_name                    UNP 
_struct_ref.db_code                    Q07387_SIVCZ 
_struct_ref.entity_id                  1 
_struct_ref.pdbx_db_accession          Q07387 
_struct_ref.pdbx_align_begin           1 
_struct_ref.pdbx_seq_one_letter_code   
;VLELWEGGTLCKAMQSPKKTGMLEMWKNGPCYGQMPRQTGGFFRPWSMGKEAPQFPHGSSASGADANCSPRGPSCGSAKE
LHAVGQAAERKQREALQGGDRGFAAPQFSLWRRPVVTAHIEGQPVEVLLDTGADDSIVTGIELGPHYTPKIVGGIGGFIN
TKEYKNVKIEVLGKRIKGTIMTGDTPINIFGRNLLTALGMSLNLPIAKVEPVKVTLKPGKVGPKLKQWPLSKEKIVALRE
ICEKMEKDGQLEEAPPTNPYNTPTFAIKKKDKNKWRMLIDFRELNRVTQDFTEVQLGIPHPAGLAKRKRITVLDIGDAYF
SIPLDEEFRQYTAFTLPSVNNAEPGKRYIYKVLPQGWKGSPAIFQYTMRHVLEPFRKANPDVTLVQYMDDILIASDRTDL
EHDRVVLQLKELLNSIGFSTPEEKFQKDPPFQWMGYELWPTKWKLQKIELPQRETWTVNDIQKLVGVLNWAAQIYPGIKT
KHLCRLIRGKMTLTEEVQWTEMAEAEYEENKIILSQEQEGCYYQEGKPLEATVIKSQDNQWSYKIHQEDKILKVGKFAKI
KNTHTNGVRLLAHVIQKIGKEAIVIWGQVPKFHLPVERDVWEQWWTDYWQVTWIPEWDFISTPPLVRLVFNLVKDPIEGE
ETYYTDGSCNKQSKEGKAGYITDRGKDKVKVLEQTTNQQAELEAFLMALTDSGPKTNIIVDSQYVMGIITGCPTESESRL
VNQIIEEMIKKSEIYVAWVPAHKGIGGNQEIDHLVSQGIRQVLFLEKIEPAQEEHDKYHSNVKELVFKFGLPRIVARQIV
DTCDKCHQKGEAIHGQVNSDLGTWQMDCTHLEGKIVIVAVHVASGFIEAEVIPQETGRQTALFLLKLAGRWPITHLHTDN
GANFASQEVKMVAWWAGIEHTFGVPYNPQSQGVVEAMNHHLKNQIDRIREQANSVETIVLMAVHCMNFKRRGGIGDMTPA
ERLINMITTEQEIQFQQSKNSKFKNFRVYYREGRDQLWKGPGELLWKGEGAVILKVGTDIKVVPRRKAKIIKDYGGGKEV
DSSSHMEDTGEAREVA
;
_struct_ref.pdbx_db_isoform            ? 
# 
loop_
_struct_ref_seq.align_id 
_struct_ref_seq.ref_id 
_struct_ref_seq.pdbx_PDB_id_code 
_struct_ref_seq.pdbx_strand_id 
_struct_ref_seq.seq_align_beg 
_struct_ref_seq.pdbx_seq_align_beg_ins_code 
_struct_ref_seq.seq_align_end 
_struct_ref_seq.pdbx_seq_align_end_ins_code 
_struct_ref_seq.pdbx_db_accession 
_struct_ref_seq.db_align_beg 
_struct_ref_seq.pdbx_db_align_beg_ins_code 
_struct_ref_seq.db_align_end 
_struct_ref_seq.pdbx_db_align_end_ins_code 
_struct_ref_seq.pdbx_auth_seq_align_beg 
_struct_ref_seq.pdbx_auth_seq_align_end 
1 1 1SIV A 1 ? 99 ? Q07387 106 ? 204 ? 1 99 
2 1 1SIV B 1 ? 99 ? Q07387 106 ? 204 ? 1 99 
# 
_pdbx_struct_assembly.id                   1 
_pdbx_struct_assembly.details              author_and_software_defined_assembly 
_pdbx_struct_assembly.method_details       PISA 
_pdbx_struct_assembly.oligomeric_details   dimeric 
_pdbx_struct_assembly.oligomeric_count     2 
# 
loop_
_pdbx_struct_assembly_prop.biol_id 
_pdbx_struct_assembly_prop.type 
_pdbx_struct_assembly_prop.value 
_pdbx_struct_assembly_prop.details 
1 'ABSA (A^2)' 4700 ? 
1 MORE         -30  ? 
1 'SSA (A^2)'  9320 ? 
# 
_pdbx_struct_assembly_gen.assembly_id       1 
_pdbx_struct_assembly_gen.oper_expression   1 
_pdbx_struct_assembly_gen.asym_id_list      A,B,C,D,E 
# 
_pdbx_struct_oper_list.id                   1 
_pdbx_struct_oper_list.type                 'identity operation' 
_pdbx_struct_oper_list.name                 1_555 
_pdbx_struct_oper_list.symmetry_operation   x,y,z 
_pdbx_struct_oper_list.matrix[1][1]         1.0000000000 
_pdbx_struct_oper_list.matrix[1][2]         0.0000000000 
_pdbx_struct_oper_list.matrix[1][3]         0.0000000000 
_pdbx_struct_oper_list.vector[1]            0.0000000000 
_pdbx_struct_oper_list.matrix[2][1]         0.0000000000 
_pdbx_struct_oper_list.matrix[2][2]         1.0000000000 
_pdbx_struct_oper_list.matrix[2][3]         0.0000000000 
_pdbx_struct_oper_list.vector[2]            0.0000000000 
_pdbx_struct_oper_list.matrix[3][1]         0.0000000000 
_pdbx_struct_oper_list.matrix[3][2]         0.0000000000 
_pdbx_struct_oper_list.matrix[3][3]         1.0000000000 
_pdbx_struct_oper_list.vector[3]            0.0000000000 
# 
_struct_biol.id                    1 
_struct_biol.details               
;THE TRANSFORMATION PRESENTED ON *MTRIX* RECORDS BELOW WILL
YIELD APPROXIMATE COORDINATES FOR CHAIN *A* WHEN APPLIED TO
CHAIN *B*.
;
_struct_biol.pdbx_parent_biol_id   ? 
# 
loop_
_struct_conf.conf_type_id 
_struct_conf.id 
_struct_conf.pdbx_PDB_helix_id 
_struct_conf.beg_label_comp_id 
_struct_conf.beg_label_asym_id 
_struct_conf.beg_label_seq_id 
_struct_conf.pdbx_beg_PDB_ins_code 
_struct_conf.end_label_comp_id 
_struct_conf.end_label_asym_id 
_struct_conf.end_label_seq_id 
_struct_conf.pdbx_end_PDB_ins_code 
_struct_conf.beg_auth_comp_id 
_struct_conf.beg_auth_asym_id 
_struct_conf.beg_auth_seq_id 
_struct_conf.end_auth_comp_id 
_struct_conf.end_auth_asym_id 
_struct_conf.end_auth_seq_id 
_struct_conf.pdbx_PDB_helix_class 
_struct_conf.details 
_struct_conf.pdbx_PDB_helix_length 
HELX_P HELX_P1 HA GLY A 86 ? GLY A 94 ? GLY A 86 GLY A 94 1 ? 9 
HELX_P HELX_P2 HB GLY B 86 ? GLY B 94 ? GLY B 86 GLY B 94 1 ? 9 
# 
_struct_conf_type.id          HELX_P 
_struct_conf_type.criteria    ? 
_struct_conf_type.reference   ? 
# 
loop_
_struct_sheet.id 
_struct_sheet.type 
_struct_sheet.number_strands 
_struct_sheet.details 
1 ? 8 ? 
2 ? 8 ? 
3 ? 4 ? 
# 
loop_
_struct_sheet_order.sheet_id 
_struct_sheet_order.range_id_1 
_struct_sheet_order.range_id_2 
_struct_sheet_order.offset 
_struct_sheet_order.sense 
1 1 2 ? anti-parallel 
1 2 3 ? anti-parallel 
1 3 4 ? parallel      
1 4 5 ? anti-parallel 
1 5 6 ? parallel      
1 6 7 ? anti-parallel 
1 7 8 ? anti-parallel 
2 1 2 ? anti-parallel 
2 2 3 ? anti-parallel 
2 3 4 ? parallel      
2 4 5 ? anti-parallel 
2 5 6 ? parallel      
2 6 7 ? anti-parallel 
2 7 8 ? anti-parallel 
3 1 2 ? anti-parallel 
3 2 3 ? anti-parallel 
3 3 4 ? anti-parallel 
# 
loop_
_struct_sheet_range.sheet_id 
_struct_sheet_range.id 
_struct_sheet_range.beg_label_comp_id 
_struct_sheet_range.beg_label_asym_id 
_struct_sheet_range.beg_label_seq_id 
_struct_sheet_range.pdbx_beg_PDB_ins_code 
_struct_sheet_range.end_label_comp_id 
_struct_sheet_range.end_label_asym_id 
_struct_sheet_range.end_label_seq_id 
_struct_sheet_range.pdbx_end_PDB_ins_code 
_struct_sheet_range.beg_auth_comp_id 
_struct_sheet_range.beg_auth_asym_id 
_struct_sheet_range.beg_auth_seq_id 
_struct_sheet_range.end_auth_comp_id 
_struct_sheet_range.end_auth_asym_id 
_struct_sheet_range.end_auth_seq_id 
1 1 THR A 43 ? GLY A 49 ? THR A 43 GLY A 49 
1 2 GLY A 52 ? VAL A 66 ? GLY A 52 VAL A 66 
1 3 LYS A 69 ? GLY A 78 ? LYS A 69 GLY A 78 
1 4 SER A 31 ? THR A 34 ? SER A 31 THR A 34 
1 5 ASN A 83 ? PHE A 85 ? ASN A 83 PHE A 85 
1 6 GLN A 18 ? ASP A 25 ? GLN A 18 ASP A 25 
1 7 PRO A 9  ? ILE A 15 ? PRO A 9  ILE A 15 
1 8 GLU A 65 ? VAL A 66 ? GLU A 65 VAL A 66 
2 1 THR B 43 ? GLY B 49 ? THR B 43 GLY B 49 
2 2 GLY B 52 ? VAL B 66 ? GLY B 52 VAL B 66 
2 3 LYS B 69 ? GLY B 78 ? LYS B 69 GLY B 78 
2 4 SER B 31 ? THR B 34 ? SER B 31 THR B 34 
2 5 ASN B 83 ? PHE B 85 ? ASN B 83 PHE B 85 
2 6 GLN B 18 ? ASP B 25 ? GLN B 18 ASP B 25 
2 7 PRO B 9  ? ILE B 15 ? PRO B 9  ILE B 15 
2 8 GLU B 65 ? VAL B 66 ? GLU B 65 VAL B 66 
3 1 PRO A 1  ? SER A 4  ? PRO A 1  SER A 4  
3 2 SER B 96 ? LEU B 99 ? SER B 96 LEU B 99 
3 3 SER A 96 ? LEU A 99 ? SER A 96 LEU A 99 
3 4 PRO B 1  ? SER B 4  ? PRO B 1  SER B 4  
# 
_struct_site.id                   AC1 
_struct_site.pdbx_evidence_code   Software 
_struct_site.pdbx_auth_asym_id    B 
_struct_site.pdbx_auth_comp_id    PSI 
_struct_site.pdbx_auth_seq_id     100 
_struct_site.pdbx_auth_ins_code   ? 
_struct_site.pdbx_num_residues    19 
_struct_site.details              'BINDING SITE FOR RESIDUE PSI B 100' 
# 
loop_
_struct_site_gen.id 
_struct_site_gen.site_id 
_struct_site_gen.pdbx_num_res 
_struct_site_gen.label_comp_id 
_struct_site_gen.label_asym_id 
_struct_site_gen.label_seq_id 
_struct_site_gen.pdbx_auth_ins_code 
_struct_site_gen.auth_comp_id 
_struct_site_gen.auth_asym_id 
_struct_site_gen.auth_seq_id 
_struct_site_gen.label_atom_id 
_struct_site_gen.label_alt_id 
_struct_site_gen.symmetry 
_struct_site_gen.details 
1  AC1 19 ASP A 25 ? ASP A 25  . ? 1_555 ? 
2  AC1 19 GLY A 27 ? GLY A 27  . ? 1_555 ? 
3  AC1 19 ALA A 28 ? ALA A 28  . ? 1_555 ? 
4  AC1 19 ASP A 29 ? ASP A 29  . ? 1_555 ? 
5  AC1 19 ASP A 30 ? ASP A 30  . ? 1_555 ? 
6  AC1 19 VAL A 47 ? VAL A 47  . ? 1_555 ? 
7  AC1 19 GLY A 48 ? GLY A 48  . ? 1_555 ? 
8  AC1 19 GLY A 49 ? GLY A 49  . ? 1_555 ? 
9  AC1 19 PRO A 81 ? PRO A 81  . ? 1_555 ? 
10 AC1 19 ILE A 82 ? ILE A 82  . ? 1_555 ? 
11 AC1 19 ASP B 25 ? ASP B 25  . ? 1_555 ? 
12 AC1 19 GLY B 27 ? GLY B 27  . ? 1_555 ? 
13 AC1 19 ALA B 28 ? ALA B 28  . ? 1_555 ? 
14 AC1 19 ASP B 29 ? ASP B 29  . ? 1_555 ? 
15 AC1 19 ASP B 30 ? ASP B 30  . ? 1_555 ? 
16 AC1 19 ILE B 32 ? ILE B 32  . ? 1_555 ? 
17 AC1 19 GLY B 48 ? GLY B 48  . ? 1_555 ? 
18 AC1 19 GLY B 49 ? GLY B 49  . ? 1_555 ? 
19 AC1 19 HOH E .  ? HOH B 500 . ? 1_555 ? 
# 
loop_
_pdbx_validate_rmsd_bond.id 
_pdbx_validate_rmsd_bond.PDB_model_num 
_pdbx_validate_rmsd_bond.auth_atom_id_1 
_pdbx_validate_rmsd_bond.auth_asym_id_1 
_pdbx_validate_rmsd_bond.auth_comp_id_1 
_pdbx_validate_rmsd_bond.auth_seq_id_1 
_pdbx_validate_rmsd_bond.PDB_ins_code_1 
_pdbx_validate_rmsd_bond.label_alt_id_1 
_pdbx_validate_rmsd_bond.auth_atom_id_2 
_pdbx_validate_rmsd_bond.auth_asym_id_2 
_pdbx_validate_rmsd_bond.auth_comp_id_2 
_pdbx_validate_rmsd_bond.auth_seq_id_2 
_pdbx_validate_rmsd_bond.PDB_ins_code_2 
_pdbx_validate_rmsd_bond.label_alt_id_2 
_pdbx_validate_rmsd_bond.bond_value 
_pdbx_validate_rmsd_bond.bond_target_value 
_pdbx_validate_rmsd_bond.bond_deviation 
_pdbx_validate_rmsd_bond.bond_standard_deviation 
_pdbx_validate_rmsd_bond.linker_flag 
1 1 NE2 A HIS 41 ? ? CD2 A HIS 41 ? ? 1.286 1.373 -0.087 0.011 N 
2 1 NE2 B HIS 14 ? ? CD2 B HIS 14 ? ? 1.299 1.373 -0.074 0.011 N 
# 
loop_
_pdbx_validate_rmsd_angle.id 
_pdbx_validate_rmsd_angle.PDB_model_num 
_pdbx_validate_rmsd_angle.auth_atom_id_1 
_pdbx_validate_rmsd_angle.auth_asym_id_1 
_pdbx_validate_rmsd_angle.auth_comp_id_1 
_pdbx_validate_rmsd_angle.auth_seq_id_1 
_pdbx_validate_rmsd_angle.PDB_ins_code_1 
_pdbx_validate_rmsd_angle.label_alt_id_1 
_pdbx_validate_rmsd_angle.auth_atom_id_2 
_pdbx_validate_rmsd_angle.auth_asym_id_2 
_pdbx_validate_rmsd_angle.auth_comp_id_2 
_pdbx_validate_rmsd_angle.auth_seq_id_2 
_pdbx_validate_rmsd_angle.PDB_ins_code_2 
_pdbx_validate_rmsd_angle.label_alt_id_2 
_pdbx_validate_rmsd_angle.auth_atom_id_3 
_pdbx_validate_rmsd_angle.auth_asym_id_3 
_pdbx_validate_rmsd_angle.auth_comp_id_3 
_pdbx_validate_rmsd_angle.auth_seq_id_3 
_pdbx_validate_rmsd_angle.PDB_ins_code_3 
_pdbx_validate_rmsd_angle.label_alt_id_3 
_pdbx_validate_rmsd_angle.angle_value 
_pdbx_validate_rmsd_angle.angle_target_value 
_pdbx_validate_rmsd_angle.angle_deviation 
_pdbx_validate_rmsd_angle.angle_standard_deviation 
_pdbx_validate_rmsd_angle.linker_flag 
1  1 CD1 A TRP 6  ? ? CG  A TRP 6  ? ? CD2 A TRP 6  ? ? 112.61 106.30 6.31   0.80 N 
2  1 CE2 A TRP 6  ? ? CD2 A TRP 6  ? ? CG  A TRP 6  ? ? 101.31 107.30 -5.99  0.80 N 
3  1 CA  A ILE 46 ? ? CB  A ILE 46 ? ? CG2 A ILE 46 ? ? 122.93 110.90 12.03  2.00 N 
4  1 CB  A VAL 66 ? ? CA  A VAL 66 ? ? C   A VAL 66 ? ? 96.43  111.40 -14.97 1.90 N 
5  1 CA  A LEU 67 ? ? CB  A LEU 67 ? ? CG  A LEU 67 ? ? 131.17 115.30 15.87  2.30 N 
6  1 NE  A ARG 70 ? ? CZ  A ARG 70 ? ? NH2 A ARG 70 ? ? 117.19 120.30 -3.11  0.50 N 
7  1 O   B SER 4  ? ? C   B SER 4  ? ? N   B LEU 5  ? ? 112.84 122.70 -9.86  1.60 Y 
8  1 CD1 B TRP 6  ? ? CG  B TRP 6  ? ? CD2 B TRP 6  ? ? 113.17 106.30 6.87   0.80 N 
9  1 CE2 B TRP 6  ? ? CD2 B TRP 6  ? ? CG  B TRP 6  ? ? 101.40 107.30 -5.90  0.80 N 
10 1 CA  B THR 34 ? ? CB  B THR 34 ? ? CG2 B THR 34 ? ? 124.56 112.40 12.16  1.40 N 
11 1 CA  B GLY 39 ? ? C   B GLY 39 ? ? O   B GLY 39 ? ? 103.83 120.60 -16.77 1.80 N 
12 1 C   B GLY 39 ? ? N   B PRO 40 ? ? CA  B PRO 40 ? ? 133.19 119.30 13.89  1.50 Y 
13 1 CA  B PRO 40 ? ? N   B PRO 40 ? ? CD  B PRO 40 ? ? 102.62 111.70 -9.08  1.40 N 
14 1 N   B THR 56 ? ? CA  B THR 56 ? ? CB  B THR 56 ? ? 98.03  110.30 -12.27 1.90 N 
15 1 N   B ILE 71 ? ? CA  B ILE 71 ? ? CB  B ILE 71 ? ? 96.97  110.80 -13.83 2.30 N 
16 1 CB  B ILE 75 ? ? CG1 B ILE 75 ? ? CD1 B ILE 75 ? ? 96.25  113.90 -17.65 2.80 N 
# 
loop_
_pdbx_validate_torsion.id 
_pdbx_validate_torsion.PDB_model_num 
_pdbx_validate_torsion.auth_comp_id 
_pdbx_validate_torsion.auth_asym_id 
_pdbx_validate_torsion.auth_seq_id 
_pdbx_validate_torsion.PDB_ins_code 
_pdbx_validate_torsion.label_alt_id 
_pdbx_validate_torsion.phi 
_pdbx_validate_torsion.psi 
1 1 LEU A 67 ? ? 34.85  43.94 
2 1 ASP A 79 ? ? -43.92 67.01 
3 1 PRO B 40 ? ? -36.09 22.95 
# 
_pdbx_molecule_features.prd_id    PRD_000320 
_pdbx_molecule_features.name      'Ala-Ala-Phe.psi.[CH(OH)CH2]Gly-Val-Val-OCH3' 
_pdbx_molecule_features.type      Peptide-like 
_pdbx_molecule_features.class     'Enzyme inhibitor' 
_pdbx_molecule_features.details   ? 
# 
_pdbx_molecule.instance_id   1 
_pdbx_molecule.prd_id        PRD_000320 
_pdbx_molecule.asym_id       C 
# 
_pdbx_entry_details.entry_id                 1SIV 
_pdbx_entry_details.compound_details         ? 
_pdbx_entry_details.source_details           ? 
_pdbx_entry_details.nonpolymer_details       
;THE SCISSILE BOND IN THE INHIBITOR PSI IS REPLACED BY A
HYDROXYETHYLENE ISOSTERE (CHOH-CH2)
;
_pdbx_entry_details.sequence_details         
;THE SIV(MAC) SEQUENCE IS THAT OF KORNFIELD,H.,RIEDEL,N.,
VIGLIANTI,G.A. AND MULLINS, J.I., (1987) (NATURE 326, 610).
;
_pdbx_entry_details.has_ligand_of_interest   ? 
# 
loop_
_chem_comp_atom.comp_id 
_chem_comp_atom.atom_id 
_chem_comp_atom.type_symbol 
_chem_comp_atom.pdbx_aromatic_flag 
_chem_comp_atom.pdbx_stereo_config 
_chem_comp_atom.pdbx_ordinal 
ALA N    N N N 1   
ALA CA   C N S 2   
ALA C    C N N 3   
ALA O    O N N 4   
ALA CB   C N N 5   
ALA OXT  O N N 6   
ALA H    H N N 7   
ALA H2   H N N 8   
ALA HA   H N N 9   
ALA HB1  H N N 10  
ALA HB2  H N N 11  
ALA HB3  H N N 12  
ALA HXT  H N N 13  
ARG N    N N N 14  
ARG CA   C N S 15  
ARG C    C N N 16  
ARG O    O N N 17  
ARG CB   C N N 18  
ARG CG   C N N 19  
ARG CD   C N N 20  
ARG NE   N N N 21  
ARG CZ   C N N 22  
ARG NH1  N N N 23  
ARG NH2  N N N 24  
ARG OXT  O N N 25  
ARG H    H N N 26  
ARG H2   H N N 27  
ARG HA   H N N 28  
ARG HB2  H N N 29  
ARG HB3  H N N 30  
ARG HG2  H N N 31  
ARG HG3  H N N 32  
ARG HD2  H N N 33  
ARG HD3  H N N 34  
ARG HE   H N N 35  
ARG HH11 H N N 36  
ARG HH12 H N N 37  
ARG HH21 H N N 38  
ARG HH22 H N N 39  
ARG HXT  H N N 40  
ASN N    N N N 41  
ASN CA   C N S 42  
ASN C    C N N 43  
ASN O    O N N 44  
ASN CB   C N N 45  
ASN CG   C N N 46  
ASN OD1  O N N 47  
ASN ND2  N N N 48  
ASN OXT  O N N 49  
ASN H    H N N 50  
ASN H2   H N N 51  
ASN HA   H N N 52  
ASN HB2  H N N 53  
ASN HB3  H N N 54  
ASN HD21 H N N 55  
ASN HD22 H N N 56  
ASN HXT  H N N 57  
ASP N    N N N 58  
ASP CA   C N S 59  
ASP C    C N N 60  
ASP O    O N N 61  
ASP CB   C N N 62  
ASP CG   C N N 63  
ASP OD1  O N N 64  
ASP OD2  O N N 65  
ASP OXT  O N N 66  
ASP H    H N N 67  
ASP H2   H N N 68  
ASP HA   H N N 69  
ASP HB2  H N N 70  
ASP HB3  H N N 71  
ASP HD2  H N N 72  
ASP HXT  H N N 73  
GLN N    N N N 74  
GLN CA   C N S 75  
GLN C    C N N 76  
GLN O    O N N 77  
GLN CB   C N N 78  
GLN CG   C N N 79  
GLN CD   C N N 80  
GLN OE1  O N N 81  
GLN NE2  N N N 82  
GLN OXT  O N N 83  
GLN H    H N N 84  
GLN H2   H N N 85  
GLN HA   H N N 86  
GLN HB2  H N N 87  
GLN HB3  H N N 88  
GLN HG2  H N N 89  
GLN HG3  H N N 90  
GLN HE21 H N N 91  
GLN HE22 H N N 92  
GLN HXT  H N N 93  
GLU N    N N N 94  
GLU CA   C N S 95  
GLU C    C N N 96  
GLU O    O N N 97  
GLU CB   C N N 98  
GLU CG   C N N 99  
GLU CD   C N N 100 
GLU OE1  O N N 101 
GLU OE2  O N N 102 
GLU OXT  O N N 103 
GLU H    H N N 104 
GLU H2   H N N 105 
GLU HA   H N N 106 
GLU HB2  H N N 107 
GLU HB3  H N N 108 
GLU HG2  H N N 109 
GLU HG3  H N N 110 
GLU HE2  H N N 111 
GLU HXT  H N N 112 
GLY N    N N N 113 
GLY CA   C N N 114 
GLY C    C N N 115 
GLY O    O N N 116 
GLY OXT  O N N 117 
GLY H    H N N 118 
GLY H2   H N N 119 
GLY HA2  H N N 120 
GLY HA3  H N N 121 
GLY HXT  H N N 122 
HIS N    N N N 123 
HIS CA   C N S 124 
HIS C    C N N 125 
HIS O    O N N 126 
HIS CB   C N N 127 
HIS CG   C Y N 128 
HIS ND1  N Y N 129 
HIS CD2  C Y N 130 
HIS CE1  C Y N 131 
HIS NE2  N Y N 132 
HIS OXT  O N N 133 
HIS H    H N N 134 
HIS H2   H N N 135 
HIS HA   H N N 136 
HIS HB2  H N N 137 
HIS HB3  H N N 138 
HIS HD1  H N N 139 
HIS HD2  H N N 140 
HIS HE1  H N N 141 
HIS HE2  H N N 142 
HIS HXT  H N N 143 
HOH O    O N N 144 
HOH H1   H N N 145 
HOH H2   H N N 146 
ILE N    N N N 147 
ILE CA   C N S 148 
ILE C    C N N 149 
ILE O    O N N 150 
ILE CB   C N S 151 
ILE CG1  C N N 152 
ILE CG2  C N N 153 
ILE CD1  C N N 154 
ILE OXT  O N N 155 
ILE H    H N N 156 
ILE H2   H N N 157 
ILE HA   H N N 158 
ILE HB   H N N 159 
ILE HG12 H N N 160 
ILE HG13 H N N 161 
ILE HG21 H N N 162 
ILE HG22 H N N 163 
ILE HG23 H N N 164 
ILE HD11 H N N 165 
ILE HD12 H N N 166 
ILE HD13 H N N 167 
ILE HXT  H N N 168 
LEU N    N N N 169 
LEU CA   C N S 170 
LEU C    C N N 171 
LEU O    O N N 172 
LEU CB   C N N 173 
LEU CG   C N N 174 
LEU CD1  C N N 175 
LEU CD2  C N N 176 
LEU OXT  O N N 177 
LEU H    H N N 178 
LEU H2   H N N 179 
LEU HA   H N N 180 
LEU HB2  H N N 181 
LEU HB3  H N N 182 
LEU HG   H N N 183 
LEU HD11 H N N 184 
LEU HD12 H N N 185 
LEU HD13 H N N 186 
LEU HD21 H N N 187 
LEU HD22 H N N 188 
LEU HD23 H N N 189 
LEU HXT  H N N 190 
LYS N    N N N 191 
LYS CA   C N S 192 
LYS C    C N N 193 
LYS O    O N N 194 
LYS CB   C N N 195 
LYS CG   C N N 196 
LYS CD   C N N 197 
LYS CE   C N N 198 
LYS NZ   N N N 199 
LYS OXT  O N N 200 
LYS H    H N N 201 
LYS H2   H N N 202 
LYS HA   H N N 203 
LYS HB2  H N N 204 
LYS HB3  H N N 205 
LYS HG2  H N N 206 
LYS HG3  H N N 207 
LYS HD2  H N N 208 
LYS HD3  H N N 209 
LYS HE2  H N N 210 
LYS HE3  H N N 211 
LYS HZ1  H N N 212 
LYS HZ2  H N N 213 
LYS HZ3  H N N 214 
LYS HXT  H N N 215 
MET N    N N N 216 
MET CA   C N S 217 
MET C    C N N 218 
MET O    O N N 219 
MET CB   C N N 220 
MET CG   C N N 221 
MET SD   S N N 222 
MET CE   C N N 223 
MET OXT  O N N 224 
MET H    H N N 225 
MET H2   H N N 226 
MET HA   H N N 227 
MET HB2  H N N 228 
MET HB3  H N N 229 
MET HG2  H N N 230 
MET HG3  H N N 231 
MET HE1  H N N 232 
MET HE2  H N N 233 
MET HE3  H N N 234 
MET HXT  H N N 235 
PHE N    N N N 236 
PHE CA   C N S 237 
PHE C    C N N 238 
PHE O    O N N 239 
PHE CB   C N N 240 
PHE CG   C Y N 241 
PHE CD1  C Y N 242 
PHE CD2  C Y N 243 
PHE CE1  C Y N 244 
PHE CE2  C Y N 245 
PHE CZ   C Y N 246 
PHE OXT  O N N 247 
PHE H    H N N 248 
PHE H2   H N N 249 
PHE HA   H N N 250 
PHE HB2  H N N 251 
PHE HB3  H N N 252 
PHE HD1  H N N 253 
PHE HD2  H N N 254 
PHE HE1  H N N 255 
PHE HE2  H N N 256 
PHE HZ   H N N 257 
PHE HXT  H N N 258 
PRO N    N N N 259 
PRO CA   C N S 260 
PRO C    C N N 261 
PRO O    O N N 262 
PRO CB   C N N 263 
PRO CG   C N N 264 
PRO CD   C N N 265 
PRO OXT  O N N 266 
PRO H    H N N 267 
PRO HA   H N N 268 
PRO HB2  H N N 269 
PRO HB3  H N N 270 
PRO HG2  H N N 271 
PRO HG3  H N N 272 
PRO HD2  H N N 273 
PRO HD3  H N N 274 
PRO HXT  H N N 275 
PSI N    N N N 276 
PSI CA   C N S 277 
PSI C    C N N 278 
PSI O    O N N 279 
PSI CB   C N N 280 
PSI N1   N N N 281 
PSI CA1  C N S 282 
PSI C1   C N N 283 
PSI O1   O N N 284 
PSI CB1  C N N 285 
PSI C3   C N N 286 
PSI O2   O N N 287 
PSI CA3  C N N 288 
PSI CM   C N N 289 
PSI C2   C N S 290 
PSI OS   O N N 291 
PSI CA2  C N S 292 
PSI N2   N N N 293 
PSI CB2  C N N 294 
PSI CG   C Y N 295 
PSI CD1  C Y N 296 
PSI CD2  C Y N 297 
PSI CE1  C Y N 298 
PSI CE2  C Y N 299 
PSI CZ   C Y N 300 
PSI N4   N N N 301 
PSI CA4  C N S 302 
PSI C4   C N N 303 
PSI O3   O N N 304 
PSI CB3  C N N 305 
PSI CG1  C N N 306 
PSI CG2  C N N 307 
PSI N5   N N N 308 
PSI CA5  C N S 309 
PSI C5   C N N 310 
PSI O4   O N N 311 
PSI CB4  C N N 312 
PSI CG11 C N N 313 
PSI CG21 C N N 314 
PSI C6   C N N 315 
PSI O5   O N N 316 
PSI H    H N N 317 
PSI H2   H N N 318 
PSI HA   H N N 319 
PSI HB1  H N N 320 
PSI HB2  H N N 321 
PSI HB3  H N N 322 
PSI H1   H N N 323 
PSI HA1  H N N 324 
PSI HB11 H N N 325 
PSI HB21 H N N 326 
PSI HB31 H N N 327 
PSI HA3  H N N 328 
PSI HM2  H N N 329 
PSI HA2  H N N 330 
PSI H3   H N N 331 
PSI HB12 H N N 332 
PSI HB22 H N N 333 
PSI HD1  H N N 334 
PSI HD2  H N N 335 
PSI HE1  H N N 336 
PSI HE2  H N N 337 
PSI HZ   H N N 338 
PSI HC   H N N 339 
PSI HOS  H N N 340 
PSI HM3  H N N 341 
PSI HA31 H N N 342 
PSI H5   H N N 343 
PSI HA4  H N N 344 
PSI HB   H N N 345 
PSI HG11 H N N 346 
PSI HG12 H N N 347 
PSI HG13 H N N 348 
PSI HG21 H N N 349 
PSI HG22 H N N 350 
PSI HG23 H N N 351 
PSI H6   H N N 352 
PSI HA5  H N N 353 
PSI HB4  H N N 354 
PSI HG14 H N N 355 
PSI HG15 H N N 356 
PSI HG16 H N N 357 
PSI HG24 H N N 358 
PSI HG25 H N N 359 
PSI HG26 H N N 360 
PSI H22  H N N 361 
PSI H31  H N N 362 
PSI H7   H N N 363 
SER N    N N N 364 
SER CA   C N S 365 
SER C    C N N 366 
SER O    O N N 367 
SER CB   C N N 368 
SER OG   O N N 369 
SER OXT  O N N 370 
SER H    H N N 371 
SER H2   H N N 372 
SER HA   H N N 373 
SER HB2  H N N 374 
SER HB3  H N N 375 
SER HG   H N N 376 
SER HXT  H N N 377 
THR N    N N N 378 
THR CA   C N S 379 
THR C    C N N 380 
THR O    O N N 381 
THR CB   C N R 382 
THR OG1  O N N 383 
THR CG2  C N N 384 
THR OXT  O N N 385 
THR H    H N N 386 
THR H2   H N N 387 
THR HA   H N N 388 
THR HB   H N N 389 
THR HG1  H N N 390 
THR HG21 H N N 391 
THR HG22 H N N 392 
THR HG23 H N N 393 
THR HXT  H N N 394 
TRP N    N N N 395 
TRP CA   C N S 396 
TRP C    C N N 397 
TRP O    O N N 398 
TRP CB   C N N 399 
TRP CG   C Y N 400 
TRP CD1  C Y N 401 
TRP CD2  C Y N 402 
TRP NE1  N Y N 403 
TRP CE2  C Y N 404 
TRP CE3  C Y N 405 
TRP CZ2  C Y N 406 
TRP CZ3  C Y N 407 
TRP CH2  C Y N 408 
TRP OXT  O N N 409 
TRP H    H N N 410 
TRP H2   H N N 411 
TRP HA   H N N 412 
TRP HB2  H N N 413 
TRP HB3  H N N 414 
TRP HD1  H N N 415 
TRP HE1  H N N 416 
TRP HE3  H N N 417 
TRP HZ2  H N N 418 
TRP HZ3  H N N 419 
TRP HH2  H N N 420 
TRP HXT  H N N 421 
TYR N    N N N 422 
TYR CA   C N S 423 
TYR C    C N N 424 
TYR O    O N N 425 
TYR CB   C N N 426 
TYR CG   C Y N 427 
TYR CD1  C Y N 428 
TYR CD2  C Y N 429 
TYR CE1  C Y N 430 
TYR CE2  C Y N 431 
TYR CZ   C Y N 432 
TYR OH   O N N 433 
TYR OXT  O N N 434 
TYR H    H N N 435 
TYR H2   H N N 436 
TYR HA   H N N 437 
TYR HB2  H N N 438 
TYR HB3  H N N 439 
TYR HD1  H N N 440 
TYR HD2  H N N 441 
TYR HE1  H N N 442 
TYR HE2  H N N 443 
TYR HH   H N N 444 
TYR HXT  H N N 445 
VAL N    N N N 446 
VAL CA   C N S 447 
VAL C    C N N 448 
VAL O    O N N 449 
VAL CB   C N N 450 
VAL CG1  C N N 451 
VAL CG2  C N N 452 
VAL OXT  O N N 453 
VAL H    H N N 454 
VAL H2   H N N 455 
VAL HA   H N N 456 
VAL HB   H N N 457 
VAL HG11 H N N 458 
VAL HG12 H N N 459 
VAL HG13 H N N 460 
VAL HG21 H N N 461 
VAL HG22 H N N 462 
VAL HG23 H N N 463 
VAL HXT  H N N 464 
# 
loop_
_chem_comp_bond.comp_id 
_chem_comp_bond.atom_id_1 
_chem_comp_bond.atom_id_2 
_chem_comp_bond.value_order 
_chem_comp_bond.pdbx_aromatic_flag 
_chem_comp_bond.pdbx_stereo_config 
_chem_comp_bond.pdbx_ordinal 
ALA N    CA   sing N N 1   
ALA N    H    sing N N 2   
ALA N    H2   sing N N 3   
ALA CA   C    sing N N 4   
ALA CA   CB   sing N N 5   
ALA CA   HA   sing N N 6   
ALA C    O    doub N N 7   
ALA C    OXT  sing N N 8   
ALA CB   HB1  sing N N 9   
ALA CB   HB2  sing N N 10  
ALA CB   HB3  sing N N 11  
ALA OXT  HXT  sing N N 12  
ARG N    CA   sing N N 13  
ARG N    H    sing N N 14  
ARG N    H2   sing N N 15  
ARG CA   C    sing N N 16  
ARG CA   CB   sing N N 17  
ARG CA   HA   sing N N 18  
ARG C    O    doub N N 19  
ARG C    OXT  sing N N 20  
ARG CB   CG   sing N N 21  
ARG CB   HB2  sing N N 22  
ARG CB   HB3  sing N N 23  
ARG CG   CD   sing N N 24  
ARG CG   HG2  sing N N 25  
ARG CG   HG3  sing N N 26  
ARG CD   NE   sing N N 27  
ARG CD   HD2  sing N N 28  
ARG CD   HD3  sing N N 29  
ARG NE   CZ   sing N N 30  
ARG NE   HE   sing N N 31  
ARG CZ   NH1  sing N N 32  
ARG CZ   NH2  doub N N 33  
ARG NH1  HH11 sing N N 34  
ARG NH1  HH12 sing N N 35  
ARG NH2  HH21 sing N N 36  
ARG NH2  HH22 sing N N 37  
ARG OXT  HXT  sing N N 38  
ASN N    CA   sing N N 39  
ASN N    H    sing N N 40  
ASN N    H2   sing N N 41  
ASN CA   C    sing N N 42  
ASN CA   CB   sing N N 43  
ASN CA   HA   sing N N 44  
ASN C    O    doub N N 45  
ASN C    OXT  sing N N 46  
ASN CB   CG   sing N N 47  
ASN CB   HB2  sing N N 48  
ASN CB   HB3  sing N N 49  
ASN CG   OD1  doub N N 50  
ASN CG   ND2  sing N N 51  
ASN ND2  HD21 sing N N 52  
ASN ND2  HD22 sing N N 53  
ASN OXT  HXT  sing N N 54  
ASP N    CA   sing N N 55  
ASP N    H    sing N N 56  
ASP N    H2   sing N N 57  
ASP CA   C    sing N N 58  
ASP CA   CB   sing N N 59  
ASP CA   HA   sing N N 60  
ASP C    O    doub N N 61  
ASP C    OXT  sing N N 62  
ASP CB   CG   sing N N 63  
ASP CB   HB2  sing N N 64  
ASP CB   HB3  sing N N 65  
ASP CG   OD1  doub N N 66  
ASP CG   OD2  sing N N 67  
ASP OD2  HD2  sing N N 68  
ASP OXT  HXT  sing N N 69  
GLN N    CA   sing N N 70  
GLN N    H    sing N N 71  
GLN N    H2   sing N N 72  
GLN CA   C    sing N N 73  
GLN CA   CB   sing N N 74  
GLN CA   HA   sing N N 75  
GLN C    O    doub N N 76  
GLN C    OXT  sing N N 77  
GLN CB   CG   sing N N 78  
GLN CB   HB2  sing N N 79  
GLN CB   HB3  sing N N 80  
GLN CG   CD   sing N N 81  
GLN CG   HG2  sing N N 82  
GLN CG   HG3  sing N N 83  
GLN CD   OE1  doub N N 84  
GLN CD   NE2  sing N N 85  
GLN NE2  HE21 sing N N 86  
GLN NE2  HE22 sing N N 87  
GLN OXT  HXT  sing N N 88  
GLU N    CA   sing N N 89  
GLU N    H    sing N N 90  
GLU N    H2   sing N N 91  
GLU CA   C    sing N N 92  
GLU CA   CB   sing N N 93  
GLU CA   HA   sing N N 94  
GLU C    O    doub N N 95  
GLU C    OXT  sing N N 96  
GLU CB   CG   sing N N 97  
GLU CB   HB2  sing N N 98  
GLU CB   HB3  sing N N 99  
GLU CG   CD   sing N N 100 
GLU CG   HG2  sing N N 101 
GLU CG   HG3  sing N N 102 
GLU CD   OE1  doub N N 103 
GLU CD   OE2  sing N N 104 
GLU OE2  HE2  sing N N 105 
GLU OXT  HXT  sing N N 106 
GLY N    CA   sing N N 107 
GLY N    H    sing N N 108 
GLY N    H2   sing N N 109 
GLY CA   C    sing N N 110 
GLY CA   HA2  sing N N 111 
GLY CA   HA3  sing N N 112 
GLY C    O    doub N N 113 
GLY C    OXT  sing N N 114 
GLY OXT  HXT  sing N N 115 
HIS N    CA   sing N N 116 
HIS N    H    sing N N 117 
HIS N    H2   sing N N 118 
HIS CA   C    sing N N 119 
HIS CA   CB   sing N N 120 
HIS CA   HA   sing N N 121 
HIS C    O    doub N N 122 
HIS C    OXT  sing N N 123 
HIS CB   CG   sing N N 124 
HIS CB   HB2  sing N N 125 
HIS CB   HB3  sing N N 126 
HIS CG   ND1  sing Y N 127 
HIS CG   CD2  doub Y N 128 
HIS ND1  CE1  doub Y N 129 
HIS ND1  HD1  sing N N 130 
HIS CD2  NE2  sing Y N 131 
HIS CD2  HD2  sing N N 132 
HIS CE1  NE2  sing Y N 133 
HIS CE1  HE1  sing N N 134 
HIS NE2  HE2  sing N N 135 
HIS OXT  HXT  sing N N 136 
HOH O    H1   sing N N 137 
HOH O    H2   sing N N 138 
ILE N    CA   sing N N 139 
ILE N    H    sing N N 140 
ILE N    H2   sing N N 141 
ILE CA   C    sing N N 142 
ILE CA   CB   sing N N 143 
ILE CA   HA   sing N N 144 
ILE C    O    doub N N 145 
ILE C    OXT  sing N N 146 
ILE CB   CG1  sing N N 147 
ILE CB   CG2  sing N N 148 
ILE CB   HB   sing N N 149 
ILE CG1  CD1  sing N N 150 
ILE CG1  HG12 sing N N 151 
ILE CG1  HG13 sing N N 152 
ILE CG2  HG21 sing N N 153 
ILE CG2  HG22 sing N N 154 
ILE CG2  HG23 sing N N 155 
ILE CD1  HD11 sing N N 156 
ILE CD1  HD12 sing N N 157 
ILE CD1  HD13 sing N N 158 
ILE OXT  HXT  sing N N 159 
LEU N    CA   sing N N 160 
LEU N    H    sing N N 161 
LEU N    H2   sing N N 162 
LEU CA   C    sing N N 163 
LEU CA   CB   sing N N 164 
LEU CA   HA   sing N N 165 
LEU C    O    doub N N 166 
LEU C    OXT  sing N N 167 
LEU CB   CG   sing N N 168 
LEU CB   HB2  sing N N 169 
LEU CB   HB3  sing N N 170 
LEU CG   CD1  sing N N 171 
LEU CG   CD2  sing N N 172 
LEU CG   HG   sing N N 173 
LEU CD1  HD11 sing N N 174 
LEU CD1  HD12 sing N N 175 
LEU CD1  HD13 sing N N 176 
LEU CD2  HD21 sing N N 177 
LEU CD2  HD22 sing N N 178 
LEU CD2  HD23 sing N N 179 
LEU OXT  HXT  sing N N 180 
LYS N    CA   sing N N 181 
LYS N    H    sing N N 182 
LYS N    H2   sing N N 183 
LYS CA   C    sing N N 184 
LYS CA   CB   sing N N 185 
LYS CA   HA   sing N N 186 
LYS C    O    doub N N 187 
LYS C    OXT  sing N N 188 
LYS CB   CG   sing N N 189 
LYS CB   HB2  sing N N 190 
LYS CB   HB3  sing N N 191 
LYS CG   CD   sing N N 192 
LYS CG   HG2  sing N N 193 
LYS CG   HG3  sing N N 194 
LYS CD   CE   sing N N 195 
LYS CD   HD2  sing N N 196 
LYS CD   HD3  sing N N 197 
LYS CE   NZ   sing N N 198 
LYS CE   HE2  sing N N 199 
LYS CE   HE3  sing N N 200 
LYS NZ   HZ1  sing N N 201 
LYS NZ   HZ2  sing N N 202 
LYS NZ   HZ3  sing N N 203 
LYS OXT  HXT  sing N N 204 
MET N    CA   sing N N 205 
MET N    H    sing N N 206 
MET N    H2   sing N N 207 
MET CA   C    sing N N 208 
MET CA   CB   sing N N 209 
MET CA   HA   sing N N 210 
MET C    O    doub N N 211 
MET C    OXT  sing N N 212 
MET CB   CG   sing N N 213 
MET CB   HB2  sing N N 214 
MET CB   HB3  sing N N 215 
MET CG   SD   sing N N 216 
MET CG   HG2  sing N N 217 
MET CG   HG3  sing N N 218 
MET SD   CE   sing N N 219 
MET CE   HE1  sing N N 220 
MET CE   HE2  sing N N 221 
MET CE   HE3  sing N N 222 
MET OXT  HXT  sing N N 223 
PHE N    CA   sing N N 224 
PHE N    H    sing N N 225 
PHE N    H2   sing N N 226 
PHE CA   C    sing N N 227 
PHE CA   CB   sing N N 228 
PHE CA   HA   sing N N 229 
PHE C    O    doub N N 230 
PHE C    OXT  sing N N 231 
PHE CB   CG   sing N N 232 
PHE CB   HB2  sing N N 233 
PHE CB   HB3  sing N N 234 
PHE CG   CD1  doub Y N 235 
PHE CG   CD2  sing Y N 236 
PHE CD1  CE1  sing Y N 237 
PHE CD1  HD1  sing N N 238 
PHE CD2  CE2  doub Y N 239 
PHE CD2  HD2  sing N N 240 
PHE CE1  CZ   doub Y N 241 
PHE CE1  HE1  sing N N 242 
PHE CE2  CZ   sing Y N 243 
PHE CE2  HE2  sing N N 244 
PHE CZ   HZ   sing N N 245 
PHE OXT  HXT  sing N N 246 
PRO N    CA   sing N N 247 
PRO N    CD   sing N N 248 
PRO N    H    sing N N 249 
PRO CA   C    sing N N 250 
PRO CA   CB   sing N N 251 
PRO CA   HA   sing N N 252 
PRO C    O    doub N N 253 
PRO C    OXT  sing N N 254 
PRO CB   CG   sing N N 255 
PRO CB   HB2  sing N N 256 
PRO CB   HB3  sing N N 257 
PRO CG   CD   sing N N 258 
PRO CG   HG2  sing N N 259 
PRO CG   HG3  sing N N 260 
PRO CD   HD2  sing N N 261 
PRO CD   HD3  sing N N 262 
PRO OXT  HXT  sing N N 263 
PSI N    CA   sing N N 264 
PSI N    H    sing N N 265 
PSI N    H2   sing N N 266 
PSI CA   C    sing N N 267 
PSI CA   CB   sing N N 268 
PSI CA   HA   sing N N 269 
PSI C    O    doub N N 270 
PSI CB   HB1  sing N N 271 
PSI CB   HB2  sing N N 272 
PSI CB   HB3  sing N N 273 
PSI N1   CA1  sing N N 274 
PSI N1   H1   sing N N 275 
PSI CA1  C1   sing N N 276 
PSI CA1  CB1  sing N N 277 
PSI CA1  HA1  sing N N 278 
PSI C1   O1   doub N N 279 
PSI CB1  HB11 sing N N 280 
PSI CB1  HB21 sing N N 281 
PSI CB1  HB31 sing N N 282 
PSI N2   CA2  sing N N 283 
PSI N2   H3   sing N N 284 
PSI CA2  C2   sing N N 285 
PSI CA2  CB2  sing N N 286 
PSI CA2  HA2  sing N N 287 
PSI C2   OS   sing N N 288 
PSI C2   CM   sing N N 289 
PSI C2   HC   sing N N 290 
PSI OS   HOS  sing N N 291 
PSI CB2  CG   sing N N 292 
PSI CB2  HB12 sing N N 293 
PSI CB2  HB22 sing N N 294 
PSI CG   CD1  doub Y N 295 
PSI CG   CD2  sing Y N 296 
PSI CD1  CE1  sing Y N 297 
PSI CD1  HD1  sing N N 298 
PSI CD2  CE2  doub Y N 299 
PSI CD2  HD2  sing N N 300 
PSI CE1  CZ   doub Y N 301 
PSI CE1  HE1  sing N N 302 
PSI CE2  CZ   sing Y N 303 
PSI CE2  HE2  sing N N 304 
PSI CZ   HZ   sing N N 305 
PSI CM   HM2  sing N N 306 
PSI CM   HM3  sing N N 307 
PSI CA3  C3   sing N N 308 
PSI CA3  HA3  sing N N 309 
PSI C3   O2   doub N N 310 
PSI N4   CA4  sing N N 311 
PSI N4   H5   sing N N 312 
PSI CA4  C4   sing N N 313 
PSI CA4  CB3  sing N N 314 
PSI CA4  HA4  sing N N 315 
PSI C4   O3   doub N N 316 
PSI CB3  CG1  sing N N 317 
PSI CB3  CG2  sing N N 318 
PSI CB3  HB   sing N N 319 
PSI CG1  HG11 sing N N 320 
PSI CG1  HG12 sing N N 321 
PSI CG1  HG13 sing N N 322 
PSI CG2  HG21 sing N N 323 
PSI CG2  HG22 sing N N 324 
PSI CG2  HG23 sing N N 325 
PSI N5   CA5  sing N N 326 
PSI N5   H6   sing N N 327 
PSI CA5  C5   sing N N 328 
PSI CA5  CB4  sing N N 329 
PSI CA5  HA5  sing N N 330 
PSI C5   O4   doub N N 331 
PSI CB4  CG11 sing N N 332 
PSI CB4  CG21 sing N N 333 
PSI CB4  HB4  sing N N 334 
PSI CG11 HG14 sing N N 335 
PSI CG11 HG15 sing N N 336 
PSI CG11 HG16 sing N N 337 
PSI CG21 HG24 sing N N 338 
PSI CG21 HG25 sing N N 339 
PSI C6   O5   sing N N 340 
PSI C6   H22  sing N N 341 
PSI C6   H31  sing N N 342 
PSI C    N1   sing N N 343 
PSI C1   N2   sing N N 344 
PSI CM   CA3  sing N N 345 
PSI C3   N4   sing N N 346 
PSI C4   N5   sing N N 347 
PSI C5   O5   sing N N 348 
PSI CA3  HA31 sing N N 349 
PSI HG26 CG21 sing N N 350 
PSI H7   C6   sing N N 351 
SER N    CA   sing N N 352 
SER N    H    sing N N 353 
SER N    H2   sing N N 354 
SER CA   C    sing N N 355 
SER CA   CB   sing N N 356 
SER CA   HA   sing N N 357 
SER C    O    doub N N 358 
SER C    OXT  sing N N 359 
SER CB   OG   sing N N 360 
SER CB   HB2  sing N N 361 
SER CB   HB3  sing N N 362 
SER OG   HG   sing N N 363 
SER OXT  HXT  sing N N 364 
THR N    CA   sing N N 365 
THR N    H    sing N N 366 
THR N    H2   sing N N 367 
THR CA   C    sing N N 368 
THR CA   CB   sing N N 369 
THR CA   HA   sing N N 370 
THR C    O    doub N N 371 
THR C    OXT  sing N N 372 
THR CB   OG1  sing N N 373 
THR CB   CG2  sing N N 374 
THR CB   HB   sing N N 375 
THR OG1  HG1  sing N N 376 
THR CG2  HG21 sing N N 377 
THR CG2  HG22 sing N N 378 
THR CG2  HG23 sing N N 379 
THR OXT  HXT  sing N N 380 
TRP N    CA   sing N N 381 
TRP N    H    sing N N 382 
TRP N    H2   sing N N 383 
TRP CA   C    sing N N 384 
TRP CA   CB   sing N N 385 
TRP CA   HA   sing N N 386 
TRP C    O    doub N N 387 
TRP C    OXT  sing N N 388 
TRP CB   CG   sing N N 389 
TRP CB   HB2  sing N N 390 
TRP CB   HB3  sing N N 391 
TRP CG   CD1  doub Y N 392 
TRP CG   CD2  sing Y N 393 
TRP CD1  NE1  sing Y N 394 
TRP CD1  HD1  sing N N 395 
TRP CD2  CE2  doub Y N 396 
TRP CD2  CE3  sing Y N 397 
TRP NE1  CE2  sing Y N 398 
TRP NE1  HE1  sing N N 399 
TRP CE2  CZ2  sing Y N 400 
TRP CE3  CZ3  doub Y N 401 
TRP CE3  HE3  sing N N 402 
TRP CZ2  CH2  doub Y N 403 
TRP CZ2  HZ2  sing N N 404 
TRP CZ3  CH2  sing Y N 405 
TRP CZ3  HZ3  sing N N 406 
TRP CH2  HH2  sing N N 407 
TRP OXT  HXT  sing N N 408 
TYR N    CA   sing N N 409 
TYR N    H    sing N N 410 
TYR N    H2   sing N N 411 
TYR CA   C    sing N N 412 
TYR CA   CB   sing N N 413 
TYR CA   HA   sing N N 414 
TYR C    O    doub N N 415 
TYR C    OXT  sing N N 416 
TYR CB   CG   sing N N 417 
TYR CB   HB2  sing N N 418 
TYR CB   HB3  sing N N 419 
TYR CG   CD1  doub Y N 420 
TYR CG   CD2  sing Y N 421 
TYR CD1  CE1  sing Y N 422 
TYR CD1  HD1  sing N N 423 
TYR CD2  CE2  doub Y N 424 
TYR CD2  HD2  sing N N 425 
TYR CE1  CZ   doub Y N 426 
TYR CE1  HE1  sing N N 427 
TYR CE2  CZ   sing Y N 428 
TYR CE2  HE2  sing N N 429 
TYR CZ   OH   sing N N 430 
TYR OH   HH   sing N N 431 
TYR OXT  HXT  sing N N 432 
VAL N    CA   sing N N 433 
VAL N    H    sing N N 434 
VAL N    H2   sing N N 435 
VAL CA   C    sing N N 436 
VAL CA   CB   sing N N 437 
VAL CA   HA   sing N N 438 
VAL C    O    doub N N 439 
VAL C    OXT  sing N N 440 
VAL CB   CG1  sing N N 441 
VAL CB   CG2  sing N N 442 
VAL CB   HB   sing N N 443 
VAL CG1  HG11 sing N N 444 
VAL CG1  HG12 sing N N 445 
VAL CG1  HG13 sing N N 446 
VAL CG2  HG21 sing N N 447 
VAL CG2  HG22 sing N N 448 
VAL CG2  HG23 sing N N 449 
VAL OXT  HXT  sing N N 450 
# 
_atom_sites.entry_id                    1SIV 
_atom_sites.fract_transf_matrix[1][1]   -0.01835367 
_atom_sites.fract_transf_matrix[1][2]   0.00085845 
_atom_sites.fract_transf_matrix[1][3]   0.01135250 
_atom_sites.fract_transf_matrix[2][1]   0.00164393 
_atom_sites.fract_transf_matrix[2][2]   0.00951860 
_atom_sites.fract_transf_matrix[2][3]   0.00193798 
_atom_sites.fract_transf_matrix[3][1]   -0.00420918 
_atom_sites.fract_transf_matrix[3][2]   0.00214548 
_atom_sites.fract_transf_matrix[3][3]   -0.00696724 
_atom_sites.fract_transf_vector[1]      0.067036 
_atom_sites.fract_transf_vector[2]      0.160525 
_atom_sites.fract_transf_vector[3]      0.354035 
# 
loop_
_atom_type.symbol 
C 
N 
O 
S 
# 
loop_
_atom_site.group_PDB 
_atom_site.id 
_atom_site.type_symbol 
_atom_site.label_atom_id 
_atom_site.label_alt_id 
_atom_site.label_comp_id 
_atom_site.label_asym_id 
_atom_site.label_entity_id 
_atom_site.label_seq_id 
_atom_site.pdbx_PDB_ins_code 
_atom_site.Cartn_x 
_atom_site.Cartn_y 
_atom_site.Cartn_z 
_atom_site.occupancy 
_atom_site.B_iso_or_equiv 
_atom_site.pdbx_formal_charge 
_atom_site.auth_seq_id 
_atom_site.auth_comp_id 
_atom_site.auth_asym_id 
_atom_site.auth_atom_id 
_atom_site.pdbx_PDB_model_num 
ATOM   1    N N    . PRO A 1 1  ? -9.288  17.061  -1.481  1.00 20.03 ? 1   PRO A N    1 
ATOM   2    C CA   . PRO A 1 1  ? -8.874  15.959  -0.612  1.00 19.06 ? 1   PRO A CA   1 
ATOM   3    C C    . PRO A 1 1  ? -7.375  15.783  -0.726  1.00 18.14 ? 1   PRO A C    1 
ATOM   4    O O    . PRO A 1 1  ? -6.891  15.601  -1.845  1.00 19.05 ? 1   PRO A O    1 
ATOM   5    C CB   . PRO A 1 1  ? -9.607  14.705  -1.079  1.00 19.34 ? 1   PRO A CB   1 
ATOM   6    C CG   . PRO A 1 1  ? -10.947 15.311  -1.519  1.00 19.88 ? 1   PRO A CG   1 
ATOM   7    C CD   . PRO A 1 1  ? -10.467 16.584  -2.204  1.00 18.45 ? 1   PRO A CD   1 
ATOM   8    N N    . GLN A 1 2  ? -6.631  15.869  0.383   1.00 18.15 ? 2   GLN A N    1 
ATOM   9    C CA   . GLN A 1 2  ? -5.177  15.708  0.413   1.00 16.80 ? 2   GLN A CA   1 
ATOM   10   C C    . GLN A 1 2  ? -4.925  14.856  1.651   1.00 14.03 ? 2   GLN A C    1 
ATOM   11   O O    . GLN A 1 2  ? -5.498  15.106  2.710   1.00 13.69 ? 2   GLN A O    1 
ATOM   12   C CB   . GLN A 1 2  ? -4.474  17.068  0.547   1.00 17.43 ? 2   GLN A CB   1 
ATOM   13   C CG   . GLN A 1 2  ? -3.085  16.895  1.181   1.00 21.45 ? 2   GLN A CG   1 
ATOM   14   C CD   . GLN A 1 2  ? -2.028  17.956  0.876   1.00 23.04 ? 2   GLN A CD   1 
ATOM   15   O OE1  . GLN A 1 2  ? -2.052  18.641  -0.151  1.00 23.45 ? 2   GLN A OE1  1 
ATOM   16   N NE2  . GLN A 1 2  ? -0.997  18.067  1.708   1.00 24.06 ? 2   GLN A NE2  1 
ATOM   17   N N    . PHE A 1 3  ? -4.143  13.811  1.529   1.00 13.33 ? 3   PHE A N    1 
ATOM   18   C CA   . PHE A 1 3  ? -3.821  12.929  2.618   1.00 12.13 ? 3   PHE A CA   1 
ATOM   19   C C    . PHE A 1 3  ? -2.322  13.169  2.769   1.00 13.32 ? 3   PHE A C    1 
ATOM   20   O O    . PHE A 1 3  ? -1.528  13.009  1.833   1.00 14.56 ? 3   PHE A O    1 
ATOM   21   C CB   . PHE A 1 3  ? -4.187  11.521  2.202   1.00 11.45 ? 3   PHE A CB   1 
ATOM   22   C CG   . PHE A 1 3  ? -5.684  11.465  1.938   1.00 12.62 ? 3   PHE A CG   1 
ATOM   23   C CD1  . PHE A 1 3  ? -6.568  11.412  3.000   1.00 12.26 ? 3   PHE A CD1  1 
ATOM   24   C CD2  . PHE A 1 3  ? -6.175  11.598  0.653   1.00 10.93 ? 3   PHE A CD2  1 
ATOM   25   C CE1  . PHE A 1 3  ? -7.935  11.512  2.780   1.00 12.17 ? 3   PHE A CE1  1 
ATOM   26   C CE2  . PHE A 1 3  ? -7.546  11.695  0.452   1.00 10.79 ? 3   PHE A CE2  1 
ATOM   27   C CZ   . PHE A 1 3  ? -8.441  11.657  1.505   1.00 10.48 ? 3   PHE A CZ   1 
ATOM   28   N N    . SER A 1 4  ? -1.985  13.707  3.946   1.00 11.92 ? 4   SER A N    1 
ATOM   29   C CA   . SER A 1 4  ? -0.627  14.049  4.349   1.00 11.94 ? 4   SER A CA   1 
ATOM   30   C C    . SER A 1 4  ? 0.259   12.854  4.725   1.00 12.05 ? 4   SER A C    1 
ATOM   31   O O    . SER A 1 4  ? 1.471   12.921  5.000   1.00 12.27 ? 4   SER A O    1 
ATOM   32   C CB   . SER A 1 4  ? -0.784  15.006  5.498   1.00 12.46 ? 4   SER A CB   1 
ATOM   33   O OG   . SER A 1 4  ? -1.647  14.377  6.466   1.00 18.01 ? 4   SER A OG   1 
ATOM   34   N N    . LEU A 1 5  ? -0.534  11.790  4.929   1.00 9.85  ? 5   LEU A N    1 
ATOM   35   C CA   . LEU A 1 5  ? -0.090  10.472  5.285   1.00 8.28  ? 5   LEU A CA   1 
ATOM   36   C C    . LEU A 1 5  ? 0.469   10.314  6.681   1.00 8.44  ? 5   LEU A C    1 
ATOM   37   O O    . LEU A 1 5  ? 1.111   9.317   6.933   1.00 7.42  ? 5   LEU A O    1 
ATOM   38   C CB   . LEU A 1 5  ? 0.894   10.026  4.203   1.00 7.33  ? 5   LEU A CB   1 
ATOM   39   C CG   . LEU A 1 5  ? 0.284   9.997   2.796   1.00 8.42  ? 5   LEU A CG   1 
ATOM   40   C CD1  . LEU A 1 5  ? 1.425   9.883   1.804   1.00 8.59  ? 5   LEU A CD1  1 
ATOM   41   C CD2  . LEU A 1 5  ? -0.767  8.907   2.690   1.00 5.61  ? 5   LEU A CD2  1 
ATOM   42   N N    . TRP A 1 6  ? 0.267   11.245  7.628   1.00 8.79  ? 6   TRP A N    1 
ATOM   43   C CA   . TRP A 1 6  ? 0.770   11.089  8.995   1.00 9.16  ? 6   TRP A CA   1 
ATOM   44   C C    . TRP A 1 6  ? -0.134  10.059  9.656   1.00 9.84  ? 6   TRP A C    1 
ATOM   45   O O    . TRP A 1 6  ? 0.119   9.517   10.711  1.00 12.00 ? 6   TRP A O    1 
ATOM   46   C CB   . TRP A 1 6  ? 0.711   12.410  9.780   1.00 9.24  ? 6   TRP A CB   1 
ATOM   47   C CG   . TRP A 1 6  ? 1.832   13.354  9.342   1.00 10.30 ? 6   TRP A CG   1 
ATOM   48   C CD1  . TRP A 1 6  ? 1.572   14.388  8.479   1.00 9.18  ? 6   TRP A CD1  1 
ATOM   49   C CD2  . TRP A 1 6  ? 3.179   13.272  9.689   1.00 9.52  ? 6   TRP A CD2  1 
ATOM   50   N NE1  . TRP A 1 6  ? 2.739   14.946  8.272   1.00 9.59  ? 6   TRP A NE1  1 
ATOM   51   C CE2  . TRP A 1 6  ? 3.713   14.333  8.961   1.00 8.22  ? 6   TRP A CE2  1 
ATOM   52   C CE3  . TRP A 1 6  ? 3.999   12.482  10.493  1.00 9.14  ? 6   TRP A CE3  1 
ATOM   53   C CZ2  . TRP A 1 6  ? 5.054   14.629  9.003   1.00 7.58  ? 6   TRP A CZ2  1 
ATOM   54   C CZ3  . TRP A 1 6  ? 5.347   12.780  10.544  1.00 9.11  ? 6   TRP A CZ3  1 
ATOM   55   C CH2  . TRP A 1 6  ? 5.859   13.837  9.807   1.00 9.91  ? 6   TRP A CH2  1 
ATOM   56   N N    . ARG A 1 7  ? -1.277  9.767   9.098   1.00 9.01  ? 7   ARG A N    1 
ATOM   57   C CA   . ARG A 1 7  ? -2.191  8.796   9.611   1.00 9.76  ? 7   ARG A CA   1 
ATOM   58   C C    . ARG A 1 7  ? -2.558  7.995   8.339   1.00 11.89 ? 7   ARG A C    1 
ATOM   59   O O    . ARG A 1 7  ? -2.356  8.479   7.191   1.00 12.43 ? 7   ARG A O    1 
ATOM   60   C CB   . ARG A 1 7  ? -3.397  9.494   10.160  1.00 9.31  ? 7   ARG A CB   1 
ATOM   61   C CG   . ARG A 1 7  ? -3.134  10.119  11.487  1.00 11.42 ? 7   ARG A CG   1 
ATOM   62   C CD   . ARG A 1 7  ? -4.284  11.023  11.858  1.00 10.62 ? 7   ARG A CD   1 
ATOM   63   N NE   . ARG A 1 7  ? -5.548  10.350  11.971  1.00 11.32 ? 7   ARG A NE   1 
ATOM   64   C CZ   . ARG A 1 7  ? -6.635  10.890  11.432  1.00 11.78 ? 7   ARG A CZ   1 
ATOM   65   N NH1  . ARG A 1 7  ? -6.595  12.052  10.785  1.00 10.38 ? 7   ARG A NH1  1 
ATOM   66   N NH2  . ARG A 1 7  ? -7.788  10.237  11.540  1.00 12.18 ? 7   ARG A NH2  1 
ATOM   67   N N    . ARG A 1 8  ? -3.054  6.757   8.510   1.00 11.51 ? 8   ARG A N    1 
ATOM   68   C CA   . ARG A 1 8  ? -3.463  5.917   7.377   1.00 10.68 ? 8   ARG A CA   1 
ATOM   69   C C    . ARG A 1 8  ? -4.514  6.669   6.596   1.00 9.59  ? 8   ARG A C    1 
ATOM   70   O O    . ARG A 1 8  ? -5.420  7.179   7.238   1.00 11.22 ? 8   ARG A O    1 
ATOM   71   C CB   . ARG A 1 8  ? -4.126  4.621   7.796   1.00 7.92  ? 8   ARG A CB   1 
ATOM   72   C CG   . ARG A 1 8  ? -3.103  3.606   8.191   1.00 9.47  ? 8   ARG A CG   1 
ATOM   73   C CD   . ARG A 1 8  ? -3.834  2.437   8.757   1.00 7.95  ? 8   ARG A CD   1 
ATOM   74   N NE   . ARG A 1 8  ? -2.889  1.370   8.993   1.00 10.26 ? 8   ARG A NE   1 
ATOM   75   C CZ   . ARG A 1 8  ? -3.242  0.252   9.607   1.00 8.87  ? 8   ARG A CZ   1 
ATOM   76   N NH1  . ARG A 1 8  ? -4.476  0.055   10.030  1.00 8.90  ? 8   ARG A NH1  1 
ATOM   77   N NH2  . ARG A 1 8  ? -2.346  -0.699  9.770   1.00 9.34  ? 8   ARG A NH2  1 
ATOM   78   N N    . PRO A 1 9  ? -4.466  6.776   5.274   1.00 9.24  ? 9   PRO A N    1 
ATOM   79   C CA   . PRO A 1 9  ? -5.504  7.389   4.464   1.00 8.00  ? 9   PRO A CA   1 
ATOM   80   C C    . PRO A 1 9  ? -6.751  6.535   4.394   1.00 8.28  ? 9   PRO A C    1 
ATOM   81   O O    . PRO A 1 9  ? -6.919  5.805   3.424   1.00 10.29 ? 9   PRO A O    1 
ATOM   82   C CB   . PRO A 1 9  ? -4.795  7.585   3.168   1.00 9.68  ? 9   PRO A CB   1 
ATOM   83   C CG   . PRO A 1 9  ? -3.834  6.447   3.074   1.00 7.79  ? 9   PRO A CG   1 
ATOM   84   C CD   . PRO A 1 9  ? -3.291  6.416   4.474   1.00 9.38  ? 9   PRO A CD   1 
ATOM   85   N N    . VAL A 1 10 ? -7.604  6.520   5.400   1.00 8.48  ? 10  VAL A N    1 
ATOM   86   C CA   . VAL A 1 10 ? -8.798  5.696   5.357   1.00 8.66  ? 10  VAL A CA   1 
ATOM   87   C C    . VAL A 1 10 ? -9.968  6.583   5.021   1.00 9.68  ? 10  VAL A C    1 
ATOM   88   O O    . VAL A 1 10 ? -10.009 7.716   5.457   1.00 11.57 ? 10  VAL A O    1 
ATOM   89   C CB   . VAL A 1 10 ? -8.951  4.974   6.742   1.00 9.05  ? 10  VAL A CB   1 
ATOM   90   C CG1  . VAL A 1 10 ? -10.372 4.438   6.967   1.00 8.32  ? 10  VAL A CG1  1 
ATOM   91   C CG2  . VAL A 1 10 ? -8.013  3.768   6.750   1.00 4.74  ? 10  VAL A CG2  1 
ATOM   92   N N    . VAL A 1 11 ? -10.982 6.153   4.300   1.00 11.73 ? 11  VAL A N    1 
ATOM   93   C CA   . VAL A 1 11 ? -12.128 7.012   3.942   1.00 9.84  ? 11  VAL A CA   1 
ATOM   94   C C    . VAL A 1 11 ? -13.368 6.112   3.910   1.00 9.65  ? 11  VAL A C    1 
ATOM   95   O O    . VAL A 1 11 ? -13.223 4.894   4.066   1.00 10.06 ? 11  VAL A O    1 
ATOM   96   C CB   . VAL A 1 11 ? -11.616 7.635   2.583   1.00 10.94 ? 11  VAL A CB   1 
ATOM   97   C CG1  . VAL A 1 11 ? -11.981 6.735   1.387   1.00 10.82 ? 11  VAL A CG1  1 
ATOM   98   C CG2  . VAL A 1 11 ? -12.089 9.029   2.492   1.00 11.84 ? 11  VAL A CG2  1 
ATOM   99   N N    . THR A 1 12 ? -14.598 6.625   3.839   1.00 11.69 ? 12  THR A N    1 
ATOM   100  C CA   . THR A 1 12 ? -15.820 5.810   3.779   1.00 10.95 ? 12  THR A CA   1 
ATOM   101  C C    . THR A 1 12 ? -16.315 5.756   2.351   1.00 11.47 ? 12  THR A C    1 
ATOM   102  O O    . THR A 1 12 ? -16.570 6.758   1.666   1.00 11.19 ? 12  THR A O    1 
ATOM   103  C CB   . THR A 1 12 ? -16.977 6.377   4.585   1.00 11.97 ? 12  THR A CB   1 
ATOM   104  O OG1  . THR A 1 12 ? -16.495 6.368   5.911   1.00 16.69 ? 12  THR A OG1  1 
ATOM   105  C CG2  . THR A 1 12 ? -18.279 5.587   4.532   1.00 13.39 ? 12  THR A CG2  1 
ATOM   106  N N    . ALA A 1 13 ? -16.458 4.539   1.912   1.00 11.19 ? 13  ALA A N    1 
ATOM   107  C CA   . ALA A 1 13 ? -16.932 4.317   0.584   1.00 10.83 ? 13  ALA A CA   1 
ATOM   108  C C    . ALA A 1 13 ? -18.262 3.588   0.733   1.00 11.49 ? 13  ALA A C    1 
ATOM   109  O O    . ALA A 1 13 ? -18.522 2.997   1.783   1.00 9.92  ? 13  ALA A O    1 
ATOM   110  C CB   . ALA A 1 13 ? -15.921 3.455   -0.138  1.00 8.56  ? 13  ALA A CB   1 
ATOM   111  N N    . HIS A 1 14 ? -19.162 3.731   -0.240  1.00 12.40 ? 14  HIS A N    1 
ATOM   112  C CA   . HIS A 1 14 ? -20.452 3.057   -0.261  1.00 13.45 ? 14  HIS A CA   1 
ATOM   113  C C    . HIS A 1 14 ? -20.226 2.131   -1.437  1.00 14.26 ? 14  HIS A C    1 
ATOM   114  O O    . HIS A 1 14 ? -19.977 2.630   -2.544  1.00 15.75 ? 14  HIS A O    1 
ATOM   115  C CB   . HIS A 1 14 ? -21.591 3.940   -0.630  1.00 17.06 ? 14  HIS A CB   1 
ATOM   116  C CG   . HIS A 1 14 ? -22.149 4.587   0.604   1.00 18.57 ? 14  HIS A CG   1 
ATOM   117  N ND1  . HIS A 1 14 ? -21.701 5.679   1.209   1.00 16.67 ? 14  HIS A ND1  1 
ATOM   118  C CD2  . HIS A 1 14 ? -23.184 4.022   1.339   1.00 19.87 ? 14  HIS A CD2  1 
ATOM   119  C CE1  . HIS A 1 14 ? -22.428 5.791   2.303   1.00 19.94 ? 14  HIS A CE1  1 
ATOM   120  N NE2  . HIS A 1 14 ? -23.319 4.797   2.384   1.00 21.47 ? 14  HIS A NE2  1 
ATOM   121  N N    . ILE A 1 15 ? -20.209 0.814   -1.241  1.00 15.16 ? 15  ILE A N    1 
ATOM   122  C CA   . ILE A 1 15 ? -19.993 -0.183  -2.295  1.00 14.41 ? 15  ILE A CA   1 
ATOM   123  C C    . ILE A 1 15 ? -21.351 -0.838  -2.370  1.00 14.95 ? 15  ILE A C    1 
ATOM   124  O O    . ILE A 1 15 ? -21.819 -1.521  -1.435  1.00 15.51 ? 15  ILE A O    1 
ATOM   125  C CB   . ILE A 1 15 ? -18.923 -1.243  -1.879  1.00 13.54 ? 15  ILE A CB   1 
ATOM   126  C CG1  . ILE A 1 15 ? -17.542 -0.565  -1.747  1.00 14.37 ? 15  ILE A CG1  1 
ATOM   127  C CG2  . ILE A 1 15 ? -18.895 -2.386  -2.900  1.00 15.26 ? 15  ILE A CG2  1 
ATOM   128  C CD1  . ILE A 1 15 ? -16.380 -1.432  -1.256  1.00 10.24 ? 15  ILE A CD1  1 
ATOM   129  N N    . GLU A 1 16 ? -22.035 -0.517  -3.460  1.00 14.69 ? 16  GLU A N    1 
ATOM   130  C CA   . GLU A 1 16 ? -23.374 -1.033  -3.750  1.00 13.79 ? 16  GLU A CA   1 
ATOM   131  C C    . GLU A 1 16 ? -24.341 -0.768  -2.605  1.00 14.23 ? 16  GLU A C    1 
ATOM   132  O O    . GLU A 1 16 ? -25.140 -1.608  -2.164  1.00 14.21 ? 16  GLU A O    1 
ATOM   133  C CB   . GLU A 1 16 ? -23.316 -2.537  -4.003  1.00 14.59 ? 16  GLU A CB   1 
ATOM   134  C CG   . GLU A 1 16 ? -22.414 -3.015  -5.108  1.00 17.32 ? 16  GLU A CG   1 
ATOM   135  C CD   . GLU A 1 16 ? -22.948 -3.032  -6.535  1.00 17.55 ? 16  GLU A CD   1 
ATOM   136  O OE1  . GLU A 1 16 ? -24.071 -2.660  -6.799  1.00 20.39 ? 16  GLU A OE1  1 
ATOM   137  O OE2  . GLU A 1 16 ? -22.213 -3.394  -7.429  1.00 18.42 ? 16  GLU A OE2  1 
ATOM   138  N N    . GLY A 1 17 ? -24.175 0.427   -2.035  1.00 14.74 ? 17  GLY A N    1 
ATOM   139  C CA   . GLY A 1 17 ? -25.053 0.847   -0.951  1.00 15.94 ? 17  GLY A CA   1 
ATOM   140  C C    . GLY A 1 17 ? -24.551 0.586   0.445   1.00 16.26 ? 17  GLY A C    1 
ATOM   141  O O    . GLY A 1 17 ? -25.015 1.235   1.382   1.00 18.36 ? 17  GLY A O    1 
ATOM   142  N N    . GLN A 1 18 ? -23.569 -0.286  0.645   1.00 16.37 ? 18  GLN A N    1 
ATOM   143  C CA   . GLN A 1 18 ? -23.067 -0.572  1.968   1.00 16.25 ? 18  GLN A CA   1 
ATOM   144  C C    . GLN A 1 18 ? -21.986 0.436   2.280   1.00 14.74 ? 18  GLN A C    1 
ATOM   145  O O    . GLN A 1 18 ? -21.107 0.574   1.428   1.00 14.28 ? 18  GLN A O    1 
ATOM   146  C CB   . GLN A 1 18 ? -22.507 -1.965  1.980   1.00 17.38 ? 18  GLN A CB   1 
ATOM   147  C CG   . GLN A 1 18 ? -23.654 -2.976  2.071   1.00 23.90 ? 18  GLN A CG   1 
ATOM   148  C CD   . GLN A 1 18 ? -23.292 -4.323  1.407   1.00 28.59 ? 18  GLN A CD   1 
ATOM   149  O OE1  . GLN A 1 18 ? -23.271 -5.409  2.062   1.00 30.29 ? 18  GLN A OE1  1 
ATOM   150  N NE2  . GLN A 1 18 ? -22.937 -4.270  0.094   1.00 28.73 ? 18  GLN A NE2  1 
ATOM   151  N N    . PRO A 1 19 ? -21.972 1.171   3.401   1.00 13.98 ? 19  PRO A N    1 
ATOM   152  C CA   . PRO A 1 19 ? -20.799 1.903   3.849   1.00 12.40 ? 19  PRO A CA   1 
ATOM   153  C C    . PRO A 1 19 ? -19.692 0.944   4.246   1.00 12.31 ? 19  PRO A C    1 
ATOM   154  O O    . PRO A 1 19 ? -19.953 -0.097  4.859   1.00 13.12 ? 19  PRO A O    1 
ATOM   155  C CB   . PRO A 1 19 ? -21.324 2.724   4.979   1.00 12.39 ? 19  PRO A CB   1 
ATOM   156  C CG   . PRO A 1 19 ? -22.324 1.799   5.643   1.00 10.96 ? 19  PRO A CG   1 
ATOM   157  C CD   . PRO A 1 19 ? -22.991 1.136   4.454   1.00 13.73 ? 19  PRO A CD   1 
ATOM   158  N N    . VAL A 1 20 ? -18.456 1.239   3.874   1.00 12.29 ? 20  VAL A N    1 
ATOM   159  C CA   . VAL A 1 20 ? -17.311 0.418   4.199   1.00 13.60 ? 20  VAL A CA   1 
ATOM   160  C C    . VAL A 1 20 ? -16.148 1.373   4.434   1.00 14.33 ? 20  VAL A C    1 
ATOM   161  O O    . VAL A 1 20 ? -16.121 2.425   3.785   1.00 15.96 ? 20  VAL A O    1 
ATOM   162  C CB   . VAL A 1 20 ? -17.039 -0.575  3.040   1.00 12.97 ? 20  VAL A CB   1 
ATOM   163  C CG1  . VAL A 1 20 ? -15.720 -0.466  2.335   1.00 12.82 ? 20  VAL A CG1  1 
ATOM   164  C CG2  . VAL A 1 20 ? -16.979 -1.895  3.727   1.00 14.92 ? 20  VAL A CG2  1 
ATOM   165  N N    . GLU A 1 21 ? -15.256 1.112   5.417   1.00 14.28 ? 21  GLU A N    1 
ATOM   166  C CA   . GLU A 1 21 ? -14.098 1.976   5.680   1.00 13.16 ? 21  GLU A CA   1 
ATOM   167  C C    . GLU A 1 21 ? -13.036 1.497   4.720   1.00 10.10 ? 21  GLU A C    1 
ATOM   168  O O    . GLU A 1 21 ? -12.849 0.283   4.608   1.00 11.13 ? 21  GLU A O    1 
ATOM   169  C CB   . GLU A 1 21 ? -13.643 1.798   7.086   1.00 14.98 ? 21  GLU A CB   1 
ATOM   170  C CG   . GLU A 1 21 ? -14.626 2.435   8.044   1.00 22.91 ? 21  GLU A CG   1 
ATOM   171  C CD   . GLU A 1 21 ? -14.496 3.970   8.117   1.00 28.75 ? 21  GLU A CD   1 
ATOM   172  O OE1  . GLU A 1 21 ? -14.782 4.611   7.082   1.00 29.15 ? 21  GLU A OE1  1 
ATOM   173  O OE2  . GLU A 1 21 ? -14.119 4.506   9.206   1.00 31.72 ? 21  GLU A OE2  1 
ATOM   174  N N    . VAL A 1 22 ? -12.269 2.293   4.041   1.00 8.04  ? 22  VAL A N    1 
ATOM   175  C CA   . VAL A 1 22 ? -11.305 1.752   3.096   1.00 6.92  ? 22  VAL A CA   1 
ATOM   176  C C    . VAL A 1 22 ? -9.924  2.387   3.090   1.00 6.89  ? 22  VAL A C    1 
ATOM   177  O O    . VAL A 1 22 ? -9.868  3.607   3.214   1.00 7.68  ? 22  VAL A O    1 
ATOM   178  C CB   . VAL A 1 22 ? -12.141 1.852   1.782   1.00 4.91  ? 22  VAL A CB   1 
ATOM   179  C CG1  . VAL A 1 22 ? -11.625 2.876   0.820   1.00 4.88  ? 22  VAL A CG1  1 
ATOM   180  C CG2  . VAL A 1 22 ? -12.235 0.470   1.249   1.00 7.29  ? 22  VAL A CG2  1 
ATOM   181  N N    . LEU A 1 23 ? -8.815  1.676   3.001   1.00 5.53  ? 23  LEU A N    1 
ATOM   182  C CA   . LEU A 1 23 ? -7.536  2.320   2.976   1.00 5.97  ? 23  LEU A CA   1 
ATOM   183  C C    . LEU A 1 23 ? -7.159  2.626   1.530   1.00 8.32  ? 23  LEU A C    1 
ATOM   184  O O    . LEU A 1 23 ? -7.304  1.758   0.661   1.00 7.44  ? 23  LEU A O    1 
ATOM   185  C CB   . LEU A 1 23 ? -6.437  1.424   3.583   1.00 5.81  ? 23  LEU A CB   1 
ATOM   186  C CG   . LEU A 1 23 ? -4.964  1.914   3.638   1.00 5.25  ? 23  LEU A CG   1 
ATOM   187  C CD1  . LEU A 1 23 ? -4.852  3.134   4.476   1.00 3.80  ? 23  LEU A CD1  1 
ATOM   188  C CD2  . LEU A 1 23 ? -4.084  0.884   4.309   1.00 6.58  ? 23  LEU A CD2  1 
ATOM   189  N N    . LEU A 1 24 ? -6.683  3.839   1.244   1.00 8.27  ? 24  LEU A N    1 
ATOM   190  C CA   . LEU A 1 24 ? -6.272  4.210   -0.098  1.00 7.98  ? 24  LEU A CA   1 
ATOM   191  C C    . LEU A 1 24 ? -4.838  3.716   -0.181  1.00 8.33  ? 24  LEU A C    1 
ATOM   192  O O    . LEU A 1 24 ? -3.882  4.269   0.380   1.00 8.75  ? 24  LEU A O    1 
ATOM   193  C CB   . LEU A 1 24 ? -6.357  5.722   -0.290  1.00 8.85  ? 24  LEU A CB   1 
ATOM   194  C CG   . LEU A 1 24 ? -7.665  6.418   -0.690  1.00 10.97 ? 24  LEU A CG   1 
ATOM   195  C CD1  . LEU A 1 24 ? -8.818  5.454   -0.773  1.00 7.09  ? 24  LEU A CD1  1 
ATOM   196  C CD2  . LEU A 1 24 ? -7.929  7.545   0.321   1.00 11.66 ? 24  LEU A CD2  1 
ATOM   197  N N    . ASP A 1 25 ? -4.659  2.665   -0.940  1.00 7.57  ? 25  ASP A N    1 
ATOM   198  C CA   . ASP A 1 25 ? -3.361  2.086   -1.067  1.00 6.56  ? 25  ASP A CA   1 
ATOM   199  C C    . ASP A 1 25 ? -2.637  2.158   -2.399  1.00 7.81  ? 25  ASP A C    1 
ATOM   200  O O    . ASP A 1 25 ? -2.980  1.416   -3.318  1.00 10.14 ? 25  ASP A O    1 
ATOM   201  C CB   . ASP A 1 25 ? -3.600  0.654   -0.538  1.00 5.55  ? 25  ASP A CB   1 
ATOM   202  C CG   . ASP A 1 25 ? -2.426  -0.268  -0.274  1.00 5.75  ? 25  ASP A CG   1 
ATOM   203  O OD1  . ASP A 1 25 ? -1.280  0.079   -0.487  1.00 7.53  ? 25  ASP A OD1  1 
ATOM   204  O OD2  . ASP A 1 25 ? -2.650  -1.379  0.147   1.00 7.92  ? 25  ASP A OD2  1 
ATOM   205  N N    . THR A 1 26 ? -1.572  2.947   -2.537  1.00 5.85  ? 26  THR A N    1 
ATOM   206  C CA   . THR A 1 26 ? -0.813  3.054   -3.770  1.00 4.50  ? 26  THR A CA   1 
ATOM   207  C C    . THR A 1 26 ? 0.043   1.827   -4.040  1.00 3.80  ? 26  THR A C    1 
ATOM   208  O O    . THR A 1 26 ? 0.561   1.631   -5.130  1.00 3.85  ? 26  THR A O    1 
ATOM   209  C CB   . THR A 1 26 ? 0.106   4.287   -3.742  1.00 4.72  ? 26  THR A CB   1 
ATOM   210  O OG1  . THR A 1 26 ? 0.915   4.220   -2.582  1.00 7.57  ? 26  THR A OG1  1 
ATOM   211  C CG2  . THR A 1 26 ? -0.697  5.549   -3.779  1.00 4.56  ? 26  THR A CG2  1 
ATOM   212  N N    . GLY A 1 27 ? 0.234   1.005   -3.016  1.00 3.64  ? 27  GLY A N    1 
ATOM   213  C CA   . GLY A 1 27 ? 1.018   -0.195  -3.124  1.00 3.13  ? 27  GLY A CA   1 
ATOM   214  C C    . GLY A 1 27 ? 0.135   -1.352  -3.513  1.00 4.63  ? 27  GLY A C    1 
ATOM   215  O O    . GLY A 1 27 ? 0.639   -2.457  -3.604  1.00 6.35  ? 27  GLY A O    1 
ATOM   216  N N    . ALA A 1 28 ? -1.169  -1.188  -3.723  1.00 4.51  ? 28  ALA A N    1 
ATOM   217  C CA   . ALA A 1 28 ? -2.037  -2.272  -4.081  1.00 3.28  ? 28  ALA A CA   1 
ATOM   218  C C    . ALA A 1 28 ? -2.447  -2.243  -5.539  1.00 5.28  ? 28  ALA A C    1 
ATOM   219  O O    . ALA A 1 28 ? -2.926  -1.211  -6.025  1.00 7.26  ? 28  ALA A O    1 
ATOM   220  C CB   . ALA A 1 28 ? -3.294  -2.216  -3.264  1.00 4.21  ? 28  ALA A CB   1 
ATOM   221  N N    . ASP A 1 29 ? -2.260  -3.319  -6.292  1.00 4.41  ? 29  ASP A N    1 
ATOM   222  C CA   . ASP A 1 29 ? -2.678  -3.324  -7.688  1.00 5.26  ? 29  ASP A CA   1 
ATOM   223  C C    . ASP A 1 29 ? -4.169  -3.481  -7.775  1.00 6.59  ? 29  ASP A C    1 
ATOM   224  O O    . ASP A 1 29 ? -4.812  -2.912  -8.649  1.00 6.47  ? 29  ASP A O    1 
ATOM   225  C CB   . ASP A 1 29 ? -2.182  -4.468  -8.536  1.00 2.03  ? 29  ASP A CB   1 
ATOM   226  C CG   . ASP A 1 29 ? -0.711  -4.499  -8.801  1.00 4.87  ? 29  ASP A CG   1 
ATOM   227  O OD1  . ASP A 1 29 ? -0.014  -3.520  -8.632  1.00 6.34  ? 29  ASP A OD1  1 
ATOM   228  O OD2  . ASP A 1 29 ? -0.237  -5.547  -9.175  1.00 8.69  ? 29  ASP A OD2  1 
ATOM   229  N N    . ASP A 1 30 ? -4.764  -4.213  -6.837  1.00 8.58  ? 30  ASP A N    1 
ATOM   230  C CA   . ASP A 1 30 ? -6.198  -4.426  -6.876  1.00 9.78  ? 30  ASP A CA   1 
ATOM   231  C C    . ASP A 1 30 ? -6.873  -3.889  -5.625  1.00 9.80  ? 30  ASP A C    1 
ATOM   232  O O    . ASP A 1 30 ? -6.187  -3.400  -4.734  1.00 10.40 ? 30  ASP A O    1 
ATOM   233  C CB   . ASP A 1 30 ? -6.420  -5.930  -7.040  1.00 11.82 ? 30  ASP A CB   1 
ATOM   234  C CG   . ASP A 1 30 ? -5.540  -6.544  -8.118  1.00 12.60 ? 30  ASP A CG   1 
ATOM   235  O OD1  . ASP A 1 30 ? -5.763  -6.243  -9.274  1.00 15.02 ? 30  ASP A OD1  1 
ATOM   236  O OD2  . ASP A 1 30 ? -4.593  -7.271  -7.823  1.00 16.93 ? 30  ASP A OD2  1 
ATOM   237  N N    . SER A 1 31 ? -8.193  -3.978  -5.551  1.00 9.81  ? 31  SER A N    1 
ATOM   238  C CA   . SER A 1 31 ? -8.963  -3.505  -4.418  1.00 10.58 ? 31  SER A CA   1 
ATOM   239  C C    . SER A 1 31 ? -9.584  -4.732  -3.790  1.00 10.57 ? 31  SER A C    1 
ATOM   240  O O    . SER A 1 31 ? -10.328 -5.418  -4.476  1.00 9.60  ? 31  SER A O    1 
ATOM   241  C CB   . SER A 1 31 ? -10.045 -2.540  -4.905  1.00 10.83 ? 31  SER A CB   1 
ATOM   242  O OG   . SER A 1 31 ? -9.501  -1.448  -5.639  1.00 7.74  ? 31  SER A OG   1 
ATOM   243  N N    . ILE A 1 32 ? -9.305  -5.069  -2.537  1.00 11.83 ? 32  ILE A N    1 
ATOM   244  C CA   . ILE A 1 32 ? -9.856  -6.256  -1.878  1.00 12.48 ? 32  ILE A CA   1 
ATOM   245  C C    . ILE A 1 32 ? -10.683 -5.740  -0.713  1.00 11.51 ? 32  ILE A C    1 
ATOM   246  O O    . ILE A 1 32 ? -10.233 -4.876  0.036   1.00 11.00 ? 32  ILE A O    1 
ATOM   247  C CB   . ILE A 1 32 ? -8.759  -7.212  -1.304  1.00 12.81 ? 32  ILE A CB   1 
ATOM   248  C CG1  . ILE A 1 32 ? -7.698  -7.596  -2.304  1.00 10.73 ? 32  ILE A CG1  1 
ATOM   249  C CG2  . ILE A 1 32 ? -9.468  -8.515  -0.912  1.00 12.56 ? 32  ILE A CG2  1 
ATOM   250  C CD1  . ILE A 1 32 ? -6.682  -6.511  -2.626  1.00 16.02 ? 32  ILE A CD1  1 
ATOM   251  N N    . VAL A 1 33 ? -11.834 -6.337  -0.499  1.00 11.52 ? 33  VAL A N    1 
ATOM   252  C CA   . VAL A 1 33 ? -12.766 -5.967  0.530   1.00 12.05 ? 33  VAL A CA   1 
ATOM   253  C C    . VAL A 1 33 ? -13.294 -7.222  1.246   1.00 14.52 ? 33  VAL A C    1 
ATOM   254  O O    . VAL A 1 33 ? -13.321 -8.335  0.672   1.00 14.57 ? 33  VAL A O    1 
ATOM   255  C CB   . VAL A 1 33 ? -13.810 -5.116  -0.310  1.00 11.30 ? 33  VAL A CB   1 
ATOM   256  C CG1  . VAL A 1 33 ? -15.175 -5.758  -0.269  1.00 10.83 ? 33  VAL A CG1  1 
ATOM   257  C CG2  . VAL A 1 33 ? -13.808 -3.671  0.164   1.00 11.22 ? 33  VAL A CG2  1 
ATOM   258  N N    . THR A 1 34 ? -13.673 -7.106  2.525   1.00 15.71 ? 34  THR A N    1 
ATOM   259  C CA   . THR A 1 34 ? -14.217 -8.253  3.225   1.00 15.62 ? 34  THR A CA   1 
ATOM   260  C C    . THR A 1 34 ? -15.487 -7.726  3.812   1.00 13.37 ? 34  THR A C    1 
ATOM   261  O O    . THR A 1 34 ? -15.653 -6.549  4.047   1.00 10.84 ? 34  THR A O    1 
ATOM   262  C CB   . THR A 1 34 ? -13.466 -8.797  4.462   1.00 18.11 ? 34  THR A CB   1 
ATOM   263  O OG1  . THR A 1 34 ? -12.056 -8.758  4.329   1.00 23.25 ? 34  THR A OG1  1 
ATOM   264  C CG2  . THR A 1 34 ? -13.869 -10.281 4.589   1.00 19.24 ? 34  THR A CG2  1 
ATOM   265  N N    . GLY A 1 35 ? -16.404 -8.626  4.043   1.00 14.43 ? 35  GLY A N    1 
ATOM   266  C CA   . GLY A 1 35 ? -17.553 -8.277  4.834   1.00 16.01 ? 35  GLY A CA   1 
ATOM   267  C C    . GLY A 1 35 ? -18.741 -7.878  4.016   1.00 17.27 ? 35  GLY A C    1 
ATOM   268  O O    . GLY A 1 35 ? -19.781 -7.630  4.619   1.00 20.07 ? 35  GLY A O    1 
ATOM   269  N N    . ILE A 1 36 ? -18.690 -7.840  2.697   1.00 17.30 ? 36  ILE A N    1 
ATOM   270  C CA   . ILE A 1 36 ? -19.828 -7.400  1.891   1.00 18.44 ? 36  ILE A CA   1 
ATOM   271  C C    . ILE A 1 36 ? -20.038 -8.543  0.919   1.00 18.79 ? 36  ILE A C    1 
ATOM   272  O O    . ILE A 1 36 ? -19.021 -9.086  0.459   1.00 19.00 ? 36  ILE A O    1 
ATOM   273  C CB   . ILE A 1 36 ? -19.372 -6.077  1.270   1.00 19.83 ? 36  ILE A CB   1 
ATOM   274  C CG1  . ILE A 1 36 ? -19.693 -5.023  2.305   1.00 20.00 ? 36  ILE A CG1  1 
ATOM   275  C CG2  . ILE A 1 36 ? -20.031 -5.746  -0.055  1.00 21.13 ? 36  ILE A CG2  1 
ATOM   276  C CD1  . ILE A 1 36 ? -19.039 -3.685  1.901   1.00 22.21 ? 36  ILE A CD1  1 
ATOM   277  N N    . GLU A 1 37 ? -21.238 -9.026  0.581   1.00 19.91 ? 37  GLU A N    1 
ATOM   278  C CA   . GLU A 1 37 ? -21.260 -10.128 -0.357  1.00 19.91 ? 37  GLU A CA   1 
ATOM   279  C C    . GLU A 1 37 ? -21.799 -9.487  -1.617  1.00 18.11 ? 37  GLU A C    1 
ATOM   280  O O    . GLU A 1 37 ? -22.758 -8.712  -1.618  1.00 16.83 ? 37  GLU A O    1 
ATOM   281  C CB   . GLU A 1 37 ? -22.129 -11.276 0.172   1.00 23.39 ? 37  GLU A CB   1 
ATOM   282  C CG   . GLU A 1 37 ? -21.453 -12.661 -0.272  1.00 29.62 ? 37  GLU A CG   1 
ATOM   283  C CD   . GLU A 1 37 ? -21.620 -13.119 -1.778  1.00 32.79 ? 37  GLU A CD   1 
ATOM   284  O OE1  . GLU A 1 37 ? -22.755 -12.951 -2.276  1.00 35.22 ? 37  GLU A OE1  1 
ATOM   285  O OE2  . GLU A 1 37 ? -20.679 -13.639 -2.459  1.00 33.36 ? 37  GLU A OE2  1 
ATOM   286  N N    . LEU A 1 38 ? -20.991 -9.661  -2.656  1.00 15.44 ? 38  LEU A N    1 
ATOM   287  C CA   . LEU A 1 38 ? -21.369 -9.098  -3.916  1.00 12.54 ? 38  LEU A CA   1 
ATOM   288  C C    . LEU A 1 38 ? -22.134 -10.014 -4.840  1.00 11.58 ? 38  LEU A C    1 
ATOM   289  O O    . LEU A 1 38 ? -22.577 -9.538  -5.885  1.00 10.08 ? 38  LEU A O    1 
ATOM   290  C CB   . LEU A 1 38 ? -20.115 -8.548  -4.593  1.00 8.88  ? 38  LEU A CB   1 
ATOM   291  C CG   . LEU A 1 38 ? -19.719 -7.096  -4.438  1.00 8.02  ? 38  LEU A CG   1 
ATOM   292  C CD1  . LEU A 1 38 ? -20.680 -6.292  -3.595  1.00 7.37  ? 38  LEU A CD1  1 
ATOM   293  C CD2  . LEU A 1 38 ? -18.373 -7.093  -3.801  1.00 10.02 ? 38  LEU A CD2  1 
ATOM   294  N N    . GLY A 1 39 ? -22.300 -11.293 -4.526  1.00 10.66 ? 39  GLY A N    1 
ATOM   295  C CA   . GLY A 1 39 ? -23.211 -12.120 -5.312  1.00 10.81 ? 39  GLY A CA   1 
ATOM   296  C C    . GLY A 1 39 ? -22.509 -13.301 -5.964  1.00 11.20 ? 39  GLY A C    1 
ATOM   297  O O    . GLY A 1 39 ? -21.334 -13.520 -5.680  1.00 10.23 ? 39  GLY A O    1 
ATOM   298  N N    . PRO A 1 40 ? -23.167 -14.093 -6.822  1.00 11.64 ? 40  PRO A N    1 
ATOM   299  C CA   . PRO A 1 40 ? -22.630 -15.305 -7.478  1.00 11.66 ? 40  PRO A CA   1 
ATOM   300  C C    . PRO A 1 40 ? -21.748 -15.198 -8.734  1.00 10.49 ? 40  PRO A C    1 
ATOM   301  O O    . PRO A 1 40 ? -21.096 -16.139 -9.133  1.00 12.64 ? 40  PRO A O    1 
ATOM   302  C CB   . PRO A 1 40 ? -23.872 -16.117 -7.760  1.00 11.12 ? 40  PRO A CB   1 
ATOM   303  C CG   . PRO A 1 40 ? -24.853 -15.027 -8.200  1.00 12.96 ? 40  PRO A CG   1 
ATOM   304  C CD   . PRO A 1 40 ? -24.588 -13.949 -7.142  1.00 11.80 ? 40  PRO A CD   1 
ATOM   305  N N    . HIS A 1 41 ? -21.648 -14.099 -9.441  1.00 10.62 ? 41  HIS A N    1 
ATOM   306  C CA   . HIS A 1 41 ? -20.830 -14.067 -10.636 1.00 10.66 ? 41  HIS A CA   1 
ATOM   307  C C    . HIS A 1 41 ? -19.529 -13.332 -10.390 1.00 11.04 ? 41  HIS A C    1 
ATOM   308  O O    . HIS A 1 41 ? -19.437 -12.119 -10.184 1.00 12.12 ? 41  HIS A O    1 
ATOM   309  C CB   . HIS A 1 41 ? -21.702 -13.443 -11.723 1.00 8.75  ? 41  HIS A CB   1 
ATOM   310  C CG   . HIS A 1 41 ? -23.015 -14.194 -11.854 1.00 7.83  ? 41  HIS A CG   1 
ATOM   311  N ND1  . HIS A 1 41 ? -23.250 -15.500 -11.803 1.00 9.81  ? 41  HIS A ND1  1 
ATOM   312  C CD2  . HIS A 1 41 ? -24.222 -13.571 -11.968 1.00 6.44  ? 41  HIS A CD2  1 
ATOM   313  C CE1  . HIS A 1 41 ? -24.526 -15.651 -11.873 1.00 5.79  ? 41  HIS A CE1  1 
ATOM   314  N NE2  . HIS A 1 41 ? -25.107 -14.504 -11.967 1.00 7.21  ? 41  HIS A NE2  1 
ATOM   315  N N    . TYR A 1 42 ? -18.515 -14.150 -10.389 1.00 10.11 ? 42  TYR A N    1 
ATOM   316  C CA   . TYR A 1 42 ? -17.189 -13.654 -10.142 1.00 11.30 ? 42  TYR A CA   1 
ATOM   317  C C    . TYR A 1 42 ? -16.177 -14.638 -10.740 1.00 11.31 ? 42  TYR A C    1 
ATOM   318  O O    . TYR A 1 42 ? -16.511 -15.732 -11.206 1.00 11.48 ? 42  TYR A O    1 
ATOM   319  C CB   . TYR A 1 42 ? -16.963 -13.523 -8.573  1.00 10.63 ? 42  TYR A CB   1 
ATOM   320  C CG   . TYR A 1 42 ? -17.080 -14.876 -7.865  1.00 11.42 ? 42  TYR A CG   1 
ATOM   321  C CD1  . TYR A 1 42 ? -16.017 -15.768 -7.855  1.00 12.72 ? 42  TYR A CD1  1 
ATOM   322  C CD2  . TYR A 1 42 ? -18.292 -15.256 -7.324  1.00 12.13 ? 42  TYR A CD2  1 
ATOM   323  C CE1  . TYR A 1 42 ? -16.174 -17.030 -7.333  1.00 12.00 ? 42  TYR A CE1  1 
ATOM   324  C CE2  . TYR A 1 42 ? -18.463 -16.513 -6.802  1.00 10.77 ? 42  TYR A CE2  1 
ATOM   325  C CZ   . TYR A 1 42 ? -17.398 -17.376 -6.820  1.00 12.10 ? 42  TYR A CZ   1 
ATOM   326  O OH   . TYR A 1 42 ? -17.548 -18.626 -6.304  1.00 14.40 ? 42  TYR A OH   1 
ATOM   327  N N    . THR A 1 43 ? -14.928 -14.260 -10.624 1.00 9.73  ? 43  THR A N    1 
ATOM   328  C CA   . THR A 1 43 ? -13.858 -15.071 -11.095 1.00 12.53 ? 43  THR A CA   1 
ATOM   329  C C    . THR A 1 43 ? -13.037 -15.270 -9.817  1.00 12.57 ? 43  THR A C    1 
ATOM   330  O O    . THR A 1 43 ? -12.733 -14.313 -9.120  1.00 11.77 ? 43  THR A O    1 
ATOM   331  C CB   . THR A 1 43 ? -13.064 -14.327 -12.158 1.00 13.36 ? 43  THR A CB   1 
ATOM   332  O OG1  . THR A 1 43 ? -14.031 -14.026 -13.167 1.00 13.58 ? 43  THR A OG1  1 
ATOM   333  C CG2  . THR A 1 43 ? -11.837 -15.108 -12.677 1.00 11.77 ? 43  THR A CG2  1 
ATOM   334  N N    . PRO A 1 44 ? -12.760 -16.504 -9.416  1.00 12.83 ? 44  PRO A N    1 
ATOM   335  C CA   . PRO A 1 44 ? -11.707 -16.817 -8.482  1.00 11.98 ? 44  PRO A CA   1 
ATOM   336  C C    . PRO A 1 44 ? -10.421 -16.234 -9.034  1.00 10.97 ? 44  PRO A C    1 
ATOM   337  O O    . PRO A 1 44 ? -10.087 -16.329 -10.214 1.00 11.43 ? 44  PRO A O    1 
ATOM   338  C CB   . PRO A 1 44 ? -11.744 -18.362 -8.396  1.00 13.58 ? 44  PRO A CB   1 
ATOM   339  C CG   . PRO A 1 44 ? -12.425 -18.839 -9.647  1.00 12.91 ? 44  PRO A CG   1 
ATOM   340  C CD   . PRO A 1 44 ? -13.449 -17.725 -9.890  1.00 12.96 ? 44  PRO A CD   1 
ATOM   341  N N    . LYS A 1 45 ? -9.663  -15.643 -8.158  1.00 11.13 ? 45  LYS A N    1 
ATOM   342  C CA   . LYS A 1 45 ? -8.416  -15.018 -8.520  1.00 9.76  ? 45  LYS A CA   1 
ATOM   343  C C    . LYS A 1 45 ? -7.560  -15.225 -7.291  1.00 8.86  ? 45  LYS A C    1 
ATOM   344  O O    . LYS A 1 45 ? -8.032  -15.650 -6.237  1.00 8.45  ? 45  LYS A O    1 
ATOM   345  C CB   . LYS A 1 45 ? -8.746  -13.552 -8.785  1.00 9.95  ? 45  LYS A CB   1 
ATOM   346  C CG   . LYS A 1 45 ? -8.345  -12.858 -10.055 1.00 9.30  ? 45  LYS A CG   1 
ATOM   347  C CD   . LYS A 1 45 ? -9.033  -13.373 -11.280 1.00 11.41 ? 45  LYS A CD   1 
ATOM   348  C CE   . LYS A 1 45 ? -8.488  -12.659 -12.540 1.00 14.98 ? 45  LYS A CE   1 
ATOM   349  N NZ   . LYS A 1 45 ? -8.631  -11.205 -12.505 1.00 16.48 ? 45  LYS A NZ   1 
ATOM   350  N N    . ILE A 1 46 ? -6.295  -14.896 -7.381  1.00 11.03 ? 46  ILE A N    1 
ATOM   351  C CA   . ILE A 1 46 ? -5.362  -15.043 -6.264  1.00 9.93  ? 46  ILE A CA   1 
ATOM   352  C C    . ILE A 1 46 ? -4.586  -13.744 -6.168  1.00 11.06 ? 46  ILE A C    1 
ATOM   353  O O    . ILE A 1 46 ? -4.354  -13.163 -7.229  1.00 11.57 ? 46  ILE A O    1 
ATOM   354  C CB   . ILE A 1 46 ? -4.432  -16.291 -6.573  1.00 9.62  ? 46  ILE A CB   1 
ATOM   355  C CG1  . ILE A 1 46 ? -4.420  -16.948 -5.300  1.00 10.78 ? 46  ILE A CG1  1 
ATOM   356  C CG2  . ILE A 1 46 ? -2.961  -16.164 -6.853  1.00 5.25  ? 46  ILE A CG2  1 
ATOM   357  C CD1  . ILE A 1 46 ? -5.503  -17.994 -5.234  1.00 16.78 ? 46  ILE A CD1  1 
ATOM   358  N N    . VAL A 1 47 ? -4.296  -13.157 -5.014  1.00 12.33 ? 47  VAL A N    1 
ATOM   359  C CA   . VAL A 1 47 ? -3.481  -11.929 -4.956  1.00 12.08 ? 47  VAL A CA   1 
ATOM   360  C C    . VAL A 1 47 ? -2.484  -12.210 -3.844  1.00 12.01 ? 47  VAL A C    1 
ATOM   361  O O    . VAL A 1 47 ? -2.773  -12.924 -2.865  1.00 12.97 ? 47  VAL A O    1 
ATOM   362  C CB   . VAL A 1 47 ? -4.184  -10.599 -4.557  1.00 13.41 ? 47  VAL A CB   1 
ATOM   363  C CG1  . VAL A 1 47 ? -4.802  -9.963  -5.796  1.00 14.66 ? 47  VAL A CG1  1 
ATOM   364  C CG2  . VAL A 1 47 ? -5.214  -10.822 -3.471  1.00 15.61 ? 47  VAL A CG2  1 
ATOM   365  N N    . GLY A 1 48 ? -1.285  -11.685 -3.929  1.00 12.60 ? 48  GLY A N    1 
ATOM   366  C CA   . GLY A 1 48 ? -0.284  -11.989 -2.931  1.00 13.42 ? 48  GLY A CA   1 
ATOM   367  C C    . GLY A 1 48 ? 0.364   -10.743 -2.367  1.00 14.03 ? 48  GLY A C    1 
ATOM   368  O O    . GLY A 1 48 ? 0.131   -9.648  -2.865  1.00 14.84 ? 48  GLY A O    1 
ATOM   369  N N    . GLY A 1 49 ? 1.188   -10.878 -1.341  1.00 14.54 ? 49  GLY A N    1 
ATOM   370  C CA   . GLY A 1 49 ? 1.877   -9.769  -0.717  1.00 13.34 ? 49  GLY A CA   1 
ATOM   371  C C    . GLY A 1 49 ? 2.778   -10.299 0.382   1.00 12.97 ? 49  GLY A C    1 
ATOM   372  O O    . GLY A 1 49 ? 3.315   -11.402 0.288   1.00 13.62 ? 49  GLY A O    1 
ATOM   373  N N    . ILE A 1 50 ? 3.002   -9.499  1.417   1.00 13.72 ? 50  ILE A N    1 
ATOM   374  C CA   . ILE A 1 50 ? 3.798   -9.838  2.606   1.00 13.74 ? 50  ILE A CA   1 
ATOM   375  C C    . ILE A 1 50 ? 2.997   -10.953 3.217   1.00 14.17 ? 50  ILE A C    1 
ATOM   376  O O    . ILE A 1 50 ? 1.787   -10.745 3.360   1.00 14.99 ? 50  ILE A O    1 
ATOM   377  C CB   . ILE A 1 50 ? 3.852   -8.590  3.601   1.00 15.78 ? 50  ILE A CB   1 
ATOM   378  C CG1  . ILE A 1 50 ? 4.905   -7.632  3.072   1.00 15.35 ? 50  ILE A CG1  1 
ATOM   379  C CG2  . ILE A 1 50 ? 4.070   -9.010  5.082   1.00 13.83 ? 50  ILE A CG2  1 
ATOM   380  C CD1  . ILE A 1 50 ? 6.296   -8.077  3.514   1.00 18.44 ? 50  ILE A CD1  1 
ATOM   381  N N    . GLY A 1 51 ? 3.559   -12.087 3.587   1.00 13.20 ? 51  GLY A N    1 
ATOM   382  C CA   . GLY A 1 51 ? 2.702   -13.042 4.264   1.00 12.64 ? 51  GLY A CA   1 
ATOM   383  C C    . GLY A 1 51 ? 2.281   -14.129 3.314   1.00 13.71 ? 51  GLY A C    1 
ATOM   384  O O    . GLY A 1 51 ? 2.354   -15.292 3.699   1.00 15.74 ? 51  GLY A O    1 
ATOM   385  N N    . GLY A 1 52 ? 1.871   -13.854 2.084   1.00 14.20 ? 52  GLY A N    1 
ATOM   386  C CA   . GLY A 1 52 ? 1.631   -14.928 1.134   1.00 12.41 ? 52  GLY A CA   1 
ATOM   387  C C    . GLY A 1 52 ? 0.582   -14.496 0.159   1.00 12.37 ? 52  GLY A C    1 
ATOM   388  O O    . GLY A 1 52 ? 0.550   -13.326 -0.224  1.00 13.19 ? 52  GLY A O    1 
ATOM   389  N N    . PHE A 1 53 ? -0.263  -15.419 -0.249  1.00 9.60  ? 53  PHE A N    1 
ATOM   390  C CA   . PHE A 1 53 ? -1.297  -15.083 -1.201  1.00 9.21  ? 53  PHE A CA   1 
ATOM   391  C C    . PHE A 1 53 ? -2.641  -15.478 -0.605  1.00 9.74  ? 53  PHE A C    1 
ATOM   392  O O    . PHE A 1 53 ? -2.668  -16.261 0.353   1.00 10.22 ? 53  PHE A O    1 
ATOM   393  C CB   . PHE A 1 53 ? -1.084  -15.839 -2.536  1.00 7.11  ? 53  PHE A CB   1 
ATOM   394  C CG   . PHE A 1 53 ? -1.370  -17.328 -2.556  1.00 5.09  ? 53  PHE A CG   1 
ATOM   395  C CD1  . PHE A 1 53 ? -2.646  -17.774 -2.843  1.00 4.31  ? 53  PHE A CD1  1 
ATOM   396  C CD2  . PHE A 1 53 ? -0.358  -18.234 -2.296  1.00 6.22  ? 53  PHE A CD2  1 
ATOM   397  C CE1  . PHE A 1 53 ? -2.922  -19.135 -2.886  1.00 8.31  ? 53  PHE A CE1  1 
ATOM   398  C CE2  . PHE A 1 53 ? -0.620  -19.599 -2.331  1.00 7.18  ? 53  PHE A CE2  1 
ATOM   399  C CZ   . PHE A 1 53 ? -1.902  -20.065 -2.628  1.00 8.85  ? 53  PHE A CZ   1 
ATOM   400  N N    . ILE A 1 54 ? -3.757  -14.943 -1.090  1.00 9.90  ? 54  ILE A N    1 
ATOM   401  C CA   . ILE A 1 54 ? -5.074  -15.319 -0.578  1.00 9.49  ? 54  ILE A CA   1 
ATOM   402  C C    . ILE A 1 54 ? -5.894  -15.520 -1.822  1.00 10.21 ? 54  ILE A C    1 
ATOM   403  O O    . ILE A 1 54 ? -5.508  -15.067 -2.918  1.00 13.79 ? 54  ILE A O    1 
ATOM   404  C CB   . ILE A 1 54 ? -5.804  -14.253 0.301   1.00 7.07  ? 54  ILE A CB   1 
ATOM   405  C CG1  . ILE A 1 54 ? -5.777  -12.865 -0.245  1.00 5.05  ? 54  ILE A CG1  1 
ATOM   406  C CG2  . ILE A 1 54 ? -5.131  -14.320 1.656   1.00 8.94  ? 54  ILE A CG2  1 
ATOM   407  C CD1  . ILE A 1 54 ? -6.844  -12.002 0.433   1.00 2.60  ? 54  ILE A CD1  1 
ATOM   408  N N    . ASN A 1 55 ? -7.021  -16.192 -1.671  1.00 10.74 ? 55  ASN A N    1 
ATOM   409  C CA   . ASN A 1 55 ? -7.929  -16.464 -2.784  1.00 9.96  ? 55  ASN A CA   1 
ATOM   410  C C    . ASN A 1 55 ? -8.947  -15.366 -2.779  1.00 8.40  ? 55  ASN A C    1 
ATOM   411  O O    . ASN A 1 55 ? -9.389  -14.970 -1.713  1.00 8.67  ? 55  ASN A O    1 
ATOM   412  C CB   . ASN A 1 55 ? -8.671  -17.757 -2.616  1.00 13.40 ? 55  ASN A CB   1 
ATOM   413  C CG   . ASN A 1 55 ? -7.719  -18.909 -2.412  1.00 16.22 ? 55  ASN A CG   1 
ATOM   414  O OD1  . ASN A 1 55 ? -7.377  -19.213 -1.269  1.00 22.48 ? 55  ASN A OD1  1 
ATOM   415  N ND2  . ASN A 1 55 ? -7.225  -19.585 -3.432  1.00 15.32 ? 55  ASN A ND2  1 
ATOM   416  N N    . THR A 1 56 ? -9.341  -14.832 -3.904  1.00 8.13  ? 56  THR A N    1 
ATOM   417  C CA   . THR A 1 56 ? -10.308 -13.767 -3.916  1.00 8.17  ? 56  THR A CA   1 
ATOM   418  C C    . THR A 1 56 ? -11.384 -14.060 -4.938  1.00 7.32  ? 56  THR A C    1 
ATOM   419  O O    . THR A 1 56 ? -11.235 -14.899 -5.833  1.00 6.96  ? 56  THR A O    1 
ATOM   420  C CB   . THR A 1 56 ? -9.600  -12.413 -4.267  1.00 9.43  ? 56  THR A CB   1 
ATOM   421  O OG1  . THR A 1 56 ? -9.089  -12.486 -5.609  1.00 6.17  ? 56  THR A OG1  1 
ATOM   422  C CG2  . THR A 1 56 ? -8.475  -12.086 -3.244  1.00 9.58  ? 56  THR A CG2  1 
ATOM   423  N N    . LYS A 1 57 ? -12.475 -13.353 -4.771  1.00 6.33  ? 57  LYS A N    1 
ATOM   424  C CA   . LYS A 1 57 ? -13.603 -13.448 -5.656  1.00 5.69  ? 57  LYS A CA   1 
ATOM   425  C C    . LYS A 1 57 ? -13.634 -12.051 -6.288  1.00 6.07  ? 57  LYS A C    1 
ATOM   426  O O    . LYS A 1 57 ? -13.699 -11.021 -5.604  1.00 4.33  ? 57  LYS A O    1 
ATOM   427  C CB   . LYS A 1 57 ? -14.829 -13.787 -4.818  1.00 7.52  ? 57  LYS A CB   1 
ATOM   428  C CG   . LYS A 1 57 ? -14.912 -15.259 -4.338  1.00 7.71  ? 57  LYS A CG   1 
ATOM   429  C CD   . LYS A 1 57 ? -16.076 -15.294 -3.384  1.00 10.71 ? 57  LYS A CD   1 
ATOM   430  C CE   . LYS A 1 57 ? -17.013 -16.500 -3.363  1.00 15.62 ? 57  LYS A CE   1 
ATOM   431  N NZ   . LYS A 1 57 ? -16.568 -17.656 -2.573  1.00 18.60 ? 57  LYS A NZ   1 
ATOM   432  N N    . GLU A 1 58 ? -13.402 -12.009 -7.598  1.00 6.23  ? 58  GLU A N    1 
ATOM   433  C CA   . GLU A 1 58 ? -13.384 -10.804 -8.415  1.00 6.93  ? 58  GLU A CA   1 
ATOM   434  C C    . GLU A 1 58 ? -14.721 -10.463 -9.091  1.00 7.49  ? 58  GLU A C    1 
ATOM   435  O O    . GLU A 1 58 ? -15.330 -11.204 -9.874  1.00 6.76  ? 58  GLU A O    1 
ATOM   436  C CB   . GLU A 1 58 ? -12.325 -10.914 -9.519  1.00 8.39  ? 58  GLU A CB   1 
ATOM   437  C CG   . GLU A 1 58 ? -12.162 -9.577  -10.250 1.00 7.94  ? 58  GLU A CG   1 
ATOM   438  C CD   . GLU A 1 58 ? -11.225 -9.636  -11.442 1.00 12.01 ? 58  GLU A CD   1 
ATOM   439  O OE1  . GLU A 1 58 ? -11.602 -10.239 -12.455 1.00 13.02 ? 58  GLU A OE1  1 
ATOM   440  O OE2  . GLU A 1 58 ? -10.130 -9.064  -11.367 1.00 12.13 ? 58  GLU A OE2  1 
ATOM   441  N N    . TYR A 1 59 ? -15.124 -9.243  -8.847  1.00 8.10  ? 59  TYR A N    1 
ATOM   442  C CA   . TYR A 1 59 ? -16.351 -8.698  -9.370  1.00 8.92  ? 59  TYR A CA   1 
ATOM   443  C C    . TYR A 1 59 ? -16.094 -7.482  -10.241 1.00 8.94  ? 59  TYR A C    1 
ATOM   444  O O    . TYR A 1 59 ? -15.174 -6.680  -10.058 1.00 9.59  ? 59  TYR A O    1 
ATOM   445  C CB   . TYR A 1 59 ? -17.272 -8.292  -8.250  1.00 8.13  ? 59  TYR A CB   1 
ATOM   446  C CG   . TYR A 1 59 ? -17.709 -9.452  -7.407  1.00 8.01  ? 59  TYR A CG   1 
ATOM   447  C CD1  . TYR A 1 59 ? -16.943 -9.835  -6.325  1.00 7.20  ? 59  TYR A CD1  1 
ATOM   448  C CD2  . TYR A 1 59 ? -18.917 -10.032 -7.688  1.00 8.02  ? 59  TYR A CD2  1 
ATOM   449  C CE1  . TYR A 1 59 ? -17.385 -10.801 -5.479  1.00 5.19  ? 59  TYR A CE1  1 
ATOM   450  C CE2  . TYR A 1 59 ? -19.372 -11.007 -6.839  1.00 9.79  ? 59  TYR A CE2  1 
ATOM   451  C CZ   . TYR A 1 59 ? -18.605 -11.367 -5.742  1.00 9.83  ? 59  TYR A CZ   1 
ATOM   452  O OH   . TYR A 1 59 ? -19.140 -12.259 -4.839  1.00 11.25 ? 59  TYR A OH   1 
ATOM   453  N N    . LYS A 1 60 ? -16.948 -7.410  -11.246 1.00 8.36  ? 60  LYS A N    1 
ATOM   454  C CA   . LYS A 1 60 ? -16.871 -6.338  -12.188 1.00 7.65  ? 60  LYS A CA   1 
ATOM   455  C C    . LYS A 1 60 ? -18.136 -5.526  -12.131 1.00 7.25  ? 60  LYS A C    1 
ATOM   456  O O    . LYS A 1 60 ? -19.203 -5.989  -11.718 1.00 6.55  ? 60  LYS A O    1 
ATOM   457  C CB   . LYS A 1 60 ? -16.745 -6.879  -13.610 1.00 9.14  ? 60  LYS A CB   1 
ATOM   458  C CG   . LYS A 1 60 ? -15.710 -7.887  -13.965 1.00 6.93  ? 60  LYS A CG   1 
ATOM   459  C CD   . LYS A 1 60 ? -14.394 -7.390  -13.535 1.00 8.03  ? 60  LYS A CD   1 
ATOM   460  C CE   . LYS A 1 60 ? -13.496 -7.704  -14.688 1.00 9.70  ? 60  LYS A CE   1 
ATOM   461  N NZ   . LYS A 1 60 ? -13.706 -6.741  -15.739 1.00 13.48 ? 60  LYS A NZ   1 
ATOM   462  N N    . ASN A 1 61 ? -17.980 -4.310  -12.611 1.00 6.57  ? 61  ASN A N    1 
ATOM   463  C CA   . ASN A 1 61 ? -19.087 -3.385  -12.697 1.00 8.44  ? 61  ASN A CA   1 
ATOM   464  C C    . ASN A 1 61 ? -19.721 -3.073  -11.377 1.00 8.20  ? 61  ASN A C    1 
ATOM   465  O O    . ASN A 1 61 ? -20.938 -3.038  -11.223 1.00 8.50  ? 61  ASN A O    1 
ATOM   466  C CB   . ASN A 1 61 ? -20.094 -4.004  -13.622 1.00 10.73 ? 61  ASN A CB   1 
ATOM   467  C CG   . ASN A 1 61 ? -20.455 -3.004  -14.630 1.00 15.07 ? 61  ASN A CG   1 
ATOM   468  O OD1  . ASN A 1 61 ? -21.319 -2.144  -14.487 1.00 18.61 ? 61  ASN A OD1  1 
ATOM   469  N ND2  . ASN A 1 61 ? -19.708 -3.113  -15.706 1.00 18.72 ? 61  ASN A ND2  1 
ATOM   470  N N    . VAL A 1 62 ? -18.868 -2.969  -10.362 1.00 9.63  ? 62  VAL A N    1 
ATOM   471  C CA   . VAL A 1 62 ? -19.316 -2.686  -9.014  1.00 7.44  ? 62  VAL A CA   1 
ATOM   472  C C    . VAL A 1 62 ? -19.446 -1.206  -8.821  1.00 7.72  ? 62  VAL A C    1 
ATOM   473  O O    . VAL A 1 62 ? -18.579 -0.423  -9.165  1.00 8.74  ? 62  VAL A O    1 
ATOM   474  C CB   . VAL A 1 62 ? -18.334 -3.293  -8.017  1.00 6.73  ? 62  VAL A CB   1 
ATOM   475  C CG1  . VAL A 1 62 ? -18.858 -3.010  -6.625  1.00 6.00  ? 62  VAL A CG1  1 
ATOM   476  C CG2  . VAL A 1 62 ? -18.183 -4.821  -8.234  1.00 6.85  ? 62  VAL A CG2  1 
ATOM   477  N N    . LYS A 1 63 ? -20.633 -0.874  -8.385  1.00 8.05  ? 63  LYS A N    1 
ATOM   478  C CA   . LYS A 1 63 ? -21.011 0.478   -8.106  1.00 9.63  ? 63  LYS A CA   1 
ATOM   479  C C    . LYS A 1 63 ? -20.443 1.011   -6.811  1.00 8.91  ? 63  LYS A C    1 
ATOM   480  O O    . LYS A 1 63 ? -20.809 0.519   -5.751  1.00 8.06  ? 63  LYS A O    1 
ATOM   481  C CB   . LYS A 1 63 ? -22.498 0.575   -8.000  1.00 10.73 ? 63  LYS A CB   1 
ATOM   482  C CG   . LYS A 1 63 ? -23.112 0.674   -9.351  1.00 14.47 ? 63  LYS A CG   1 
ATOM   483  C CD   . LYS A 1 63 ? -24.590 0.796   -9.119  1.00 17.76 ? 63  LYS A CD   1 
ATOM   484  C CE   . LYS A 1 63 ? -25.250 -0.568  -8.889  1.00 21.67 ? 63  LYS A CE   1 
ATOM   485  N NZ   . LYS A 1 63 ? -25.363 -1.250  -10.183 1.00 22.23 ? 63  LYS A NZ   1 
ATOM   486  N N    . ILE A 1 64 ? -19.596 2.016   -6.844  1.00 9.38  ? 64  ILE A N    1 
ATOM   487  C CA   . ILE A 1 64 ? -19.025 2.585   -5.637  1.00 9.88  ? 64  ILE A CA   1 
ATOM   488  C C    . ILE A 1 64 ? -19.082 4.108   -5.625  1.00 9.11  ? 64  ILE A C    1 
ATOM   489  O O    . ILE A 1 64 ? -18.908 4.754   -6.642  1.00 10.08 ? 64  ILE A O    1 
ATOM   490  C CB   . ILE A 1 64 ? -17.506 1.987   -5.420  1.00 11.11 ? 64  ILE A CB   1 
ATOM   491  C CG1  . ILE A 1 64 ? -16.626 3.106   -4.921  1.00 9.55  ? 64  ILE A CG1  1 
ATOM   492  C CG2  . ILE A 1 64 ? -16.916 1.267   -6.643  1.00 9.82  ? 64  ILE A CG2  1 
ATOM   493  C CD1  . ILE A 1 64 ? -16.895 3.112   -3.407  1.00 13.31 ? 64  ILE A CD1  1 
ATOM   494  N N    . GLU A 1 65 ? -19.375 4.696   -4.477  1.00 10.34 ? 65  GLU A N    1 
ATOM   495  C CA   . GLU A 1 65 ? -19.444 6.157   -4.292  1.00 11.92 ? 65  GLU A CA   1 
ATOM   496  C C    . GLU A 1 65 ? -18.358 6.382   -3.234  1.00 12.57 ? 65  GLU A C    1 
ATOM   497  O O    . GLU A 1 65 ? -18.443 5.784   -2.141  1.00 14.53 ? 65  GLU A O    1 
ATOM   498  C CB   . GLU A 1 65 ? -20.786 6.644   -3.698  1.00 14.31 ? 65  GLU A CB   1 
ATOM   499  C CG   . GLU A 1 65 ? -22.064 6.110   -4.314  1.00 15.90 ? 65  GLU A CG   1 
ATOM   500  C CD   . GLU A 1 65 ? -23.316 6.344   -3.495  1.00 16.20 ? 65  GLU A CD   1 
ATOM   501  O OE1  . GLU A 1 65 ? -23.517 5.789   -2.413  1.00 17.39 ? 65  GLU A OE1  1 
ATOM   502  O OE2  . GLU A 1 65 ? -24.146 7.065   -3.999  1.00 17.85 ? 65  GLU A OE2  1 
ATOM   503  N N    . VAL A 1 66 ? -17.318 7.167   -3.487  1.00 12.05 ? 66  VAL A N    1 
ATOM   504  C CA   . VAL A 1 66 ? -16.208 7.440   -2.572  1.00 11.81 ? 66  VAL A CA   1 
ATOM   505  C C    . VAL A 1 66 ? -15.926 8.930   -2.795  1.00 14.17 ? 66  VAL A C    1 
ATOM   506  O O    . VAL A 1 66 ? -16.159 9.402   -3.920  1.00 13.01 ? 66  VAL A O    1 
ATOM   507  C CB   . VAL A 1 66 ? -14.747 6.931   -2.905  1.00 12.29 ? 66  VAL A CB   1 
ATOM   508  C CG1  . VAL A 1 66 ? -14.137 6.391   -1.644  1.00 9.66  ? 66  VAL A CG1  1 
ATOM   509  C CG2  . VAL A 1 66 ? -14.726 6.035   -4.140  1.00 10.15 ? 66  VAL A CG2  1 
ATOM   510  N N    . LEU A 1 67 ? -15.347 9.649   -1.803  1.00 13.28 ? 67  LEU A N    1 
ATOM   511  C CA   . LEU A 1 67 ? -14.991 11.055  -1.956  1.00 14.85 ? 67  LEU A CA   1 
ATOM   512  C C    . LEU A 1 67 ? -15.913 11.936  -2.818  1.00 15.15 ? 67  LEU A C    1 
ATOM   513  O O    . LEU A 1 67 ? -15.447 12.664  -3.696  1.00 15.58 ? 67  LEU A O    1 
ATOM   514  C CB   . LEU A 1 67 ? -13.544 11.148  -2.571  1.00 15.22 ? 67  LEU A CB   1 
ATOM   515  C CG   . LEU A 1 67 ? -12.150 10.901  -1.942  1.00 15.85 ? 67  LEU A CG   1 
ATOM   516  C CD1  . LEU A 1 67 ? -12.174 11.430  -0.516  1.00 15.35 ? 67  LEU A CD1  1 
ATOM   517  C CD2  . LEU A 1 67 ? -11.770 9.433   -1.990  1.00 14.27 ? 67  LEU A CD2  1 
ATOM   518  N N    . GLY A 1 68 ? -17.233 11.854  -2.699  1.00 16.10 ? 68  GLY A N    1 
ATOM   519  C CA   . GLY A 1 68 ? -18.101 12.665  -3.537  1.00 17.11 ? 68  GLY A CA   1 
ATOM   520  C C    . GLY A 1 68 ? -18.205 12.204  -4.989  1.00 18.06 ? 68  GLY A C    1 
ATOM   521  O O    . GLY A 1 68 ? -18.910 12.877  -5.753  1.00 20.43 ? 68  GLY A O    1 
ATOM   522  N N    . LYS A 1 69 ? -17.546 11.131  -5.432  1.00 17.33 ? 69  LYS A N    1 
ATOM   523  C CA   . LYS A 1 69 ? -17.658 10.618  -6.786  1.00 16.09 ? 69  LYS A CA   1 
ATOM   524  C C    . LYS A 1 69 ? -18.333 9.248   -6.887  1.00 15.38 ? 69  LYS A C    1 
ATOM   525  O O    . LYS A 1 69 ? -18.304 8.435   -5.960  1.00 15.06 ? 69  LYS A O    1 
ATOM   526  C CB   . LYS A 1 69 ? -16.274 10.486  -7.406  1.00 15.20 ? 69  LYS A CB   1 
ATOM   527  C CG   . LYS A 1 69 ? -15.477 11.784  -7.420  1.00 17.88 ? 69  LYS A CG   1 
ATOM   528  C CD   . LYS A 1 69 ? -14.336 11.782  -8.462  1.00 18.63 ? 69  LYS A CD   1 
ATOM   529  C CE   . LYS A 1 69 ? -13.635 13.142  -8.563  1.00 19.38 ? 69  LYS A CE   1 
ATOM   530  N NZ   . LYS A 1 69 ? -12.378 13.035  -9.329  1.00 19.78 ? 69  LYS A NZ   1 
ATOM   531  N N    . ARG A 1 70 ? -18.981 8.942   -8.010  1.00 16.26 ? 70  ARG A N    1 
ATOM   532  C CA   . ARG A 1 70 ? -19.632 7.642   -8.216  1.00 15.00 ? 70  ARG A CA   1 
ATOM   533  C C    . ARG A 1 70 ? -18.837 7.031   -9.356  1.00 14.13 ? 70  ARG A C    1 
ATOM   534  O O    . ARG A 1 70 ? -18.702 7.698   -10.388 1.00 14.39 ? 70  ARG A O    1 
ATOM   535  C CB   . ARG A 1 70 ? -21.013 7.671   -8.755  1.00 15.22 ? 70  ARG A CB   1 
ATOM   536  C CG   . ARG A 1 70 ? -22.056 8.176   -7.841  1.00 16.35 ? 70  ARG A CG   1 
ATOM   537  C CD   . ARG A 1 70 ? -23.374 7.965   -8.583  1.00 17.20 ? 70  ARG A CD   1 
ATOM   538  N NE   . ARG A 1 70 ? -24.277 8.833   -7.869  1.00 20.71 ? 70  ARG A NE   1 
ATOM   539  C CZ   . ARG A 1 70 ? -25.220 8.354   -7.052  1.00 22.69 ? 70  ARG A CZ   1 
ATOM   540  N NH1  . ARG A 1 70 ? -25.393 7.009   -6.894  1.00 21.94 ? 70  ARG A NH1  1 
ATOM   541  N NH2  . ARG A 1 70 ? -25.867 9.251   -6.254  1.00 22.17 ? 70  ARG A NH2  1 
ATOM   542  N N    . ILE A 1 71 ? -18.257 5.848   -9.209  1.00 13.03 ? 71  ILE A N    1 
ATOM   543  C CA   . ILE A 1 71 ? -17.492 5.201   -10.263 1.00 11.74 ? 71  ILE A CA   1 
ATOM   544  C C    . ILE A 1 71 ? -17.941 3.751   -10.308 1.00 10.99 ? 71  ILE A C    1 
ATOM   545  O O    . ILE A 1 71 ? -18.532 3.287   -9.345  1.00 12.84 ? 71  ILE A O    1 
ATOM   546  C CB   . ILE A 1 71 ? -15.973 5.209   -10.014 1.00 11.98 ? 71  ILE A CB   1 
ATOM   547  C CG1  . ILE A 1 71 ? -15.632 4.707   -8.611  1.00 12.71 ? 71  ILE A CG1  1 
ATOM   548  C CG2  . ILE A 1 71 ? -15.458 6.638   -10.256 1.00 10.29 ? 71  ILE A CG2  1 
ATOM   549  C CD1  . ILE A 1 71 ? -14.173 4.199   -8.593  1.00 14.07 ? 71  ILE A CD1  1 
ATOM   550  N N    . LYS A 1 72 ? -17.742 2.994   -11.367 1.00 10.98 ? 72  LYS A N    1 
ATOM   551  C CA   . LYS A 1 72 ? -18.140 1.596   -11.446 1.00 11.65 ? 72  LYS A CA   1 
ATOM   552  C C    . LYS A 1 72 ? -16.753 0.973   -11.489 1.00 11.12 ? 72  LYS A C    1 
ATOM   553  O O    . LYS A 1 72 ? -15.832 1.587   -12.036 1.00 11.10 ? 72  LYS A O    1 
ATOM   554  C CB   . LYS A 1 72 ? -18.866 1.235   -12.728 1.00 13.20 ? 72  LYS A CB   1 
ATOM   555  C CG   . LYS A 1 72 ? -20.115 2.032   -13.164 1.00 16.75 ? 72  LYS A CG   1 
ATOM   556  C CD   . LYS A 1 72 ? -19.942 3.610   -13.364 1.00 20.77 ? 72  LYS A CD   1 
ATOM   557  C CE   . LYS A 1 72 ? -18.832 4.257   -14.311 1.00 22.69 ? 72  LYS A CE   1 
ATOM   558  N NZ   . LYS A 1 72 ? -17.638 4.833   -13.664 1.00 17.50 ? 72  LYS A NZ   1 
ATOM   559  N N    . GLY A 1 73 ? -16.458 -0.188  -10.916 1.00 11.72 ? 73  GLY A N    1 
ATOM   560  C CA   . GLY A 1 73 ? -15.086 -0.670  -10.985 1.00 9.62  ? 73  GLY A CA   1 
ATOM   561  C C    . GLY A 1 73 ? -14.955 -2.093  -10.546 1.00 7.64  ? 73  GLY A C    1 
ATOM   562  O O    . GLY A 1 73 ? -15.964 -2.742  -10.294 1.00 8.70  ? 73  GLY A O    1 
ATOM   563  N N    . THR A 1 74 ? -13.745 -2.566  -10.448 1.00 6.55  ? 74  THR A N    1 
ATOM   564  C CA   . THR A 1 74 ? -13.549 -3.932  -10.094 1.00 9.06  ? 74  THR A CA   1 
ATOM   565  C C    . THR A 1 74 ? -13.177 -4.018  -8.628  1.00 10.18 ? 74  THR A C    1 
ATOM   566  O O    . THR A 1 74 ? -12.366 -3.244  -8.132  1.00 10.49 ? 74  THR A O    1 
ATOM   567  C CB   . THR A 1 74 ? -12.468 -4.469  -11.025 1.00 8.30  ? 74  THR A CB   1 
ATOM   568  O OG1  . THR A 1 74 ? -12.976 -4.141  -12.318 1.00 7.26  ? 74  THR A OG1  1 
ATOM   569  C CG2  . THR A 1 74 ? -12.167 -5.947  -10.907 1.00 4.35  ? 74  THR A CG2  1 
ATOM   570  N N    . ILE A 1 75 ? -13.834 -4.909  -7.901  1.00 10.49 ? 75  ILE A N    1 
ATOM   571  C CA   . ILE A 1 75 ? -13.563 -5.083  -6.499  1.00 11.42 ? 75  ILE A CA   1 
ATOM   572  C C    . ILE A 1 75 ? -13.438 -6.581  -6.336  1.00 10.90 ? 75  ILE A C    1 
ATOM   573  O O    . ILE A 1 75 ? -13.983 -7.353  -7.115  1.00 10.24 ? 75  ILE A O    1 
ATOM   574  C CB   . ILE A 1 75 ? -14.724 -4.452  -5.589  1.00 12.33 ? 75  ILE A CB   1 
ATOM   575  C CG1  . ILE A 1 75 ? -14.194 -3.132  -5.072  1.00 12.95 ? 75  ILE A CG1  1 
ATOM   576  C CG2  . ILE A 1 75 ? -15.047 -5.169  -4.296  1.00 11.51 ? 75  ILE A CG2  1 
ATOM   577  C CD1  . ILE A 1 75 ? -15.175 -2.006  -5.456  1.00 15.34 ? 75  ILE A CD1  1 
ATOM   578  N N    . MET A 1 76 ? -12.570 -6.914  -5.385  1.00 9.39  ? 76  MET A N    1 
ATOM   579  C CA   . MET A 1 76 ? -12.286 -8.253  -5.016  1.00 8.89  ? 76  MET A CA   1 
ATOM   580  C C    . MET A 1 76 ? -12.756 -8.370  -3.584  1.00 9.52  ? 76  MET A C    1 
ATOM   581  O O    . MET A 1 76 ? -12.772 -7.440  -2.791  1.00 9.82  ? 76  MET A O    1 
ATOM   582  C CB   . MET A 1 76 ? -10.831 -8.503  -5.132  1.00 9.81  ? 76  MET A CB   1 
ATOM   583  C CG   . MET A 1 76 ? -10.559 -8.682  -6.619  1.00 11.85 ? 76  MET A CG   1 
ATOM   584  S SD   . MET A 1 76 ? -8.851  -9.197  -6.746  1.00 14.35 ? 76  MET A SD   1 
ATOM   585  C CE   . MET A 1 76 ? -8.526  -9.290  -8.483  1.00 13.84 ? 76  MET A CE   1 
ATOM   586  N N    . THR A 1 77 ? -13.252 -9.531  -3.284  1.00 8.54  ? 77  THR A N    1 
ATOM   587  C CA   . THR A 1 77 ? -13.761 -9.906  -2.006  1.00 9.46  ? 77  THR A CA   1 
ATOM   588  C C    . THR A 1 77 ? -12.801 -10.969 -1.504  1.00 10.57 ? 77  THR A C    1 
ATOM   589  O O    . THR A 1 77 ? -12.300 -11.762 -2.326  1.00 10.71 ? 77  THR A O    1 
ATOM   590  C CB   . THR A 1 77 ? -15.167 -10.391 -2.310  1.00 10.17 ? 77  THR A CB   1 
ATOM   591  O OG1  . THR A 1 77 ? -15.903 -9.170  -2.125  1.00 13.06 ? 77  THR A OG1  1 
ATOM   592  C CG2  . THR A 1 77 ? -15.631 -11.646 -1.597  1.00 6.36  ? 77  THR A CG2  1 
ATOM   593  N N    . GLY A 1 78 ? -12.455 -11.006 -0.219  1.00 10.26 ? 78  GLY A N    1 
ATOM   594  C CA   . GLY A 1 78 ? -11.622 -12.090 0.235   1.00 11.25 ? 78  GLY A CA   1 
ATOM   595  C C    . GLY A 1 78 ? -11.161 -11.784 1.616   1.00 12.49 ? 78  GLY A C    1 
ATOM   596  O O    . GLY A 1 78 ? -11.373 -10.715 2.155   1.00 13.69 ? 78  GLY A O    1 
ATOM   597  N N    . ASP A 1 79 ? -10.664 -12.848 2.190   1.00 14.95 ? 79  ASP A N    1 
ATOM   598  C CA   . ASP A 1 79 ? -10.020 -12.963 3.497   1.00 16.97 ? 79  ASP A CA   1 
ATOM   599  C C    . ASP A 1 79 ? -9.023  -11.790 3.725   1.00 16.58 ? 79  ASP A C    1 
ATOM   600  O O    . ASP A 1 79 ? -7.822  -12.084 3.759   1.00 17.73 ? 79  ASP A O    1 
ATOM   601  C CB   . ASP A 1 79 ? -9.332  -14.419 3.506   1.00 22.02 ? 79  ASP A CB   1 
ATOM   602  C CG   . ASP A 1 79 ? -8.866  -15.201 2.169   1.00 26.55 ? 79  ASP A CG   1 
ATOM   603  O OD1  . ASP A 1 79 ? -9.230  -14.830 1.015   1.00 24.30 ? 79  ASP A OD1  1 
ATOM   604  O OD2  . ASP A 1 79 ? -8.128  -16.228 2.280   1.00 24.95 ? 79  ASP A OD2  1 
ATOM   605  N N    . THR A 1 80 ? -9.386  -10.489 3.865   1.00 14.02 ? 80  THR A N    1 
ATOM   606  C CA   . THR A 1 80 ? -8.416  -9.430  4.047   1.00 11.51 ? 80  THR A CA   1 
ATOM   607  C C    . THR A 1 80 ? -8.596  -8.774  5.408   1.00 11.83 ? 80  THR A C    1 
ATOM   608  O O    . THR A 1 80 ? -9.724  -8.418  5.781   1.00 11.93 ? 80  THR A O    1 
ATOM   609  C CB   . THR A 1 80 ? -8.546  -8.364  2.859   1.00 12.38 ? 80  THR A CB   1 
ATOM   610  O OG1  . THR A 1 80 ? -7.460  -7.467  3.046   1.00 11.90 ? 80  THR A OG1  1 
ATOM   611  C CG2  . THR A 1 80 ? -9.808  -7.525  2.808   1.00 11.31 ? 80  THR A CG2  1 
ATOM   612  N N    . PRO A 1 81 ? -7.490  -8.566  6.163   1.00 10.78 ? 81  PRO A N    1 
ATOM   613  C CA   . PRO A 1 81 ? -7.469  -7.856  7.451   1.00 9.59  ? 81  PRO A CA   1 
ATOM   614  C C    . PRO A 1 81 ? -7.939  -6.410  7.430   1.00 11.32 ? 81  PRO A C    1 
ATOM   615  O O    . PRO A 1 81 ? -8.379  -5.906  8.461   1.00 10.56 ? 81  PRO A O    1 
ATOM   616  C CB   . PRO A 1 81 ? -6.061  -7.958  7.919   1.00 8.54  ? 81  PRO A CB   1 
ATOM   617  C CG   . PRO A 1 81 ? -5.265  -8.082  6.633   1.00 9.61  ? 81  PRO A CG   1 
ATOM   618  C CD   . PRO A 1 81 ? -6.142  -8.968  5.766   1.00 9.67  ? 81  PRO A CD   1 
ATOM   619  N N    . ILE A 1 82 ? -7.878  -5.745  6.255   1.00 12.80 ? 82  ILE A N    1 
ATOM   620  C CA   . ILE A 1 82 ? -8.285  -4.365  6.071   1.00 13.14 ? 82  ILE A CA   1 
ATOM   621  C C    . ILE A 1 82 ? -8.872  -4.178  4.670   1.00 13.73 ? 82  ILE A C    1 
ATOM   622  O O    . ILE A 1 82 ? -8.425  -4.905  3.778   1.00 14.98 ? 82  ILE A O    1 
ATOM   623  C CB   . ILE A 1 82 ? -7.036  -3.575  6.318   1.00 15.39 ? 82  ILE A CB   1 
ATOM   624  C CG1  . ILE A 1 82 ? -7.370  -2.126  6.382   1.00 15.42 ? 82  ILE A CG1  1 
ATOM   625  C CG2  . ILE A 1 82 ? -6.034  -3.882  5.216   1.00 15.79 ? 82  ILE A CG2  1 
ATOM   626  C CD1  . ILE A 1 82 ? -6.086  -1.391  6.825   1.00 21.65 ? 82  ILE A CD1  1 
ATOM   627  N N    . ASN A 1 83 ? -9.833  -3.272  4.387   1.00 12.75 ? 83  ASN A N    1 
ATOM   628  C CA   . ASN A 1 83 ? -10.383 -3.132  3.027   1.00 10.53 ? 83  ASN A CA   1 
ATOM   629  C C    . ASN A 1 83 ? -9.460  -2.179  2.310   1.00 11.03 ? 83  ASN A C    1 
ATOM   630  O O    . ASN A 1 83 ? -9.113  -1.113  2.831   1.00 10.67 ? 83  ASN A O    1 
ATOM   631  C CB   . ASN A 1 83 ? -11.759 -2.551  3.015   1.00 11.07 ? 83  ASN A CB   1 
ATOM   632  C CG   . ASN A 1 83 ? -12.746 -3.393  3.812   1.00 14.34 ? 83  ASN A CG   1 
ATOM   633  O OD1  . ASN A 1 83 ? -12.703 -4.630  3.849   1.00 15.11 ? 83  ASN A OD1  1 
ATOM   634  N ND2  . ASN A 1 83 ? -13.652 -2.753  4.534   1.00 14.27 ? 83  ASN A ND2  1 
ATOM   635  N N    . ILE A 1 84 ? -9.064  -2.560  1.105   1.00 8.58  ? 84  ILE A N    1 
ATOM   636  C CA   . ILE A 1 84 ? -8.149  -1.803  0.288   1.00 6.08  ? 84  ILE A CA   1 
ATOM   637  C C    . ILE A 1 84 ? -8.694  -1.321  -1.028  1.00 4.86  ? 84  ILE A C    1 
ATOM   638  O O    . ILE A 1 84 ? -9.348  -2.068  -1.734  1.00 6.82  ? 84  ILE A O    1 
ATOM   639  C CB   . ILE A 1 84 ? -6.929  -2.734  0.078   1.00 7.10  ? 84  ILE A CB   1 
ATOM   640  C CG1  . ILE A 1 84 ? -6.215  -2.960  1.384   1.00 3.58  ? 84  ILE A CG1  1 
ATOM   641  C CG2  . ILE A 1 84 ? -6.024  -2.174  -1.021  1.00 10.10 ? 84  ILE A CG2  1 
ATOM   642  C CD1  . ILE A 1 84 ? -5.274  -4.119  1.224   1.00 4.95  ? 84  ILE A CD1  1 
ATOM   643  N N    . PHE A 1 85 ? -8.400  -0.094  -1.378  1.00 5.14  ? 85  PHE A N    1 
ATOM   644  C CA   . PHE A 1 85 ? -8.809  0.503   -2.616  1.00 3.28  ? 85  PHE A CA   1 
ATOM   645  C C    . PHE A 1 85 ? -7.430  0.741   -3.212  1.00 4.13  ? 85  PHE A C    1 
ATOM   646  O O    . PHE A 1 85 ? -6.644  1.569   -2.736  1.00 4.01  ? 85  PHE A O    1 
ATOM   647  C CB   . PHE A 1 85 ? -9.569  1.808   -2.416  1.00 4.06  ? 85  PHE A CB   1 
ATOM   648  C CG   . PHE A 1 85 ? -11.103 1.679   -2.457  1.00 5.91  ? 85  PHE A CG   1 
ATOM   649  C CD1  . PHE A 1 85 ? -11.749 0.498   -2.107  1.00 5.17  ? 85  PHE A CD1  1 
ATOM   650  C CD2  . PHE A 1 85 ? -11.873 2.760   -2.849  1.00 5.31  ? 85  PHE A CD2  1 
ATOM   651  C CE1  . PHE A 1 85 ? -13.127 0.409   -2.145  1.00 7.71  ? 85  PHE A CE1  1 
ATOM   652  C CE2  . PHE A 1 85 ? -13.262 2.654   -2.882  1.00 7.56  ? 85  PHE A CE2  1 
ATOM   653  C CZ   . PHE A 1 85 ? -13.902 1.486   -2.536  1.00 6.56  ? 85  PHE A CZ   1 
ATOM   654  N N    . GLY A 1 86 ? -7.141  -0.115  -4.196  1.00 2.39  ? 86  GLY A N    1 
ATOM   655  C CA   . GLY A 1 86 ? -5.898  -0.138  -4.918  1.00 2.01  ? 86  GLY A CA   1 
ATOM   656  C C    . GLY A 1 86 ? -5.865  0.821   -6.085  1.00 2.05  ? 86  GLY A C    1 
ATOM   657  O O    . GLY A 1 86 ? -6.807  1.541   -6.365  1.00 2.42  ? 86  GLY A O    1 
ATOM   658  N N    . ARG A 1 87 ? -4.788  0.755   -6.846  1.00 3.93  ? 87  ARG A N    1 
ATOM   659  C CA   . ARG A 1 87 ? -4.476  1.647   -7.935  1.00 5.24  ? 87  ARG A CA   1 
ATOM   660  C C    . ARG A 1 87 ? -5.512  1.695   -9.042  1.00 7.78  ? 87  ARG A C    1 
ATOM   661  O O    . ARG A 1 87 ? -5.758  2.742   -9.664  1.00 6.39  ? 87  ARG A O    1 
ATOM   662  C CB   . ARG A 1 87 ? -3.134  1.265   -8.485  1.00 5.17  ? 87  ARG A CB   1 
ATOM   663  C CG   . ARG A 1 87 ? -2.000  1.860   -7.662  1.00 6.66  ? 87  ARG A CG   1 
ATOM   664  C CD   . ARG A 1 87 ? -0.648  1.762   -8.349  1.00 6.74  ? 87  ARG A CD   1 
ATOM   665  N NE   . ARG A 1 87 ? -0.421  0.379   -8.728  1.00 8.31  ? 87  ARG A NE   1 
ATOM   666  C CZ   . ARG A 1 87 ? -0.384  0.024   -10.014 1.00 10.98 ? 87  ARG A CZ   1 
ATOM   667  N NH1  . ARG A 1 87 ? -0.547  0.949   -10.966 1.00 11.05 ? 87  ARG A NH1  1 
ATOM   668  N NH2  . ARG A 1 87 ? -0.192  -1.246  -10.356 1.00 6.12  ? 87  ARG A NH2  1 
ATOM   669  N N    . ASN A 1 88 ? -6.187  0.562   -9.258  1.00 7.98  ? 88  ASN A N    1 
ATOM   670  C CA   . ASN A 1 88 ? -7.224  0.543   -10.286 1.00 9.18  ? 88  ASN A CA   1 
ATOM   671  C C    . ASN A 1 88 ? -8.372  1.531   -9.947  1.00 8.90  ? 88  ASN A C    1 
ATOM   672  O O    . ASN A 1 88 ? -8.902  2.192   -10.828 1.00 11.78 ? 88  ASN A O    1 
ATOM   673  C CB   . ASN A 1 88 ? -7.797  -0.867  -10.451 1.00 7.90  ? 88  ASN A CB   1 
ATOM   674  C CG   . ASN A 1 88 ? -8.692  -1.310  -9.321  1.00 11.08 ? 88  ASN A CG   1 
ATOM   675  O OD1  . ASN A 1 88 ? -9.892  -1.529  -9.506  1.00 13.97 ? 88  ASN A OD1  1 
ATOM   676  N ND2  . ASN A 1 88 ? -8.126  -1.461  -8.129  1.00 8.57  ? 88  ASN A ND2  1 
ATOM   677  N N    . LEU A 1 89 ? -8.755  1.716   -8.688  1.00 8.11  ? 89  LEU A N    1 
ATOM   678  C CA   . LEU A 1 89 ? -9.822  2.634   -8.357  1.00 8.35  ? 89  LEU A CA   1 
ATOM   679  C C    . LEU A 1 89 ? -9.218  3.999   -8.128  1.00 10.16 ? 89  LEU A C    1 
ATOM   680  O O    . LEU A 1 89 ? -9.890  4.974   -8.463  1.00 13.49 ? 89  LEU A O    1 
ATOM   681  C CB   . LEU A 1 89 ? -10.592 2.209   -7.088  1.00 5.61  ? 89  LEU A CB   1 
ATOM   682  C CG   . LEU A 1 89 ? -11.287 0.832   -7.185  1.00 6.60  ? 89  LEU A CG   1 
ATOM   683  C CD1  . LEU A 1 89 ? -11.920 0.558   -5.851  1.00 3.35  ? 89  LEU A CD1  1 
ATOM   684  C CD2  . LEU A 1 89 ? -12.281 0.774   -8.371  1.00 4.64  ? 89  LEU A CD2  1 
ATOM   685  N N    . LEU A 1 90 ? -7.979  4.136   -7.630  1.00 9.01  ? 90  LEU A N    1 
ATOM   686  C CA   . LEU A 1 90 ? -7.388  5.448   -7.395  1.00 8.29  ? 90  LEU A CA   1 
ATOM   687  C C    . LEU A 1 90 ? -7.165  6.110   -8.752  1.00 9.77  ? 90  LEU A C    1 
ATOM   688  O O    . LEU A 1 90 ? -7.243  7.342   -8.825  1.00 9.71  ? 90  LEU A O    1 
ATOM   689  C CB   . LEU A 1 90 ? -6.045  5.333   -6.593  1.00 5.52  ? 90  LEU A CB   1 
ATOM   690  C CG   . LEU A 1 90 ? -6.074  4.539   -5.278  1.00 5.16  ? 90  LEU A CG   1 
ATOM   691  C CD1  . LEU A 1 90 ? -4.691  4.387   -4.727  1.00 5.74  ? 90  LEU A CD1  1 
ATOM   692  C CD2  . LEU A 1 90 ? -6.966  5.217   -4.288  1.00 6.10  ? 90  LEU A CD2  1 
ATOM   693  N N    . THR A 1 91 ? -6.898  5.365   -9.844  1.00 10.26 ? 91  THR A N    1 
ATOM   694  C CA   . THR A 1 91 ? -6.732  6.036   -11.126 1.00 11.20 ? 91  THR A CA   1 
ATOM   695  C C    . THR A 1 91 ? -8.138  6.494   -11.576 1.00 10.79 ? 91  THR A C    1 
ATOM   696  O O    . THR A 1 91 ? -8.321  7.656   -11.933 1.00 9.26  ? 91  THR A O    1 
ATOM   697  C CB   . THR A 1 91 ? -6.052  5.093   -12.159 1.00 8.62  ? 91  THR A CB   1 
ATOM   698  O OG1  . THR A 1 91 ? -6.481  3.756   -12.115 1.00 10.77 ? 91  THR A OG1  1 
ATOM   699  C CG2  . THR A 1 91 ? -4.604  5.101   -11.822 1.00 10.27 ? 91  THR A CG2  1 
ATOM   700  N N    . ALA A 1 92 ? -9.164  5.660   -11.416 1.00 10.64 ? 92  ALA A N    1 
ATOM   701  C CA   . ALA A 1 92 ? -10.524 5.997   -11.776 1.00 12.63 ? 92  ALA A CA   1 
ATOM   702  C C    . ALA A 1 92 ? -10.938 7.281   -11.041 1.00 13.88 ? 92  ALA A C    1 
ATOM   703  O O    . ALA A 1 92 ? -11.708 8.064   -11.584 1.00 16.08 ? 92  ALA A O    1 
ATOM   704  C CB   . ALA A 1 92 ? -11.442 4.858   -11.386 1.00 13.19 ? 92  ALA A CB   1 
ATOM   705  N N    . LEU A 1 93 ? -10.482 7.571   -9.817  1.00 14.83 ? 93  LEU A N    1 
ATOM   706  C CA   . LEU A 1 93 ? -10.827 8.811   -9.092  1.00 14.52 ? 93  LEU A CA   1 
ATOM   707  C C    . LEU A 1 93 ? -9.895  9.988   -9.481  1.00 13.98 ? 93  LEU A C    1 
ATOM   708  O O    . LEU A 1 93 ? -10.071 11.122  -9.067  1.00 13.40 ? 93  LEU A O    1 
ATOM   709  C CB   . LEU A 1 93 ? -10.672 8.654   -7.600  1.00 14.28 ? 93  LEU A CB   1 
ATOM   710  C CG   . LEU A 1 93 ? -11.698 8.132   -6.619  1.00 15.87 ? 93  LEU A CG   1 
ATOM   711  C CD1  . LEU A 1 93 ? -13.023 7.860   -7.288  1.00 14.24 ? 93  LEU A CD1  1 
ATOM   712  C CD2  . LEU A 1 93 ? -11.046 6.949   -5.912  1.00 17.46 ? 93  LEU A CD2  1 
ATOM   713  N N    . GLY A 1 94 ? -8.854  9.777   -10.264 1.00 12.79 ? 94  GLY A N    1 
ATOM   714  C CA   . GLY A 1 94 ? -7.892  10.797  -10.619 1.00 12.76 ? 94  GLY A CA   1 
ATOM   715  C C    . GLY A 1 94 ? -7.055  11.175  -9.409  1.00 14.00 ? 94  GLY A C    1 
ATOM   716  O O    . GLY A 1 94 ? -6.787  12.356  -9.189  1.00 15.21 ? 94  GLY A O    1 
ATOM   717  N N    . MET A 1 95 ? -6.628  10.219  -8.584  1.00 12.85 ? 95  MET A N    1 
ATOM   718  C CA   . MET A 1 95 ? -5.888  10.534  -7.391  1.00 10.62 ? 95  MET A CA   1 
ATOM   719  C C    . MET A 1 95 ? -4.432  10.409  -7.780  1.00 10.64 ? 95  MET A C    1 
ATOM   720  O O    . MET A 1 95 ? -4.121  9.665   -8.709  1.00 12.29 ? 95  MET A O    1 
ATOM   721  C CB   . MET A 1 95 ? -6.363  9.537   -6.391  1.00 11.16 ? 95  MET A CB   1 
ATOM   722  C CG   . MET A 1 95 ? -5.872  9.544   -4.966  1.00 12.13 ? 95  MET A CG   1 
ATOM   723  S SD   . MET A 1 95 ? -7.331  9.380   -3.886  1.00 16.34 ? 95  MET A SD   1 
ATOM   724  C CE   . MET A 1 95 ? -6.977  10.747  -2.824  1.00 11.24 ? 95  MET A CE   1 
ATOM   725  N N    . SER A 1 96 ? -3.497  11.123  -7.190  1.00 9.44  ? 96  SER A N    1 
ATOM   726  C CA   . SER A 1 96 ? -2.097  10.998  -7.540  1.00 10.51 ? 96  SER A CA   1 
ATOM   727  C C    . SER A 1 96 ? -1.237  11.150  -6.275  1.00 11.12 ? 96  SER A C    1 
ATOM   728  O O    . SER A 1 96 ? -1.677  11.626  -5.226  1.00 9.96  ? 96  SER A O    1 
ATOM   729  C CB   . SER A 1 96 ? -1.692  12.062  -8.546  1.00 10.89 ? 96  SER A CB   1 
ATOM   730  O OG   . SER A 1 96 ? -1.951  13.375  -8.080  1.00 14.36 ? 96  SER A OG   1 
ATOM   731  N N    . LEU A 1 97 ? -0.021  10.643  -6.327  1.00 11.67 ? 97  LEU A N    1 
ATOM   732  C CA   . LEU A 1 97 ? 0.875   10.730  -5.222  1.00 13.23 ? 97  LEU A CA   1 
ATOM   733  C C    . LEU A 1 97 ? 1.699   11.911  -5.685  1.00 14.87 ? 97  LEU A C    1 
ATOM   734  O O    . LEU A 1 97 ? 1.987   12.064  -6.868  1.00 16.77 ? 97  LEU A O    1 
ATOM   735  C CB   . LEU A 1 97 ? 1.657   9.422   -5.122  1.00 13.57 ? 97  LEU A CB   1 
ATOM   736  C CG   . LEU A 1 97 ? 2.439   9.054   -3.843  1.00 12.43 ? 97  LEU A CG   1 
ATOM   737  C CD1  . LEU A 1 97 ? 1.648   9.366   -2.566  1.00 10.49 ? 97  LEU A CD1  1 
ATOM   738  C CD2  . LEU A 1 97 ? 2.799   7.590   -3.965  1.00 10.11 ? 97  LEU A CD2  1 
ATOM   739  N N    . ASN A 1 98 ? 2.065   12.809  -4.806  1.00 16.21 ? 98  ASN A N    1 
ATOM   740  C CA   . ASN A 1 98 ? 2.836   13.965  -5.177  1.00 18.59 ? 98  ASN A CA   1 
ATOM   741  C C    . ASN A 1 98 ? 3.881   14.241  -4.103  1.00 19.93 ? 98  ASN A C    1 
ATOM   742  O O    . ASN A 1 98 ? 3.708   13.898  -2.917  1.00 19.23 ? 98  ASN A O    1 
ATOM   743  C CB   . ASN A 1 98 ? 1.911   15.187  -5.298  1.00 22.12 ? 98  ASN A CB   1 
ATOM   744  C CG   . ASN A 1 98 ? 0.774   14.976  -6.300  1.00 23.56 ? 98  ASN A CG   1 
ATOM   745  O OD1  . ASN A 1 98 ? 1.038   14.983  -7.494  1.00 24.97 ? 98  ASN A OD1  1 
ATOM   746  N ND2  . ASN A 1 98 ? -0.484  14.706  -5.930  1.00 24.01 ? 98  ASN A ND2  1 
ATOM   747  N N    . LEU A 1 99 ? 4.964   14.861  -4.591  1.00 20.32 ? 99  LEU A N    1 
ATOM   748  C CA   . LEU A 1 99 ? 6.137   15.287  -3.845  1.00 19.33 ? 99  LEU A CA   1 
ATOM   749  C C    . LEU A 1 99 ? 6.415   16.712  -4.329  1.00 20.85 ? 99  LEU A C    1 
ATOM   750  O O    . LEU A 1 99 ? 6.272   17.621  -3.513  1.00 22.41 ? 99  LEU A O    1 
ATOM   751  C CB   . LEU A 1 99 ? 7.358   14.417  -4.142  1.00 18.53 ? 99  LEU A CB   1 
ATOM   752  C CG   . LEU A 1 99 ? 8.658   14.832  -3.443  1.00 19.35 ? 99  LEU A CG   1 
ATOM   753  C CD1  . LEU A 1 99 ? 8.475   15.073  -1.940  1.00 21.24 ? 99  LEU A CD1  1 
ATOM   754  C CD2  . LEU A 1 99 ? 9.624   13.693  -3.509  1.00 19.56 ? 99  LEU A CD2  1 
ATOM   755  O OXT  . LEU A 1 99 ? 6.746   16.932  -5.507  1.00 21.85 ? 99  LEU A OXT  1 
ATOM   756  N N    . PRO B 1 1  ? 7.948   15.570  -7.794  1.00 23.69 ? 1   PRO B N    1 
ATOM   757  C CA   . PRO B 1 1  ? 7.291   14.726  -8.800  1.00 22.24 ? 1   PRO B CA   1 
ATOM   758  C C    . PRO B 1 1  ? 5.878   14.309  -8.414  1.00 21.81 ? 1   PRO B C    1 
ATOM   759  O O    . PRO B 1 1  ? 5.512   14.292  -7.240  1.00 21.49 ? 1   PRO B O    1 
ATOM   760  C CB   . PRO B 1 1  ? 8.155   13.490  -9.030  1.00 23.06 ? 1   PRO B CB   1 
ATOM   761  C CG   . PRO B 1 1  ? 9.138   13.484  -7.853  1.00 25.64 ? 1   PRO B CG   1 
ATOM   762  C CD   . PRO B 1 1  ? 9.285   15.001  -7.574  1.00 24.16 ? 1   PRO B CD   1 
ATOM   763  N N    . GLN B 1 2  ? 5.110   13.921  -9.438  1.00 21.67 ? 2   GLN B N    1 
ATOM   764  C CA   . GLN B 1 2  ? 3.723   13.487  -9.334  1.00 20.60 ? 2   GLN B CA   1 
ATOM   765  C C    . GLN B 1 2  ? 3.770   12.090  -9.888  1.00 18.60 ? 2   GLN B C    1 
ATOM   766  O O    . GLN B 1 2  ? 4.434   11.914  -10.915 1.00 18.85 ? 2   GLN B O    1 
ATOM   767  C CB   . GLN B 1 2  ? 2.835   14.331  -10.219 1.00 21.56 ? 2   GLN B CB   1 
ATOM   768  C CG   . GLN B 1 2  ? 1.429   13.792  -10.231 1.00 25.37 ? 2   GLN B CG   1 
ATOM   769  C CD   . GLN B 1 2  ? 0.521   14.553  -11.190 1.00 27.74 ? 2   GLN B CD   1 
ATOM   770  O OE1  . GLN B 1 2  ? -0.130  15.557  -10.830 1.00 26.42 ? 2   GLN B OE1  1 
ATOM   771  N NE2  . GLN B 1 2  ? 0.466   14.039  -12.441 1.00 26.55 ? 2   GLN B NE2  1 
ATOM   772  N N    . PHE B 1 3  ? 3.099   11.137  -9.272  1.00 16.66 ? 3   PHE B N    1 
ATOM   773  C CA   . PHE B 1 3  ? 3.061   9.745   -9.709  1.00 15.30 ? 3   PHE B CA   1 
ATOM   774  C C    . PHE B 1 3  ? 1.582   9.585   -9.911  1.00 14.75 ? 3   PHE B C    1 
ATOM   775  O O    . PHE B 1 3  ? 0.796   9.757   -8.967  1.00 13.77 ? 3   PHE B O    1 
ATOM   776  C CB   . PHE B 1 3  ? 3.521   8.705   -8.606  1.00 15.02 ? 3   PHE B CB   1 
ATOM   777  C CG   . PHE B 1 3  ? 5.034   8.715   -8.328  1.00 13.83 ? 3   PHE B CG   1 
ATOM   778  C CD1  . PHE B 1 3  ? 5.633   9.788   -7.682  1.00 15.65 ? 3   PHE B CD1  1 
ATOM   779  C CD2  . PHE B 1 3  ? 5.835   7.728   -8.857  1.00 13.43 ? 3   PHE B CD2  1 
ATOM   780  C CE1  . PHE B 1 3  ? 7.010   9.871   -7.595  1.00 14.46 ? 3   PHE B CE1  1 
ATOM   781  C CE2  . PHE B 1 3  ? 7.201   7.805   -8.770  1.00 13.10 ? 3   PHE B CE2  1 
ATOM   782  C CZ   . PHE B 1 3  ? 7.791   8.881   -8.145  1.00 14.49 ? 3   PHE B CZ   1 
ATOM   783  N N    . SER B 1 4  ? 1.116   9.497   -11.155 1.00 16.07 ? 4   SER B N    1 
ATOM   784  C CA   . SER B 1 4  ? -0.321  9.288   -11.357 1.00 17.15 ? 4   SER B CA   1 
ATOM   785  C C    . SER B 1 4  ? -0.380  7.762   -11.059 1.00 17.29 ? 4   SER B C    1 
ATOM   786  O O    . SER B 1 4  ? 0.712   7.149   -10.882 1.00 19.48 ? 4   SER B O    1 
ATOM   787  C CB   . SER B 1 4  ? -0.708  9.562   -12.776 1.00 16.45 ? 4   SER B CB   1 
ATOM   788  O OG   . SER B 1 4  ? 0.113   8.745   -13.600 1.00 20.40 ? 4   SER B OG   1 
ATOM   789  N N    . LEU B 1 5  ? -1.433  6.952   -11.049 1.00 14.63 ? 5   LEU B N    1 
ATOM   790  C CA   . LEU B 1 5  ? -1.065  5.590   -10.672 1.00 11.28 ? 5   LEU B CA   1 
ATOM   791  C C    . LEU B 1 5  ? -1.365  4.542   -11.697 1.00 10.76 ? 5   LEU B C    1 
ATOM   792  O O    . LEU B 1 5  ? -1.821  3.452   -11.386 1.00 11.55 ? 5   LEU B O    1 
ATOM   793  C CB   . LEU B 1 5  ? -1.729  5.431   -9.320  1.00 9.73  ? 5   LEU B CB   1 
ATOM   794  C CG   . LEU B 1 5  ? -1.259  6.367   -8.169  1.00 9.86  ? 5   LEU B CG   1 
ATOM   795  C CD1  . LEU B 1 5  ? -2.447  6.467   -7.194  1.00 10.48 ? 5   LEU B CD1  1 
ATOM   796  C CD2  . LEU B 1 5  ? 0.078   5.914   -7.550  1.00 4.55  ? 5   LEU B CD2  1 
ATOM   797  N N    . TRP B 1 6  ? -1.095  4.889   -12.954 1.00 10.60 ? 6   TRP B N    1 
ATOM   798  C CA   . TRP B 1 6  ? -1.361  3.963   -14.032 1.00 11.07 ? 6   TRP B CA   1 
ATOM   799  C C    . TRP B 1 6  ? -0.356  2.823   -13.987 1.00 10.10 ? 6   TRP B C    1 
ATOM   800  O O    . TRP B 1 6  ? -0.595  1.749   -14.512 1.00 9.87  ? 6   TRP B O    1 
ATOM   801  C CB   . TRP B 1 6  ? -1.377  4.741   -15.404 1.00 13.71 ? 6   TRP B CB   1 
ATOM   802  C CG   . TRP B 1 6  ? -0.046  5.212   -15.936 1.00 18.40 ? 6   TRP B CG   1 
ATOM   803  C CD1  . TRP B 1 6  ? 0.502   6.454   -15.624 1.00 19.31 ? 6   TRP B CD1  1 
ATOM   804  C CD2  . TRP B 1 6  ? 0.785   4.431   -16.722 1.00 21.62 ? 6   TRP B CD2  1 
ATOM   805  N NE1  . TRP B 1 6  ? 1.702   6.449   -16.204 1.00 21.15 ? 6   TRP B NE1  1 
ATOM   806  C CE2  . TRP B 1 6  ? 1.908   5.268   -16.858 1.00 21.49 ? 6   TRP B CE2  1 
ATOM   807  C CE3  . TRP B 1 6  ? 0.727   3.169   -17.309 1.00 23.00 ? 6   TRP B CE3  1 
ATOM   808  C CZ2  . TRP B 1 6  ? 2.983   4.820   -17.598 1.00 22.76 ? 6   TRP B CZ2  1 
ATOM   809  C CZ3  . TRP B 1 6  ? 1.821   2.733   -18.051 1.00 22.30 ? 6   TRP B CZ3  1 
ATOM   810  C CH2  . TRP B 1 6  ? 2.924   3.551   -18.192 1.00 21.93 ? 6   TRP B CH2  1 
ATOM   811  N N    . ARG B 1 7  ? 0.786   3.010   -13.363 1.00 8.55  ? 7   ARG B N    1 
ATOM   812  C CA   . ARG B 1 7  ? 1.769   1.953   -13.254 1.00 9.92  ? 7   ARG B CA   1 
ATOM   813  C C    . ARG B 1 7  ? 2.216   2.014   -11.763 1.00 9.46  ? 7   ARG B C    1 
ATOM   814  O O    . ARG B 1 7  ? 1.872   2.945   -11.050 1.00 5.44  ? 7   ARG B O    1 
ATOM   815  C CB   . ARG B 1 7  ? 2.904   2.228   -14.234 1.00 11.63 ? 7   ARG B CB   1 
ATOM   816  C CG   . ARG B 1 7  ? 3.546   3.548   -13.912 1.00 18.17 ? 7   ARG B CG   1 
ATOM   817  C CD   . ARG B 1 7  ? 4.980   3.496   -14.319 1.00 22.93 ? 7   ARG B CD   1 
ATOM   818  N NE   . ARG B 1 7  ? 5.072   3.633   -15.765 1.00 29.20 ? 7   ARG B NE   1 
ATOM   819  C CZ   . ARG B 1 7  ? 6.071   4.305   -16.366 1.00 30.91 ? 7   ARG B CZ   1 
ATOM   820  N NH1  . ARG B 1 7  ? 7.068   4.889   -15.638 1.00 30.96 ? 7   ARG B NH1  1 
ATOM   821  N NH2  . ARG B 1 7  ? 6.022   4.422   -17.722 1.00 32.36 ? 7   ARG B NH2  1 
ATOM   822  N N    . ARG B 1 8  ? 2.869   1.009   -11.198 1.00 9.76  ? 8   ARG B N    1 
ATOM   823  C CA   . ARG B 1 8  ? 3.320   0.999   -9.821  1.00 9.75  ? 8   ARG B CA   1 
ATOM   824  C C    . ARG B 1 8  ? 4.283   2.139   -9.497  1.00 11.24 ? 8   ARG B C    1 
ATOM   825  O O    . ARG B 1 8  ? 5.233   2.363   -10.249 1.00 12.10 ? 8   ARG B O    1 
ATOM   826  C CB   . ARG B 1 8  ? 4.023   -0.275  -9.528  1.00 10.18 ? 8   ARG B CB   1 
ATOM   827  C CG   . ARG B 1 8  ? 3.074   -1.416  -9.460  1.00 11.68 ? 8   ARG B CG   1 
ATOM   828  C CD   . ARG B 1 8  ? 3.963   -2.602  -9.338  1.00 9.73  ? 8   ARG B CD   1 
ATOM   829  N NE   . ARG B 1 8  ? 3.073   -3.729  -9.423  1.00 12.27 ? 8   ARG B NE   1 
ATOM   830  C CZ   . ARG B 1 8  ? 3.480   -4.972  -9.668  1.00 10.52 ? 8   ARG B CZ   1 
ATOM   831  N NH1  . ARG B 1 8  ? 4.766   -5.262  -9.850  1.00 9.39  ? 8   ARG B NH1  1 
ATOM   832  N NH2  . ARG B 1 8  ? 2.563   -5.922  -9.720  1.00 6.27  ? 8   ARG B NH2  1 
ATOM   833  N N    . PRO B 1 9  ? 4.145   2.903   -8.419  1.00 10.96 ? 9   PRO B N    1 
ATOM   834  C CA   . PRO B 1 9  ? 5.048   4.006   -8.152  1.00 10.02 ? 9   PRO B CA   1 
ATOM   835  C C    . PRO B 1 9  ? 6.313   3.423   -7.525  1.00 10.11 ? 9   PRO B C    1 
ATOM   836  O O    . PRO B 1 9  ? 6.411   3.284   -6.311  1.00 10.77 ? 9   PRO B O    1 
ATOM   837  C CB   . PRO B 1 9  ? 4.187   4.900   -7.288  1.00 10.72 ? 9   PRO B CB   1 
ATOM   838  C CG   . PRO B 1 9  ? 3.346   3.918   -6.487  1.00 12.06 ? 9   PRO B CG   1 
ATOM   839  C CD   . PRO B 1 9  ? 3.047   2.787   -7.459  1.00 9.87  ? 9   PRO B CD   1 
ATOM   840  N N    . VAL B 1 10 ? 7.172   2.888   -8.389  1.00 9.91  ? 10  VAL B N    1 
ATOM   841  C CA   . VAL B 1 10 ? 8.424   2.299   -8.010  1.00 10.33 ? 10  VAL B CA   1 
ATOM   842  C C    . VAL B 1 10 ? 9.471   3.357   -8.297  1.00 12.37 ? 10  VAL B C    1 
ATOM   843  O O    . VAL B 1 10 ? 9.467   4.048   -9.311  1.00 14.42 ? 10  VAL B O    1 
ATOM   844  C CB   . VAL B 1 10 ? 8.697   1.057   -8.796  1.00 8.52  ? 10  VAL B CB   1 
ATOM   845  C CG1  . VAL B 1 10 ? 10.092  0.489   -8.629  1.00 6.29  ? 10  VAL B CG1  1 
ATOM   846  C CG2  . VAL B 1 10 ? 7.762   0.050   -8.202  1.00 7.14  ? 10  VAL B CG2  1 
ATOM   847  N N    . VAL B 1 11 ? 10.417  3.469   -7.385  1.00 13.61 ? 11  VAL B N    1 
ATOM   848  C CA   . VAL B 1 11 ? 11.482  4.437   -7.443  1.00 13.63 ? 11  VAL B CA   1 
ATOM   849  C C    . VAL B 1 11 ? 12.717  3.744   -6.924  1.00 15.25 ? 11  VAL B C    1 
ATOM   850  O O    . VAL B 1 11 ? 12.624  2.690   -6.294  1.00 13.73 ? 11  VAL B O    1 
ATOM   851  C CB   . VAL B 1 11 ? 10.923  5.604   -6.580  1.00 12.33 ? 11  VAL B CB   1 
ATOM   852  C CG1  . VAL B 1 11 ? 11.659  5.850   -5.276  1.00 10.61 ? 11  VAL B CG1  1 
ATOM   853  C CG2  . VAL B 1 11 ? 10.842  6.747   -7.537  1.00 14.26 ? 11  VAL B CG2  1 
ATOM   854  N N    . THR B 1 12 ? 13.846  4.383   -7.208  1.00 16.39 ? 12  THR B N    1 
ATOM   855  C CA   . THR B 1 12 ? 15.167  3.925   -6.814  1.00 16.11 ? 12  THR B CA   1 
ATOM   856  C C    . THR B 1 12 ? 15.623  4.635   -5.536  1.00 15.42 ? 12  THR B C    1 
ATOM   857  O O    . THR B 1 12 ? 15.528  5.857   -5.396  1.00 13.55 ? 12  THR B O    1 
ATOM   858  C CB   . THR B 1 12 ? 16.128  4.204   -7.975  1.00 17.88 ? 12  THR B CB   1 
ATOM   859  O OG1  . THR B 1 12 ? 15.377  4.840   -9.054  1.00 21.81 ? 12  THR B OG1  1 
ATOM   860  C CG2  . THR B 1 12 ? 16.828  2.906   -8.397  1.00 18.60 ? 12  THR B CG2  1 
ATOM   861  N N    . ALA B 1 13 ? 16.127  3.885   -4.564  1.00 15.14 ? 13  ALA B N    1 
ATOM   862  C CA   . ALA B 1 13 ? 16.578  4.467   -3.313  1.00 14.16 ? 13  ALA B CA   1 
ATOM   863  C C    . ALA B 1 13 ? 17.941  3.937   -2.941  1.00 13.58 ? 13  ALA B C    1 
ATOM   864  O O    . ALA B 1 13 ? 18.369  2.900   -3.455  1.00 12.30 ? 13  ALA B O    1 
ATOM   865  C CB   . ALA B 1 13 ? 15.626  4.081   -2.204  1.00 13.65 ? 13  ALA B CB   1 
ATOM   866  N N    . HIS B 1 14 ? 18.677  4.668   -2.123  1.00 14.44 ? 14  HIS B N    1 
ATOM   867  C CA   . HIS B 1 14 ? 20.000  4.216   -1.682  1.00 14.09 ? 14  HIS B CA   1 
ATOM   868  C C    . HIS B 1 14 ? 19.802  4.212   -0.186  1.00 12.84 ? 14  HIS B C    1 
ATOM   869  O O    . HIS B 1 14 ? 19.432  5.255   0.351   1.00 11.95 ? 14  HIS B O    1 
ATOM   870  C CB   . HIS B 1 14 ? 21.129  5.180   -2.032  1.00 14.62 ? 14  HIS B CB   1 
ATOM   871  C CG   . HIS B 1 14 ? 21.388  5.125   -3.526  1.00 16.23 ? 14  HIS B CG   1 
ATOM   872  N ND1  . HIS B 1 14 ? 20.518  5.392   -4.500  1.00 15.43 ? 14  HIS B ND1  1 
ATOM   873  C CD2  . HIS B 1 14 ? 22.576  4.731   -4.096  1.00 17.66 ? 14  HIS B CD2  1 
ATOM   874  C CE1  . HIS B 1 14 ? 21.122  5.168   -5.627  1.00 14.97 ? 14  HIS B CE1  1 
ATOM   875  N NE2  . HIS B 1 14 ? 22.351  4.776   -5.374  1.00 15.61 ? 14  HIS B NE2  1 
ATOM   876  N N    . ILE B 1 15 ? 19.941  3.027   0.423   1.00 11.66 ? 15  ILE B N    1 
ATOM   877  C CA   . ILE B 1 15 ? 19.790  2.787   1.863   1.00 10.88 ? 15  ILE B CA   1 
ATOM   878  C C    . ILE B 1 15 ? 21.211  2.496   2.294   1.00 10.96 ? 15  ILE B C    1 
ATOM   879  O O    . ILE B 1 15 ? 21.746  1.418   1.996   1.00 10.67 ? 15  ILE B O    1 
ATOM   880  C CB   . ILE B 1 15 ? 18.846  1.526   2.181   1.00 9.25  ? 15  ILE B CB   1 
ATOM   881  C CG1  . ILE B 1 15 ? 17.451  1.721   1.545   1.00 5.98  ? 15  ILE B CG1  1 
ATOM   882  C CG2  . ILE B 1 15 ? 18.794  1.302   3.707   1.00 4.75  ? 15  ILE B CG2  1 
ATOM   883  C CD1  . ILE B 1 15 ? 16.423  0.630   1.867   1.00 5.60  ? 15  ILE B CD1  1 
ATOM   884  N N    . GLU B 1 16 ? 21.835  3.483   2.954   1.00 10.98 ? 16  GLU B N    1 
ATOM   885  C CA   . GLU B 1 16 ? 23.205  3.384   3.433   1.00 11.27 ? 16  GLU B CA   1 
ATOM   886  C C    . GLU B 1 16 ? 24.148  2.998   2.296   1.00 11.97 ? 16  GLU B C    1 
ATOM   887  O O    . GLU B 1 16 ? 24.913  2.024   2.309   1.00 12.23 ? 16  GLU B O    1 
ATOM   888  C CB   . GLU B 1 16 ? 23.286  2.360   4.567   1.00 11.43 ? 16  GLU B CB   1 
ATOM   889  C CG   . GLU B 1 16 ? 22.434  2.755   5.751   1.00 12.75 ? 16  GLU B CG   1 
ATOM   890  C CD   . GLU B 1 16 ? 22.953  3.921   6.573   1.00 15.70 ? 16  GLU B CD   1 
ATOM   891  O OE1  . GLU B 1 16 ? 23.928  4.573   6.185   1.00 16.67 ? 16  GLU B OE1  1 
ATOM   892  O OE2  . GLU B 1 16 ? 22.385  4.186   7.632   1.00 17.54 ? 16  GLU B OE2  1 
ATOM   893  N N    . GLY B 1 17 ? 23.929  3.745   1.209   1.00 11.79 ? 17  GLY B N    1 
ATOM   894  C CA   . GLY B 1 17 ? 24.731  3.593   0.018   1.00 12.33 ? 17  GLY B CA   1 
ATOM   895  C C    . GLY B 1 17 ? 24.199  2.577   -0.959  1.00 13.18 ? 17  GLY B C    1 
ATOM   896  O O    . GLY B 1 17 ? 24.331  2.782   -2.179  1.00 15.43 ? 17  GLY B O    1 
ATOM   897  N N    . GLN B 1 18 ? 23.529  1.545   -0.441  1.00 12.65 ? 18  GLN B N    1 
ATOM   898  C CA   . GLN B 1 18 ? 23.007  0.399   -1.198  1.00 10.43 ? 18  GLN B CA   1 
ATOM   899  C C    . GLN B 1 18 ? 21.790  0.685   -2.061  1.00 10.02 ? 18  GLN B C    1 
ATOM   900  O O    . GLN B 1 18 ? 20.820  1.198   -1.512  1.00 11.20 ? 18  GLN B O    1 
ATOM   901  C CB   . GLN B 1 18 ? 22.698  -0.677  -0.193  1.00 10.08 ? 18  GLN B CB   1 
ATOM   902  C CG   . GLN B 1 18 ? 23.899  -0.971  0.688   1.00 11.23 ? 18  GLN B CG   1 
ATOM   903  C CD   . GLN B 1 18 ? 23.663  -1.939  1.831   1.00 14.28 ? 18  GLN B CD   1 
ATOM   904  O OE1  . GLN B 1 18 ? 23.685  -3.159  1.637   1.00 16.92 ? 18  GLN B OE1  1 
ATOM   905  N NE2  . GLN B 1 18 ? 23.429  -1.446  3.046   1.00 14.62 ? 18  GLN B NE2  1 
ATOM   906  N N    . PRO B 1 19 ? 21.742  0.482   -3.378  1.00 11.19 ? 19  PRO B N    1 
ATOM   907  C CA   . PRO B 1 19 ? 20.564  0.746   -4.196  1.00 11.10 ? 19  PRO B CA   1 
ATOM   908  C C    . PRO B 1 19 ? 19.571  -0.395  -4.159  1.00 14.06 ? 19  PRO B C    1 
ATOM   909  O O    . PRO B 1 19 ? 19.922  -1.590  -4.033  1.00 15.70 ? 19  PRO B O    1 
ATOM   910  C CB   . PRO B 1 19 ? 21.089  1.005   -5.548  1.00 10.47 ? 19  PRO B CB   1 
ATOM   911  C CG   . PRO B 1 19 ? 22.205  0.009   -5.612  1.00 10.60 ? 19  PRO B CG   1 
ATOM   912  C CD   . PRO B 1 19 ? 22.874  0.176   -4.232  1.00 12.97 ? 19  PRO B CD   1 
ATOM   913  N N    . VAL B 1 20 ? 18.294  0.013   -4.218  1.00 14.71 ? 20  VAL B N    1 
ATOM   914  C CA   . VAL B 1 20 ? 17.158  -0.901  -4.192  1.00 12.94 ? 20  VAL B CA   1 
ATOM   915  C C    . VAL B 1 20 ? 15.923  -0.233  -4.816  1.00 13.46 ? 20  VAL B C    1 
ATOM   916  O O    . VAL B 1 20 ? 15.713  0.986   -4.734  1.00 14.69 ? 20  VAL B O    1 
ATOM   917  C CB   . VAL B 1 20 ? 17.027  -1.324  -2.669  1.00 11.66 ? 20  VAL B CB   1 
ATOM   918  C CG1  . VAL B 1 20 ? 17.000  -0.127  -1.754  1.00 14.05 ? 20  VAL B CG1  1 
ATOM   919  C CG2  . VAL B 1 20 ? 15.716  -1.981  -2.386  1.00 15.36 ? 20  VAL B CG2  1 
ATOM   920  N N    . GLU B 1 21 ? 15.186  -1.044  -5.569  1.00 13.81 ? 21  GLU B N    1 
ATOM   921  C CA   . GLU B 1 21 ? 13.940  -0.678  -6.271  1.00 13.99 ? 21  GLU B CA   1 
ATOM   922  C C    . GLU B 1 21 ? 12.912  -0.628  -5.125  1.00 12.56 ? 21  GLU B C    1 
ATOM   923  O O    . GLU B 1 21 ? 12.731  -1.623  -4.395  1.00 12.93 ? 21  GLU B O    1 
ATOM   924  C CB   . GLU B 1 21 ? 13.511  -1.781  -7.261  1.00 17.46 ? 21  GLU B CB   1 
ATOM   925  C CG   . GLU B 1 21 ? 14.531  -2.413  -8.237  1.00 22.40 ? 21  GLU B CG   1 
ATOM   926  C CD   . GLU B 1 21 ? 14.719  -3.978  -8.276  1.00 27.49 ? 21  GLU B CD   1 
ATOM   927  O OE1  . GLU B 1 21 ? 13.989  -4.784  -7.633  1.00 27.47 ? 21  GLU B OE1  1 
ATOM   928  O OE2  . GLU B 1 21 ? 15.672  -4.406  -8.974  1.00 29.88 ? 21  GLU B OE2  1 
ATOM   929  N N    . VAL B 1 22 ? 12.128  0.418   -4.950  1.00 11.69 ? 22  VAL B N    1 
ATOM   930  C CA   . VAL B 1 22 ? 11.185  0.506   -3.853  1.00 9.16  ? 22  VAL B CA   1 
ATOM   931  C C    . VAL B 1 22 ? 9.823   1.020   -4.298  1.00 9.03  ? 22  VAL B C    1 
ATOM   932  O O    . VAL B 1 22 ? 9.745   1.862   -5.186  1.00 7.98  ? 22  VAL B O    1 
ATOM   933  C CB   . VAL B 1 22 ? 12.037  1.370   -2.860  1.00 9.89  ? 22  VAL B CB   1 
ATOM   934  C CG1  . VAL B 1 22 ? 11.463  2.762   -2.642  1.00 10.98 ? 22  VAL B CG1  1 
ATOM   935  C CG2  . VAL B 1 22 ? 12.269  0.497   -1.653  1.00 8.12  ? 22  VAL B CG2  1 
ATOM   936  N N    . LEU B 1 23 ? 8.759   0.494   -3.712  1.00 7.21  ? 23  LEU B N    1 
ATOM   937  C CA   . LEU B 1 23 ? 7.409   0.869   -4.017  1.00 6.33  ? 23  LEU B CA   1 
ATOM   938  C C    . LEU B 1 23 ? 6.926   1.895   -3.003  1.00 8.17  ? 23  LEU B C    1 
ATOM   939  O O    . LEU B 1 23 ? 6.977   1.604   -1.800  1.00 9.05  ? 23  LEU B O    1 
ATOM   940  C CB   . LEU B 1 23 ? 6.556   -0.365  -3.929  1.00 5.30  ? 23  LEU B CB   1 
ATOM   941  C CG   . LEU B 1 23 ? 5.332   -0.700  -4.742  1.00 3.94  ? 23  LEU B CG   1 
ATOM   942  C CD1  . LEU B 1 23 ? 4.479   -1.585  -3.903  1.00 2.96  ? 23  LEU B CD1  1 
ATOM   943  C CD2  . LEU B 1 23 ? 4.526   0.493   -5.096  1.00 5.12  ? 23  LEU B CD2  1 
ATOM   944  N N    . LEU B 1 24 ? 6.461   3.089   -3.397  1.00 9.21  ? 24  LEU B N    1 
ATOM   945  C CA   . LEU B 1 24 ? 5.979   4.082   -2.443  1.00 9.37  ? 24  LEU B CA   1 
ATOM   946  C C    . LEU B 1 24 ? 4.559   3.598   -2.155  1.00 9.62  ? 24  LEU B C    1 
ATOM   947  O O    . LEU B 1 24 ? 3.627   3.606   -2.987  1.00 7.03  ? 24  LEU B O    1 
ATOM   948  C CB   . LEU B 1 24 ? 5.992   5.513   -3.055  1.00 10.06 ? 24  LEU B CB   1 
ATOM   949  C CG   . LEU B 1 24 ? 7.315   6.382   -3.286  1.00 10.37 ? 24  LEU B CG   1 
ATOM   950  C CD1  . LEU B 1 24 ? 8.576   5.699   -2.843  1.00 9.25  ? 24  LEU B CD1  1 
ATOM   951  C CD2  . LEU B 1 24 ? 7.431   6.681   -4.755  1.00 8.82  ? 24  LEU B CD2  1 
ATOM   952  N N    . ASP B 1 25 ? 4.430   3.207   -0.889  1.00 8.96  ? 25  ASP B N    1 
ATOM   953  C CA   . ASP B 1 25 ? 3.201   2.663   -0.387  1.00 9.03  ? 25  ASP B CA   1 
ATOM   954  C C    . ASP B 1 25 ? 2.365   3.303   0.731   1.00 9.89  ? 25  ASP B C    1 
ATOM   955  O O    . ASP B 1 25 ? 2.602   3.079   1.925   1.00 9.79  ? 25  ASP B O    1 
ATOM   956  C CB   . ASP B 1 25 ? 3.615   1.213   -0.089  1.00 7.42  ? 25  ASP B CB   1 
ATOM   957  C CG   . ASP B 1 25 ? 2.529   0.175   0.095   1.00 9.67  ? 25  ASP B CG   1 
ATOM   958  O OD1  . ASP B 1 25 ? 1.384   0.510   0.340   1.00 11.72 ? 25  ASP B OD1  1 
ATOM   959  O OD2  . ASP B 1 25 ? 2.836   -1.004  -0.004  1.00 10.94 ? 25  ASP B OD2  1 
ATOM   960  N N    . THR B 1 26 ? 1.249   3.946   0.340   1.00 8.85  ? 26  THR B N    1 
ATOM   961  C CA   . THR B 1 26 ? 0.375   4.586   1.306   1.00 8.87  ? 26  THR B CA   1 
ATOM   962  C C    . THR B 1 26 ? -0.386  3.583   2.151   1.00 7.21  ? 26  THR B C    1 
ATOM   963  O O    . THR B 1 26 ? -0.871  3.957   3.202   1.00 7.60  ? 26  THR B O    1 
ATOM   964  C CB   . THR B 1 26 ? -0.618  5.562   0.583   1.00 11.26 ? 26  THR B CB   1 
ATOM   965  O OG1  . THR B 1 26 ? -1.386  4.881   -0.400  1.00 9.79  ? 26  THR B OG1  1 
ATOM   966  C CG2  . THR B 1 26 ? 0.182   6.684   -0.078  1.00 10.70 ? 26  THR B CG2  1 
ATOM   967  N N    . GLY B 1 27 ? -0.495  2.316   1.754   1.00 5.25  ? 27  GLY B N    1 
ATOM   968  C CA   . GLY B 1 27 ? -1.117  1.314   2.586   1.00 5.06  ? 27  GLY B CA   1 
ATOM   969  C C    . GLY B 1 27 ? -0.128  0.597   3.524   1.00 5.14  ? 27  GLY B C    1 
ATOM   970  O O    . GLY B 1 27 ? -0.404  -0.473  4.083   1.00 2.02  ? 27  GLY B O    1 
ATOM   971  N N    . ALA B 1 28 ? 1.069   1.131   3.670   1.00 4.88  ? 28  ALA B N    1 
ATOM   972  C CA   . ALA B 1 28 ? 2.039   0.533   4.535   1.00 5.86  ? 28  ALA B CA   1 
ATOM   973  C C    . ALA B 1 28 ? 2.426   1.570   5.556   1.00 6.64  ? 28  ALA B C    1 
ATOM   974  O O    . ALA B 1 28 ? 2.731   2.717   5.243   1.00 7.93  ? 28  ALA B O    1 
ATOM   975  C CB   . ALA B 1 28 ? 3.286   0.121   3.786   1.00 5.88  ? 28  ALA B CB   1 
ATOM   976  N N    . ASP B 1 29 ? 2.323   1.154   6.805   1.00 7.58  ? 29  ASP B N    1 
ATOM   977  C CA   . ASP B 1 29 ? 2.665   1.991   7.914   1.00 8.42  ? 29  ASP B CA   1 
ATOM   978  C C    . ASP B 1 29 ? 4.151   1.920   8.109   1.00 8.23  ? 29  ASP B C    1 
ATOM   979  O O    . ASP B 1 29 ? 4.700   2.910   8.527   1.00 11.46 ? 29  ASP B O    1 
ATOM   980  C CB   . ASP B 1 29 ? 2.137   1.546   9.229   1.00 9.94  ? 29  ASP B CB   1 
ATOM   981  C CG   . ASP B 1 29 ? 0.694   1.129   9.259   1.00 9.83  ? 29  ASP B CG   1 
ATOM   982  O OD1  . ASP B 1 29 ? -0.182  1.978   9.199   1.00 8.99  ? 29  ASP B OD1  1 
ATOM   983  O OD2  . ASP B 1 29 ? 0.459   -0.057  9.383   1.00 10.24 ? 29  ASP B OD2  1 
ATOM   984  N N    . ASP B 1 30 ? 4.799   0.812   7.773   1.00 9.88  ? 30  ASP B N    1 
ATOM   985  C CA   . ASP B 1 30 ? 6.223   0.512   7.911   1.00 10.00 ? 30  ASP B CA   1 
ATOM   986  C C    . ASP B 1 30 ? 6.910   0.333   6.576   1.00 11.50 ? 30  ASP B C    1 
ATOM   987  O O    . ASP B 1 30 ? 6.220   0.094   5.580   1.00 13.93 ? 30  ASP B O    1 
ATOM   988  C CB   . ASP B 1 30 ? 6.379   -0.801  8.708   1.00 9.57  ? 30  ASP B CB   1 
ATOM   989  C CG   . ASP B 1 30 ? 5.522   -0.863  9.971   1.00 12.21 ? 30  ASP B CG   1 
ATOM   990  O OD1  . ASP B 1 30 ? 5.464   0.134   10.682  1.00 15.07 ? 30  ASP B OD1  1 
ATOM   991  O OD2  . ASP B 1 30 ? 4.876   -1.868  10.258  1.00 14.43 ? 30  ASP B OD2  1 
ATOM   992  N N    . SER B 1 31 ? 8.245   0.400   6.557   1.00 10.12 ? 31  SER B N    1 
ATOM   993  C CA   . SER B 1 31 ? 9.050   0.230   5.357   1.00 10.13 ? 31  SER B CA   1 
ATOM   994  C C    . SER B 1 31 ? 9.766   -1.109  5.445   1.00 10.38 ? 31  SER B C    1 
ATOM   995  O O    . SER B 1 31 ? 10.480  -1.295  6.420   1.00 10.64 ? 31  SER B O    1 
ATOM   996  C CB   . SER B 1 31 ? 10.037  1.356   5.258   1.00 8.92  ? 31  SER B CB   1 
ATOM   997  O OG   . SER B 1 31 ? 9.214   2.497   5.216   1.00 7.47  ? 31  SER B OG   1 
ATOM   998  N N    . ILE B 1 32 ? 9.676   -2.044  4.501   1.00 10.50 ? 32  ILE B N    1 
ATOM   999  C CA   . ILE B 1 32 ? 10.339  -3.346  4.615   1.00 11.92 ? 32  ILE B CA   1 
ATOM   1000 C C    . ILE B 1 32 ? 11.023  -3.514  3.311   1.00 11.15 ? 32  ILE B C    1 
ATOM   1001 O O    . ILE B 1 32 ? 10.426  -3.432  2.236   1.00 11.58 ? 32  ILE B O    1 
ATOM   1002 C CB   . ILE B 1 32 ? 9.389   -4.619  4.777   1.00 12.93 ? 32  ILE B CB   1 
ATOM   1003 C CG1  . ILE B 1 32 ? 8.256   -4.289  5.673   1.00 15.23 ? 32  ILE B CG1  1 
ATOM   1004 C CG2  . ILE B 1 32 ? 10.077  -5.805  5.445   1.00 12.31 ? 32  ILE B CG2  1 
ATOM   1005 C CD1  . ILE B 1 32 ? 7.183   -3.659  4.769   1.00 20.31 ? 32  ILE B CD1  1 
ATOM   1006 N N    . VAL B 1 33 ? 12.238  -3.944  3.451   1.00 10.55 ? 33  VAL B N    1 
ATOM   1007 C CA   . VAL B 1 33 ? 13.043  -4.125  2.292   1.00 12.56 ? 33  VAL B CA   1 
ATOM   1008 C C    . VAL B 1 33 ? 13.820  -5.421  2.406   1.00 12.13 ? 33  VAL B C    1 
ATOM   1009 O O    . VAL B 1 33 ? 13.764  -6.051  3.467   1.00 11.23 ? 33  VAL B O    1 
ATOM   1010 C CB   . VAL B 1 33 ? 13.855  -2.768  2.307   1.00 14.58 ? 33  VAL B CB   1 
ATOM   1011 C CG1  . VAL B 1 33 ? 15.224  -2.946  2.982   1.00 14.25 ? 33  VAL B CG1  1 
ATOM   1012 C CG2  . VAL B 1 33 ? 13.913  -2.234  0.901   1.00 16.15 ? 33  VAL B CG2  1 
ATOM   1013 N N    . THR B 1 34 ? 14.515  -5.848  1.349   1.00 12.02 ? 34  THR B N    1 
ATOM   1014 C CA   . THR B 1 34 ? 15.295  -7.056  1.423   1.00 13.00 ? 34  THR B CA   1 
ATOM   1015 C C    . THR B 1 34 ? 16.449  -6.921  0.447   1.00 13.54 ? 34  THR B C    1 
ATOM   1016 O O    . THR B 1 34 ? 16.463  -6.094  -0.456  1.00 12.51 ? 34  THR B O    1 
ATOM   1017 C CB   . THR B 1 34 ? 14.422  -8.365  1.134   1.00 14.46 ? 34  THR B CB   1 
ATOM   1018 O OG1  . THR B 1 34 ? 15.321  -9.319  1.673   1.00 17.37 ? 34  THR B OG1  1 
ATOM   1019 C CG2  . THR B 1 34 ? 14.141  -8.922  -0.242  1.00 9.55  ? 34  THR B CG2  1 
ATOM   1020 N N    . GLY B 1 35 ? 17.478  -7.715  0.749   1.00 15.36 ? 35  GLY B N    1 
ATOM   1021 C CA   . GLY B 1 35 ? 18.727  -7.742  0.002   1.00 15.79 ? 35  GLY B CA   1 
ATOM   1022 C C    . GLY B 1 35 ? 19.669  -6.562  0.270   1.00 17.07 ? 35  GLY B C    1 
ATOM   1023 O O    . GLY B 1 35 ? 20.445  -6.211  -0.624  1.00 18.87 ? 35  GLY B O    1 
ATOM   1024 N N    . ILE B 1 36 ? 19.689  -5.968  1.471   1.00 17.25 ? 36  ILE B N    1 
ATOM   1025 C CA   . ILE B 1 36 ? 20.498  -4.782  1.800   1.00 17.78 ? 36  ILE B CA   1 
ATOM   1026 C C    . ILE B 1 36 ? 21.214  -5.163  3.104   1.00 18.14 ? 36  ILE B C    1 
ATOM   1027 O O    . ILE B 1 36 ? 20.561  -5.860  3.895   1.00 18.86 ? 36  ILE B O    1 
ATOM   1028 C CB   . ILE B 1 36 ? 19.450  -3.603  1.897   1.00 17.51 ? 36  ILE B CB   1 
ATOM   1029 C CG1  . ILE B 1 36 ? 19.799  -2.575  0.843   1.00 17.37 ? 36  ILE B CG1  1 
ATOM   1030 C CG2  . ILE B 1 36 ? 19.443  -2.882  3.208   1.00 18.16 ? 36  ILE B CG2  1 
ATOM   1031 C CD1  . ILE B 1 36 ? 19.307  -2.878  -0.572  1.00 17.44 ? 36  ILE B CD1  1 
ATOM   1032 N N    . GLU B 1 37 ? 22.489  -4.884  3.411   1.00 18.75 ? 37  GLU B N    1 
ATOM   1033 C CA   . GLU B 1 37 ? 23.079  -5.292  4.688   1.00 19.28 ? 37  GLU B CA   1 
ATOM   1034 C C    . GLU B 1 37 ? 22.956  -4.161  5.687   1.00 18.70 ? 37  GLU B C    1 
ATOM   1035 O O    . GLU B 1 37 ? 23.149  -2.993  5.323   1.00 17.49 ? 37  GLU B O    1 
ATOM   1036 C CB   . GLU B 1 37 ? 24.570  -5.623  4.575   1.00 23.94 ? 37  GLU B CB   1 
ATOM   1037 C CG   . GLU B 1 37 ? 24.984  -6.861  3.732   1.00 28.86 ? 37  GLU B CG   1 
ATOM   1038 C CD   . GLU B 1 37 ? 25.802  -6.544  2.442   1.00 32.82 ? 37  GLU B CD   1 
ATOM   1039 O OE1  . GLU B 1 37 ? 25.438  -5.568  1.718   1.00 32.77 ? 37  GLU B OE1  1 
ATOM   1040 O OE2  . GLU B 1 37 ? 26.807  -7.281  2.175   1.00 32.96 ? 37  GLU B OE2  1 
ATOM   1041 N N    . LEU B 1 38 ? 22.655  -4.450  6.958   1.00 16.86 ? 38  LEU B N    1 
ATOM   1042 C CA   . LEU B 1 38 ? 22.538  -3.386  7.932   1.00 15.47 ? 38  LEU B CA   1 
ATOM   1043 C C    . LEU B 1 38 ? 23.227  -3.632  9.311   1.00 16.62 ? 38  LEU B C    1 
ATOM   1044 O O    . LEU B 1 38 ? 23.897  -4.647  9.634   1.00 14.66 ? 38  LEU B O    1 
ATOM   1045 C CB   . LEU B 1 38 ? 21.032  -3.117  7.972   1.00 14.20 ? 38  LEU B CB   1 
ATOM   1046 C CG   . LEU B 1 38 ? 20.456  -1.707  7.700   1.00 16.02 ? 38  LEU B CG   1 
ATOM   1047 C CD1  . LEU B 1 38 ? 21.284  -0.896  6.736   1.00 12.10 ? 38  LEU B CD1  1 
ATOM   1048 C CD2  . LEU B 1 38 ? 19.084  -1.881  7.116   1.00 13.56 ? 38  LEU B CD2  1 
ATOM   1049 N N    . GLY B 1 39 ? 23.107  -2.663  10.207  1.00 16.80 ? 39  GLY B N    1 
ATOM   1050 C CA   . GLY B 1 39 ? 24.033  -2.706  11.312  1.00 19.85 ? 39  GLY B CA   1 
ATOM   1051 C C    . GLY B 1 39 ? 23.638  -3.608  12.455  1.00 22.38 ? 39  GLY B C    1 
ATOM   1052 O O    . GLY B 1 39 ? 23.126  -2.832  13.284  1.00 21.76 ? 39  GLY B O    1 
ATOM   1053 N N    . PRO B 1 40 ? 23.926  -5.000  12.648  1.00 22.04 ? 40  PRO B N    1 
ATOM   1054 C CA   . PRO B 1 40 ? 23.311  -6.069  13.507  1.00 18.12 ? 40  PRO B CA   1 
ATOM   1055 C C    . PRO B 1 40 ? 22.787  -5.732  14.887  1.00 16.91 ? 40  PRO B C    1 
ATOM   1056 O O    . PRO B 1 40 ? 22.613  -6.550  15.791  1.00 16.59 ? 40  PRO B O    1 
ATOM   1057 C CB   . PRO B 1 40 ? 24.342  -7.146  13.713  1.00 18.93 ? 40  PRO B CB   1 
ATOM   1058 C CG   . PRO B 1 40 ? 25.635  -6.370  13.653  1.00 19.27 ? 40  PRO B CG   1 
ATOM   1059 C CD   . PRO B 1 40 ? 25.287  -5.530  12.397  1.00 21.48 ? 40  PRO B CD   1 
ATOM   1060 N N    . HIS B 1 41 ? 22.498  -4.486  15.011  1.00 14.49 ? 41  HIS B N    1 
ATOM   1061 C CA   . HIS B 1 41 ? 22.019  -3.859  16.165  1.00 14.97 ? 41  HIS B CA   1 
ATOM   1062 C C    . HIS B 1 41 ? 20.626  -3.528  15.595  1.00 15.19 ? 41  HIS B C    1 
ATOM   1063 O O    . HIS B 1 41 ? 20.293  -2.458  15.085  1.00 14.62 ? 41  HIS B O    1 
ATOM   1064 C CB   . HIS B 1 41 ? 22.985  -2.691  16.408  1.00 15.15 ? 41  HIS B CB   1 
ATOM   1065 C CG   . HIS B 1 41 ? 24.415  -3.136  16.744  1.00 17.84 ? 41  HIS B CG   1 
ATOM   1066 N ND1  . HIS B 1 41 ? 24.840  -4.079  17.608  1.00 18.56 ? 41  HIS B ND1  1 
ATOM   1067 C CD2  . HIS B 1 41 ? 25.557  -2.605  16.159  1.00 19.02 ? 41  HIS B CD2  1 
ATOM   1068 C CE1  . HIS B 1 41 ? 26.160  -4.136  17.558  1.00 19.09 ? 41  HIS B CE1  1 
ATOM   1069 N NE2  . HIS B 1 41 ? 26.584  -3.243  16.683  1.00 20.35 ? 41  HIS B NE2  1 
ATOM   1070 N N    . TYR B 1 42 ? 19.803  -4.570  15.652  1.00 16.07 ? 42  TYR B N    1 
ATOM   1071 C CA   . TYR B 1 42 ? 18.432  -4.523  15.171  1.00 15.75 ? 42  TYR B CA   1 
ATOM   1072 C C    . TYR B 1 42 ? 17.521  -5.091  16.254  1.00 16.49 ? 42  TYR B C    1 
ATOM   1073 O O    . TYR B 1 42 ? 17.998  -5.852  17.098  1.00 17.24 ? 42  TYR B O    1 
ATOM   1074 C CB   . TYR B 1 42 ? 18.298  -5.393  13.957  1.00 15.11 ? 42  TYR B CB   1 
ATOM   1075 C CG   . TYR B 1 42 ? 18.491  -6.878  14.195  1.00 12.79 ? 42  TYR B CG   1 
ATOM   1076 C CD1  . TYR B 1 42 ? 17.474  -7.663  14.729  1.00 14.68 ? 42  TYR B CD1  1 
ATOM   1077 C CD2  . TYR B 1 42 ? 19.669  -7.458  13.793  1.00 13.63 ? 42  TYR B CD2  1 
ATOM   1078 C CE1  . TYR B 1 42 ? 17.622  -9.026  14.860  1.00 14.86 ? 42  TYR B CE1  1 
ATOM   1079 C CE2  . TYR B 1 42 ? 19.832  -8.826  13.902  1.00 12.88 ? 42  TYR B CE2  1 
ATOM   1080 C CZ   . TYR B 1 42 ? 18.807  -9.594  14.431  1.00 15.64 ? 42  TYR B CZ   1 
ATOM   1081 O OH   . TYR B 1 42 ? 18.920  -10.988 14.434  1.00 19.94 ? 42  TYR B OH   1 
ATOM   1082 N N    . THR B 1 43 ? 16.222  -4.875  16.236  1.00 16.75 ? 43  THR B N    1 
ATOM   1083 C CA   . THR B 1 43 ? 15.400  -5.448  17.254  1.00 16.12 ? 43  THR B CA   1 
ATOM   1084 C C    . THR B 1 43 ? 14.372  -6.179  16.426  1.00 17.18 ? 43  THR B C    1 
ATOM   1085 O O    . THR B 1 43 ? 13.868  -5.686  15.406  1.00 18.11 ? 43  THR B O    1 
ATOM   1086 C CB   . THR B 1 43 ? 14.805  -4.328  18.200  1.00 18.37 ? 43  THR B CB   1 
ATOM   1087 O OG1  . THR B 1 43 ? 13.530  -4.858  18.554  1.00 20.83 ? 43  THR B OG1  1 
ATOM   1088 C CG2  . THR B 1 43 ? 14.729  -2.900  17.665  1.00 18.26 ? 43  THR B CG2  1 
ATOM   1089 N N    . PRO B 1 44 ? 14.114  -7.425  16.802  1.00 18.45 ? 44  PRO B N    1 
ATOM   1090 C CA   . PRO B 1 44 ? 13.155  -8.337  16.146  1.00 17.32 ? 44  PRO B CA   1 
ATOM   1091 C C    . PRO B 1 44 ? 11.768  -7.738  16.251  1.00 17.88 ? 44  PRO B C    1 
ATOM   1092 O O    . PRO B 1 44 ? 11.331  -7.366  17.344  1.00 18.06 ? 44  PRO B O    1 
ATOM   1093 C CB   . PRO B 1 44 ? 13.259  -9.612  16.920  1.00 17.39 ? 44  PRO B CB   1 
ATOM   1094 C CG   . PRO B 1 44 ? 14.613  -9.502  17.633  1.00 17.62 ? 44  PRO B CG   1 
ATOM   1095 C CD   . PRO B 1 44 ? 14.637  -8.025  18.024  1.00 16.98 ? 44  PRO B CD   1 
ATOM   1096 N N    . LYS B 1 45 ? 11.031  -7.647  15.159  1.00 20.22 ? 45  LYS B N    1 
ATOM   1097 C CA   . LYS B 1 45 ? 9.690   -7.078  15.189  1.00 19.53 ? 45  LYS B CA   1 
ATOM   1098 C C    . LYS B 1 45 ? 8.880   -7.991  14.302  1.00 18.93 ? 45  LYS B C    1 
ATOM   1099 O O    . LYS B 1 45 ? 9.464   -8.794  13.564  1.00 19.57 ? 45  LYS B O    1 
ATOM   1100 C CB   . LYS B 1 45 ? 9.746   -5.696  14.621  1.00 21.58 ? 45  LYS B CB   1 
ATOM   1101 C CG   . LYS B 1 45 ? 8.856   -4.642  15.276  1.00 24.50 ? 45  LYS B CG   1 
ATOM   1102 C CD   . LYS B 1 45 ? 9.577   -4.093  16.483  1.00 25.35 ? 45  LYS B CD   1 
ATOM   1103 C CE   . LYS B 1 45 ? 8.716   -2.962  17.020  1.00 26.88 ? 45  LYS B CE   1 
ATOM   1104 N NZ   . LYS B 1 45 ? 9.344   -2.499  18.254  1.00 28.34 ? 45  LYS B NZ   1 
ATOM   1105 N N    . ILE B 1 46 ? 7.560   -7.916  14.297  1.00 18.04 ? 46  ILE B N    1 
ATOM   1106 C CA   . ILE B 1 46 ? 6.782   -8.808  13.446  1.00 17.90 ? 46  ILE B CA   1 
ATOM   1107 C C    . ILE B 1 46 ? 6.021   -7.901  12.491  1.00 17.77 ? 46  ILE B C    1 
ATOM   1108 O O    . ILE B 1 46 ? 5.607   -6.830  12.951  1.00 18.57 ? 46  ILE B O    1 
ATOM   1109 C CB   . ILE B 1 46 ? 5.918   -9.642  14.425  1.00 18.23 ? 46  ILE B CB   1 
ATOM   1110 C CG1  . ILE B 1 46 ? 6.131   -11.087 14.039  1.00 20.65 ? 46  ILE B CG1  1 
ATOM   1111 C CG2  . ILE B 1 46 ? 4.435   -9.307  14.423  1.00 19.19 ? 46  ILE B CG2  1 
ATOM   1112 C CD1  . ILE B 1 46 ? 5.454   -11.619 12.725  1.00 23.68 ? 46  ILE B CD1  1 
ATOM   1113 N N    . VAL B 1 47 ? 5.865   -8.153  11.189  1.00 16.26 ? 47  VAL B N    1 
ATOM   1114 C CA   . VAL B 1 47 ? 5.101   -7.221  10.359  1.00 15.39 ? 47  VAL B CA   1 
ATOM   1115 C C    . VAL B 1 47 ? 3.981   -7.972  9.636   1.00 13.36 ? 47  VAL B C    1 
ATOM   1116 O O    . VAL B 1 47 ? 4.194   -8.982  8.967   1.00 11.20 ? 47  VAL B O    1 
ATOM   1117 C CB   . VAL B 1 47 ? 6.052   -6.497  9.328   1.00 15.65 ? 47  VAL B CB   1 
ATOM   1118 C CG1  . VAL B 1 47 ? 5.308   -5.393  8.547   1.00 15.29 ? 47  VAL B CG1  1 
ATOM   1119 C CG2  . VAL B 1 47 ? 7.148   -5.770  10.079  1.00 18.03 ? 47  VAL B CG2  1 
ATOM   1120 N N    . GLY B 1 48 ? 2.765   -7.489  9.832   1.00 14.04 ? 48  GLY B N    1 
ATOM   1121 C CA   . GLY B 1 48 ? 1.566   -8.009  9.167   1.00 14.10 ? 48  GLY B CA   1 
ATOM   1122 C C    . GLY B 1 48 ? 1.305   -7.401  7.792   1.00 14.40 ? 48  GLY B C    1 
ATOM   1123 O O    . GLY B 1 48 ? 1.477   -6.178  7.586   1.00 14.76 ? 48  GLY B O    1 
ATOM   1124 N N    . GLY B 1 49 ? 0.861   -8.258  6.874   1.00 14.07 ? 49  GLY B N    1 
ATOM   1125 C CA   . GLY B 1 49 ? 0.568   -7.910  5.490   1.00 14.03 ? 49  GLY B CA   1 
ATOM   1126 C C    . GLY B 1 49 ? -0.689  -8.638  5.001   1.00 13.70 ? 49  GLY B C    1 
ATOM   1127 O O    . GLY B 1 49 ? -1.507  -9.147  5.788   1.00 12.25 ? 49  GLY B O    1 
ATOM   1128 N N    . ILE B 1 50 ? -0.899  -8.631  3.675   1.00 14.76 ? 50  ILE B N    1 
ATOM   1129 C CA   . ILE B 1 50 ? -2.031  -9.322  3.068   1.00 15.51 ? 50  ILE B CA   1 
ATOM   1130 C C    . ILE B 1 50 ? -1.747  -10.808 3.257   1.00 17.02 ? 50  ILE B C    1 
ATOM   1131 O O    . ILE B 1 50 ? -0.704  -11.418 2.941   1.00 17.46 ? 50  ILE B O    1 
ATOM   1132 C CB   . ILE B 1 50 ? -2.186  -8.931  1.536   1.00 14.75 ? 50  ILE B CB   1 
ATOM   1133 C CG1  . ILE B 1 50 ? -3.675  -8.888  1.249   1.00 13.47 ? 50  ILE B CG1  1 
ATOM   1134 C CG2  . ILE B 1 50 ? -1.621  -9.922  0.547   1.00 14.70 ? 50  ILE B CG2  1 
ATOM   1135 C CD1  . ILE B 1 50 ? -4.354  -7.678  1.895   1.00 14.24 ? 50  ILE B CD1  1 
ATOM   1136 N N    . GLY B 1 51 ? -2.737  -11.346 3.939   1.00 17.50 ? 51  GLY B N    1 
ATOM   1137 C CA   . GLY B 1 51 ? -2.591  -12.742 4.259   1.00 18.66 ? 51  GLY B CA   1 
ATOM   1138 C C    . GLY B 1 51 ? -1.341  -13.139 5.070   1.00 15.80 ? 51  GLY B C    1 
ATOM   1139 O O    . GLY B 1 51 ? -0.733  -14.120 4.668   1.00 16.59 ? 51  GLY B O    1 
ATOM   1140 N N    . GLY B 1 52 ? -0.896  -12.457 6.141   1.00 14.85 ? 52  GLY B N    1 
ATOM   1141 C CA   . GLY B 1 52 ? 0.105   -13.061 6.994   1.00 15.02 ? 52  GLY B CA   1 
ATOM   1142 C C    . GLY B 1 52 ? 1.047   -12.088 7.652   1.00 16.43 ? 52  GLY B C    1 
ATOM   1143 O O    . GLY B 1 52 ? 1.006   -10.881 7.460   1.00 16.27 ? 52  GLY B O    1 
ATOM   1144 N N    . PHE B 1 53 ? 1.975   -12.641 8.399   1.00 16.68 ? 53  PHE B N    1 
ATOM   1145 C CA   . PHE B 1 53 ? 2.886   -11.888 9.228   1.00 15.85 ? 53  PHE B CA   1 
ATOM   1146 C C    . PHE B 1 53 ? 4.244   -12.414 8.909   1.00 15.55 ? 53  PHE B C    1 
ATOM   1147 O O    . PHE B 1 53 ? 4.311   -13.597 8.589   1.00 17.82 ? 53  PHE B O    1 
ATOM   1148 C CB   . PHE B 1 53 ? 2.639   -12.139 10.707  1.00 15.83 ? 53  PHE B CB   1 
ATOM   1149 C CG   . PHE B 1 53 ? 1.385   -11.434 11.196  1.00 19.31 ? 53  PHE B CG   1 
ATOM   1150 C CD1  . PHE B 1 53 ? 1.484   -10.127 11.675  1.00 18.80 ? 53  PHE B CD1  1 
ATOM   1151 C CD2  . PHE B 1 53 ? 0.152   -12.068 11.132  1.00 18.67 ? 53  PHE B CD2  1 
ATOM   1152 C CE1  . PHE B 1 53 ? 0.326   -9.479  12.079  1.00 18.77 ? 53  PHE B CE1  1 
ATOM   1153 C CE2  . PHE B 1 53 ? -0.993  -11.398 11.541  1.00 18.20 ? 53  PHE B CE2  1 
ATOM   1154 C CZ   . PHE B 1 53 ? -0.904  -10.108 12.012  1.00 17.12 ? 53  PHE B CZ   1 
ATOM   1155 N N    . ILE B 1 54 ? 5.312   -11.622 8.918   1.00 15.64 ? 54  ILE B N    1 
ATOM   1156 C CA   . ILE B 1 54 ? 6.648   -12.097 8.641   1.00 13.94 ? 54  ILE B CA   1 
ATOM   1157 C C    . ILE B 1 54 ? 7.564   -11.585 9.759   1.00 16.01 ? 54  ILE B C    1 
ATOM   1158 O O    . ILE B 1 54 ? 7.313   -10.590 10.500  1.00 15.74 ? 54  ILE B O    1 
ATOM   1159 C CB   . ILE B 1 54 ? 7.171   -11.589 7.271   1.00 12.89 ? 54  ILE B CB   1 
ATOM   1160 C CG1  . ILE B 1 54 ? 7.201   -10.055 7.199   1.00 11.85 ? 54  ILE B CG1  1 
ATOM   1161 C CG2  . ILE B 1 54 ? 6.283   -12.155 6.175   1.00 11.56 ? 54  ILE B CG2  1 
ATOM   1162 C CD1  . ILE B 1 54 ? 8.299   -9.642  6.183   1.00 9.02  ? 54  ILE B CD1  1 
ATOM   1163 N N    . ASN B 1 55 ? 8.678   -12.295 9.903   1.00 16.35 ? 55  ASN B N    1 
ATOM   1164 C CA   . ASN B 1 55 ? 9.664   -11.916 10.924  1.00 16.24 ? 55  ASN B CA   1 
ATOM   1165 C C    . ASN B 1 55 ? 10.525  -10.842 10.318  1.00 15.36 ? 55  ASN B C    1 
ATOM   1166 O O    . ASN B 1 55 ? 10.991  -10.953 9.173   1.00 17.64 ? 55  ASN B O    1 
ATOM   1167 C CB   . ASN B 1 55 ? 10.467  -13.139 11.317  1.00 16.72 ? 55  ASN B CB   1 
ATOM   1168 C CG   . ASN B 1 55 ? 9.489   -13.937 12.147  1.00 18.20 ? 55  ASN B CG   1 
ATOM   1169 O OD1  . ASN B 1 55 ? 8.884   -14.900 11.685  1.00 21.73 ? 55  ASN B OD1  1 
ATOM   1170 N ND2  . ASN B 1 55 ? 9.162   -13.510 13.352  1.00 18.76 ? 55  ASN B ND2  1 
ATOM   1171 N N    . THR B 1 56 ? 10.727  -9.807  11.094  1.00 14.09 ? 56  THR B N    1 
ATOM   1172 C CA   . THR B 1 56 ? 11.488  -8.659  10.670  1.00 11.70 ? 56  THR B CA   1 
ATOM   1173 C C    . THR B 1 56 ? 12.596  -8.263  11.617  1.00 12.32 ? 56  THR B C    1 
ATOM   1174 O O    . THR B 1 56 ? 12.505  -8.543  12.813  1.00 14.29 ? 56  THR B O    1 
ATOM   1175 C CB   . THR B 1 56 ? 10.333  -7.686  10.510  1.00 8.68  ? 56  THR B CB   1 
ATOM   1176 O OG1  . THR B 1 56 ? 10.184  -7.489  9.129   1.00 10.97 ? 56  THR B OG1  1 
ATOM   1177 C CG2  . THR B 1 56 ? 10.481  -6.452  11.277  1.00 7.37  ? 56  THR B CG2  1 
ATOM   1178 N N    . LYS B 1 57 ? 13.603  -7.576  11.112  1.00 11.79 ? 57  LYS B N    1 
ATOM   1179 C CA   . LYS B 1 57 ? 14.726  -7.097  11.884  1.00 11.46 ? 57  LYS B CA   1 
ATOM   1180 C C    . LYS B 1 57 ? 14.517  -5.592  11.721  1.00 11.56 ? 57  LYS B C    1 
ATOM   1181 O O    . LYS B 1 57 ? 14.479  -5.103  10.593  1.00 13.68 ? 57  LYS B O    1 
ATOM   1182 C CB   . LYS B 1 57 ? 16.039  -7.532  11.255  1.00 11.69 ? 57  LYS B CB   1 
ATOM   1183 C CG   . LYS B 1 57 ? 16.368  -9.014  11.331  1.00 10.28 ? 57  LYS B CG   1 
ATOM   1184 C CD   . LYS B 1 57 ? 17.773  -9.048  10.794  1.00 10.63 ? 57  LYS B CD   1 
ATOM   1185 C CE   . LYS B 1 57 ? 18.434  -10.415 10.707  1.00 12.96 ? 57  LYS B CE   1 
ATOM   1186 N NZ   . LYS B 1 57 ? 19.787  -10.248 10.164  1.00 14.34 ? 57  LYS B NZ   1 
ATOM   1187 N N    . GLU B 1 58 ? 14.296  -4.826  12.780  1.00 12.09 ? 58  GLU B N    1 
ATOM   1188 C CA   . GLU B 1 58 ? 14.072  -3.389  12.753  1.00 12.04 ? 58  GLU B CA   1 
ATOM   1189 C C    . GLU B 1 58 ? 15.334  -2.585  13.037  1.00 12.69 ? 58  GLU B C    1 
ATOM   1190 O O    . GLU B 1 58 ? 15.990  -2.833  14.058  1.00 12.63 ? 58  GLU B O    1 
ATOM   1191 C CB   . GLU B 1 58 ? 13.048  -3.078  13.782  1.00 12.02 ? 58  GLU B CB   1 
ATOM   1192 C CG   . GLU B 1 58 ? 12.660  -1.633  13.718  1.00 14.79 ? 58  GLU B CG   1 
ATOM   1193 C CD   . GLU B 1 58 ? 11.881  -1.246  14.943  1.00 16.19 ? 58  GLU B CD   1 
ATOM   1194 O OE1  . GLU B 1 58 ? 12.520  -1.047  15.964  1.00 22.04 ? 58  GLU B OE1  1 
ATOM   1195 O OE2  . GLU B 1 58 ? 10.661  -1.135  14.906  1.00 21.18 ? 58  GLU B OE2  1 
ATOM   1196 N N    . TYR B 1 59 ? 15.693  -1.639  12.173  1.00 12.04 ? 59  TYR B N    1 
ATOM   1197 C CA   . TYR B 1 59 ? 16.873  -0.800  12.321  1.00 11.26 ? 59  TYR B CA   1 
ATOM   1198 C C    . TYR B 1 59 ? 16.323  0.605   12.429  1.00 12.11 ? 59  TYR B C    1 
ATOM   1199 O O    . TYR B 1 59 ? 15.432  1.033   11.688  1.00 13.17 ? 59  TYR B O    1 
ATOM   1200 C CB   . TYR B 1 59 ? 17.779  -0.899  11.112  1.00 11.11 ? 59  TYR B CB   1 
ATOM   1201 C CG   . TYR B 1 59 ? 18.447  -2.245  10.971  1.00 11.69 ? 59  TYR B CG   1 
ATOM   1202 C CD1  . TYR B 1 59 ? 17.773  -3.258  10.301  1.00 11.97 ? 59  TYR B CD1  1 
ATOM   1203 C CD2  . TYR B 1 59 ? 19.678  -2.455  11.559  1.00 11.23 ? 59  TYR B CD2  1 
ATOM   1204 C CE1  . TYR B 1 59 ? 18.345  -4.508  10.240  1.00 12.12 ? 59  TYR B CE1  1 
ATOM   1205 C CE2  . TYR B 1 59 ? 20.248  -3.700  11.503  1.00 11.37 ? 59  TYR B CE2  1 
ATOM   1206 C CZ   . TYR B 1 59 ? 19.568  -4.720  10.848  1.00 12.47 ? 59  TYR B CZ   1 
ATOM   1207 O OH   . TYR B 1 59 ? 20.115  -5.989  10.818  1.00 12.44 ? 59  TYR B OH   1 
ATOM   1208 N N    . LYS B 1 60 ? 16.825  1.339   13.404  1.00 11.66 ? 60  LYS B N    1 
ATOM   1209 C CA   . LYS B 1 60 ? 16.350  2.685   13.623  1.00 12.46 ? 60  LYS B CA   1 
ATOM   1210 C C    . LYS B 1 60 ? 17.297  3.672   12.941  1.00 12.72 ? 60  LYS B C    1 
ATOM   1211 O O    . LYS B 1 60 ? 18.447  3.326   12.672  1.00 13.28 ? 60  LYS B O    1 
ATOM   1212 C CB   . LYS B 1 60 ? 16.317  2.832   15.123  1.00 13.76 ? 60  LYS B CB   1 
ATOM   1213 C CG   . LYS B 1 60 ? 15.181  3.519   15.804  1.00 16.44 ? 60  LYS B CG   1 
ATOM   1214 C CD   . LYS B 1 60 ? 14.157  2.481   16.234  1.00 17.25 ? 60  LYS B CD   1 
ATOM   1215 C CE   . LYS B 1 60 ? 13.040  3.197   17.018  1.00 19.79 ? 60  LYS B CE   1 
ATOM   1216 N NZ   . LYS B 1 60 ? 12.368  4.236   16.221  1.00 22.32 ? 60  LYS B NZ   1 
ATOM   1217 N N    . ASN B 1 61 ? 16.829  4.874   12.632  1.00 12.48 ? 61  ASN B N    1 
ATOM   1218 C CA   . ASN B 1 61 ? 17.638  5.914   12.015  1.00 12.94 ? 61  ASN B CA   1 
ATOM   1219 C C    . ASN B 1 61 ? 18.493  5.613   10.803  1.00 13.59 ? 61  ASN B C    1 
ATOM   1220 O O    . ASN B 1 61 ? 19.597  6.169   10.702  1.00 14.26 ? 61  ASN B O    1 
ATOM   1221 C CB   . ASN B 1 61 ? 18.563  6.506   13.050  1.00 14.25 ? 61  ASN B CB   1 
ATOM   1222 C CG   . ASN B 1 61 ? 17.749  7.168   14.103  1.00 17.51 ? 61  ASN B CG   1 
ATOM   1223 O OD1  . ASN B 1 61 ? 16.894  7.994   13.799  1.00 20.43 ? 61  ASN B OD1  1 
ATOM   1224 N ND2  . ASN B 1 61 ? 17.875  6.779   15.366  1.00 19.96 ? 61  ASN B ND2  1 
ATOM   1225 N N    . VAL B 1 62 ? 18.061  4.735   9.891   1.00 11.93 ? 62  VAL B N    1 
ATOM   1226 C CA   . VAL B 1 62 ? 18.824  4.402   8.706   1.00 9.45  ? 62  VAL B CA   1 
ATOM   1227 C C    . VAL B 1 62 ? 18.781  5.591   7.745   1.00 9.81  ? 62  VAL B C    1 
ATOM   1228 O O    . VAL B 1 62 ? 17.788  6.303   7.581   1.00 10.78 ? 62  VAL B O    1 
ATOM   1229 C CB   . VAL B 1 62 ? 18.212  3.140   8.161   1.00 9.04  ? 62  VAL B CB   1 
ATOM   1230 C CG1  . VAL B 1 62 ? 18.893  2.804   6.888   1.00 8.93  ? 62  VAL B CG1  1 
ATOM   1231 C CG2  . VAL B 1 62 ? 18.393  2.000   9.126   1.00 8.20  ? 62  VAL B CG2  1 
ATOM   1232 N N    . LYS B 1 63 ? 19.923  5.895   7.184   1.00 9.63  ? 63  LYS B N    1 
ATOM   1233 C CA   . LYS B 1 63 ? 20.026  7.002   6.282   1.00 11.63 ? 63  LYS B CA   1 
ATOM   1234 C C    . LYS B 1 63 ? 19.674  6.529   4.903   1.00 11.80 ? 63  LYS B C    1 
ATOM   1235 O O    . LYS B 1 63 ? 20.219  5.514   4.456   1.00 12.91 ? 63  LYS B O    1 
ATOM   1236 C CB   . LYS B 1 63 ? 21.447  7.520   6.380   1.00 15.45 ? 63  LYS B CB   1 
ATOM   1237 C CG   . LYS B 1 63 ? 21.766  8.253   7.725   1.00 15.50 ? 63  LYS B CG   1 
ATOM   1238 C CD   . LYS B 1 63 ? 23.248  8.651   7.711   1.00 15.89 ? 63  LYS B CD   1 
ATOM   1239 C CE   . LYS B 1 63 ? 23.527  9.729   6.673   1.00 15.65 ? 63  LYS B CE   1 
ATOM   1240 N NZ   . LYS B 1 63 ? 22.932  10.965  7.157   1.00 19.16 ? 63  LYS B NZ   1 
ATOM   1241 N N    . ILE B 1 64 ? 18.723  7.242   4.295   1.00 11.06 ? 64  ILE B N    1 
ATOM   1242 C CA   . ILE B 1 64 ? 18.208  6.966   2.955   1.00 11.81 ? 64  ILE B CA   1 
ATOM   1243 C C    . ILE B 1 64 ? 18.266  8.136   1.965   1.00 11.74 ? 64  ILE B C    1 
ATOM   1244 O O    . ILE B 1 64 ? 18.011  9.281   2.342   1.00 12.09 ? 64  ILE B O    1 
ATOM   1245 C CB   . ILE B 1 64 ? 16.715  6.500   3.068   1.00 11.88 ? 64  ILE B CB   1 
ATOM   1246 C CG1  . ILE B 1 64 ? 16.616  5.304   3.990   1.00 9.94  ? 64  ILE B CG1  1 
ATOM   1247 C CG2  . ILE B 1 64 ? 16.158  6.113   1.674   1.00 10.24 ? 64  ILE B CG2  1 
ATOM   1248 C CD1  . ILE B 1 64 ? 15.452  5.511   4.931   1.00 10.61 ? 64  ILE B CD1  1 
ATOM   1249 N N    . GLU B 1 65 ? 18.568  7.932   0.698   1.00 12.06 ? 65  GLU B N    1 
ATOM   1250 C CA   . GLU B 1 65 ? 18.600  9.022   -0.273  1.00 14.82 ? 65  GLU B CA   1 
ATOM   1251 C C    . GLU B 1 65 ? 17.608  8.515   -1.323  1.00 14.72 ? 65  GLU B C    1 
ATOM   1252 O O    . GLU B 1 65 ? 17.764  7.443   -1.951  1.00 14.14 ? 65  GLU B O    1 
ATOM   1253 C CB   . GLU B 1 65 ? 20.005  9.204   -0.851  1.00 17.21 ? 65  GLU B CB   1 
ATOM   1254 C CG   . GLU B 1 65 ? 20.072  10.289  -1.910  1.00 22.84 ? 65  GLU B CG   1 
ATOM   1255 C CD   . GLU B 1 65 ? 21.427  11.020  -1.979  1.00 26.13 ? 65  GLU B CD   1 
ATOM   1256 O OE1  . GLU B 1 65 ? 22.511  10.367  -2.050  1.00 26.81 ? 65  GLU B OE1  1 
ATOM   1257 O OE2  . GLU B 1 65 ? 21.382  12.272  -1.951  1.00 26.07 ? 65  GLU B OE2  1 
ATOM   1258 N N    . VAL B 1 66 ? 16.490  9.220   -1.437  1.00 14.62 ? 66  VAL B N    1 
ATOM   1259 C CA   . VAL B 1 66 ? 15.466  8.847   -2.377  1.00 15.08 ? 66  VAL B CA   1 
ATOM   1260 C C    . VAL B 1 66 ? 14.774  10.070  -2.956  1.00 16.20 ? 66  VAL B C    1 
ATOM   1261 O O    . VAL B 1 66 ? 14.584  11.080  -2.282  1.00 16.97 ? 66  VAL B O    1 
ATOM   1262 C CB   . VAL B 1 66 ? 14.497  7.887   -1.620  1.00 15.62 ? 66  VAL B CB   1 
ATOM   1263 C CG1  . VAL B 1 66 ? 13.757  8.595   -0.498  1.00 12.93 ? 66  VAL B CG1  1 
ATOM   1264 C CG2  . VAL B 1 66 ? 13.541  7.275   -2.653  1.00 13.37 ? 66  VAL B CG2  1 
ATOM   1265 N N    . LEU B 1 67 ? 14.437  10.041  -4.249  1.00 18.25 ? 67  LEU B N    1 
ATOM   1266 C CA   . LEU B 1 67 ? 13.759  11.142  -4.945  1.00 17.73 ? 67  LEU B CA   1 
ATOM   1267 C C    . LEU B 1 67 ? 14.452  12.497  -4.772  1.00 19.20 ? 67  LEU B C    1 
ATOM   1268 O O    . LEU B 1 67 ? 13.866  13.575  -4.600  1.00 18.87 ? 67  LEU B O    1 
ATOM   1269 C CB   . LEU B 1 67 ? 12.288  11.140  -4.447  1.00 18.23 ? 67  LEU B CB   1 
ATOM   1270 C CG   . LEU B 1 67 ? 11.302  10.220  -5.182  1.00 16.66 ? 67  LEU B CG   1 
ATOM   1271 C CD1  . LEU B 1 67 ? 9.917   10.191  -4.581  1.00 14.58 ? 67  LEU B CD1  1 
ATOM   1272 C CD2  . LEU B 1 67 ? 11.110  10.813  -6.557  1.00 19.75 ? 67  LEU B CD2  1 
ATOM   1273 N N    . GLY B 1 68 ? 15.797  12.350  -4.797  1.00 19.65 ? 68  GLY B N    1 
ATOM   1274 C CA   . GLY B 1 68 ? 16.722  13.479  -4.628  1.00 20.28 ? 68  GLY B CA   1 
ATOM   1275 C C    . GLY B 1 68 ? 16.826  14.095  -3.215  1.00 20.16 ? 68  GLY B C    1 
ATOM   1276 O O    . GLY B 1 68 ? 17.549  15.082  -3.047  1.00 19.98 ? 68  GLY B O    1 
ATOM   1277 N N    . LYS B 1 69 ? 16.156  13.537  -2.191  1.00 20.05 ? 69  LYS B N    1 
ATOM   1278 C CA   . LYS B 1 69 ? 16.130  14.056  -0.823  1.00 19.78 ? 69  LYS B CA   1 
ATOM   1279 C C    . LYS B 1 69 ? 16.876  13.075  0.076   1.00 19.13 ? 69  LYS B C    1 
ATOM   1280 O O    . LYS B 1 69 ? 16.934  11.874  -0.210  1.00 20.29 ? 69  LYS B O    1 
ATOM   1281 C CB   . LYS B 1 69 ? 14.692  14.186  -0.306  1.00 18.70 ? 69  LYS B CB   1 
ATOM   1282 C CG   . LYS B 1 69 ? 13.766  14.823  -1.342  1.00 21.17 ? 69  LYS B CG   1 
ATOM   1283 C CD   . LYS B 1 69 ? 13.134  16.164  -0.982  1.00 20.80 ? 69  LYS B CD   1 
ATOM   1284 C CE   . LYS B 1 69 ? 12.241  15.948  0.250   1.00 24.07 ? 69  LYS B CE   1 
ATOM   1285 N NZ   . LYS B 1 69 ? 11.340  17.087  0.473   1.00 23.87 ? 69  LYS B NZ   1 
ATOM   1286 N N    . ARG B 1 70 ? 17.552  13.557  1.121   1.00 18.35 ? 70  ARG B N    1 
ATOM   1287 C CA   . ARG B 1 70 ? 18.274  12.689  2.037   1.00 17.19 ? 70  ARG B CA   1 
ATOM   1288 C C    . ARG B 1 70 ? 17.331  12.660  3.199   1.00 16.49 ? 70  ARG B C    1 
ATOM   1289 O O    . ARG B 1 70 ? 16.844  13.722  3.587   1.00 18.39 ? 70  ARG B O    1 
ATOM   1290 C CB   . ARG B 1 70 ? 19.543  13.288  2.443   1.00 16.70 ? 70  ARG B CB   1 
ATOM   1291 C CG   . ARG B 1 70 ? 20.506  13.038  1.319   1.00 20.18 ? 70  ARG B CG   1 
ATOM   1292 C CD   . ARG B 1 70 ? 21.770  12.775  2.098   1.00 22.78 ? 70  ARG B CD   1 
ATOM   1293 N NE   . ARG B 1 70 ? 22.918  12.964  1.229   1.00 27.06 ? 70  ARG B NE   1 
ATOM   1294 C CZ   . ARG B 1 70 ? 23.463  11.920  0.595   1.00 29.81 ? 70  ARG B CZ   1 
ATOM   1295 N NH1  . ARG B 1 70 ? 22.911  10.690  0.772   1.00 31.12 ? 70  ARG B NH1  1 
ATOM   1296 N NH2  . ARG B 1 70 ? 24.549  12.092  -0.218  1.00 30.55 ? 70  ARG B NH2  1 
ATOM   1297 N N    . ILE B 1 71 ? 17.064  11.478  3.723   1.00 15.28 ? 71  ILE B N    1 
ATOM   1298 C CA   . ILE B 1 71 ? 16.145  11.233  4.825   1.00 13.71 ? 71  ILE B CA   1 
ATOM   1299 C C    . ILE B 1 71 ? 16.688  10.192  5.855   1.00 13.29 ? 71  ILE B C    1 
ATOM   1300 O O    . ILE B 1 71 ? 17.715  9.537   5.628   1.00 13.27 ? 71  ILE B O    1 
ATOM   1301 C CB   . ILE B 1 71 ? 14.856  10.893  3.931   1.00 13.79 ? 71  ILE B CB   1 
ATOM   1302 C CG1  . ILE B 1 71 ? 13.759  11.531  4.610   1.00 16.79 ? 71  ILE B CG1  1 
ATOM   1303 C CG2  . ILE B 1 71 ? 14.487  9.440   3.713   1.00 12.98 ? 71  ILE B CG2  1 
ATOM   1304 C CD1  . ILE B 1 71 ? 13.826  12.993  4.115   1.00 20.22 ? 71  ILE B CD1  1 
ATOM   1305 N N    . LYS B 1 72 ? 16.077  9.974   7.015   1.00 12.54 ? 72  LYS B N    1 
ATOM   1306 C CA   . LYS B 1 72 ? 16.536  9.014   8.014   1.00 11.47 ? 72  LYS B CA   1 
ATOM   1307 C C    . LYS B 1 72 ? 15.275  8.337   8.502   1.00 11.30 ? 72  LYS B C    1 
ATOM   1308 O O    . LYS B 1 72 ? 14.244  9.021   8.665   1.00 10.54 ? 72  LYS B O    1 
ATOM   1309 C CB   . LYS B 1 72 ? 17.106  9.631   9.240   1.00 13.26 ? 72  LYS B CB   1 
ATOM   1310 C CG   . LYS B 1 72 ? 18.589  9.740   9.370   1.00 17.28 ? 72  LYS B CG   1 
ATOM   1311 C CD   . LYS B 1 72 ? 18.806  10.400  10.776  1.00 20.02 ? 72  LYS B CD   1 
ATOM   1312 C CE   . LYS B 1 72 ? 20.305  10.662  11.124  1.00 20.77 ? 72  LYS B CE   1 
ATOM   1313 N NZ   . LYS B 1 72 ? 21.044  11.358  10.066  1.00 20.64 ? 72  LYS B NZ   1 
ATOM   1314 N N    . GLY B 1 73 ? 15.321  7.042   8.795   1.00 9.14  ? 73  GLY B N    1 
ATOM   1315 C CA   . GLY B 1 73 ? 14.130  6.398   9.283   1.00 8.53  ? 73  GLY B CA   1 
ATOM   1316 C C    . GLY B 1 73 ? 14.295  4.933   9.602   1.00 9.85  ? 73  GLY B C    1 
ATOM   1317 O O    . GLY B 1 73 ? 15.338  4.313   9.406   1.00 7.77  ? 73  GLY B O    1 
ATOM   1318 N N    . THR B 1 74 ? 13.234  4.432   10.226  1.00 10.94 ? 74  THR B N    1 
ATOM   1319 C CA   . THR B 1 74 ? 13.191  3.032   10.548  1.00 11.53 ? 74  THR B CA   1 
ATOM   1320 C C    . THR B 1 74 ? 12.866  2.145   9.361   1.00 11.93 ? 74  THR B C    1 
ATOM   1321 O O    . THR B 1 74 ? 11.849  2.388   8.704   1.00 11.65 ? 74  THR B O    1 
ATOM   1322 C CB   . THR B 1 74 ? 12.155  2.801   11.673  1.00 11.67 ? 74  THR B CB   1 
ATOM   1323 O OG1  . THR B 1 74 ? 12.489  3.651   12.771  1.00 11.70 ? 74  THR B OG1  1 
ATOM   1324 C CG2  . THR B 1 74 ? 12.148  1.363   12.136  1.00 9.33  ? 74  THR B CG2  1 
ATOM   1325 N N    . ILE B 1 75 ? 13.756  1.248   8.953   1.00 13.52 ? 75  ILE B N    1 
ATOM   1326 C CA   . ILE B 1 75 ? 13.420  0.358   7.859   1.00 15.17 ? 75  ILE B CA   1 
ATOM   1327 C C    . ILE B 1 75 ? 13.564  -1.053  8.543   1.00 15.79 ? 75  ILE B C    1 
ATOM   1328 O O    . ILE B 1 75 ? 14.396  -1.270  9.460   1.00 14.06 ? 75  ILE B O    1 
ATOM   1329 C CB   . ILE B 1 75 ? 14.328  0.419   6.531   1.00 14.01 ? 75  ILE B CB   1 
ATOM   1330 C CG1  . ILE B 1 75 ? 15.697  0.187   6.901   1.00 15.80 ? 75  ILE B CG1  1 
ATOM   1331 C CG2  . ILE B 1 75 ? 14.179  1.682   5.731   1.00 12.93 ? 75  ILE B CG2  1 
ATOM   1332 C CD1  . ILE B 1 75 ? 15.799  -1.225  6.290   1.00 17.67 ? 75  ILE B CD1  1 
ATOM   1333 N N    . MET B 1 76 ? 12.685  -1.985  8.107   1.00 14.52 ? 76  MET B N    1 
ATOM   1334 C CA   . MET B 1 76 ? 12.592  -3.374  8.577   1.00 13.13 ? 76  MET B CA   1 
ATOM   1335 C C    . MET B 1 76 ? 13.146  -4.225  7.455   1.00 12.62 ? 76  MET B C    1 
ATOM   1336 O O    . MET B 1 76 ? 12.928  -3.946  6.273   1.00 12.24 ? 76  MET B O    1 
ATOM   1337 C CB   . MET B 1 76 ? 11.192  -3.885  8.753   1.00 12.37 ? 76  MET B CB   1 
ATOM   1338 C CG   . MET B 1 76 ? 10.229  -3.061  9.582   1.00 12.55 ? 76  MET B CG   1 
ATOM   1339 S SD   . MET B 1 76 ? 10.562  -3.295  11.346  1.00 16.03 ? 76  MET B SD   1 
ATOM   1340 C CE   . MET B 1 76 ? 9.275   -2.224  11.866  1.00 14.74 ? 76  MET B CE   1 
ATOM   1341 N N    . THR B 1 77 ? 13.942  -5.198  7.803   1.00 12.15 ? 77  THR B N    1 
ATOM   1342 C CA   . THR B 1 77 ? 14.527  -6.109  6.857   1.00 14.02 ? 77  THR B CA   1 
ATOM   1343 C C    . THR B 1 77 ? 13.682  -7.359  7.026   1.00 13.19 ? 77  THR B C    1 
ATOM   1344 O O    . THR B 1 77 ? 13.303  -7.658  8.153   1.00 13.31 ? 77  THR B O    1 
ATOM   1345 C CB   . THR B 1 77 ? 15.978  -6.229  7.284   1.00 16.12 ? 77  THR B CB   1 
ATOM   1346 O OG1  . THR B 1 77 ? 16.654  -5.433  6.298   1.00 20.14 ? 77  THR B OG1  1 
ATOM   1347 C CG2  . THR B 1 77 ? 16.491  -7.660  7.503   1.00 18.47 ? 77  THR B CG2  1 
ATOM   1348 N N    . GLY B 1 78 ? 13.343  -8.056  5.948   1.00 13.65 ? 78  GLY B N    1 
ATOM   1349 C CA   . GLY B 1 78 ? 12.518  -9.251  5.967   1.00 14.84 ? 78  GLY B CA   1 
ATOM   1350 C C    . GLY B 1 78 ? 12.387  -9.813  4.546   1.00 16.45 ? 78  GLY B C    1 
ATOM   1351 O O    . GLY B 1 78 ? 12.759  -9.194  3.536   1.00 15.28 ? 78  GLY B O    1 
ATOM   1352 N N    . ASP B 1 79 ? 11.884  -11.035 4.437   1.00 18.47 ? 79  ASP B N    1 
ATOM   1353 C CA   . ASP B 1 79 ? 11.696  -11.675 3.124   1.00 21.54 ? 79  ASP B CA   1 
ATOM   1354 C C    . ASP B 1 79 ? 10.333  -11.213 2.615   1.00 19.73 ? 79  ASP B C    1 
ATOM   1355 O O    . ASP B 1 79 ? 9.281   -11.799 2.889   1.00 21.40 ? 79  ASP B O    1 
ATOM   1356 C CB   . ASP B 1 79 ? 11.715  -13.228 3.237   1.00 23.29 ? 79  ASP B CB   1 
ATOM   1357 C CG   . ASP B 1 79 ? 12.888  -13.726 4.117   1.00 28.46 ? 79  ASP B CG   1 
ATOM   1358 O OD1  . ASP B 1 79 ? 14.085  -13.389 3.871   1.00 30.02 ? 79  ASP B OD1  1 
ATOM   1359 O OD2  . ASP B 1 79 ? 12.582  -14.449 5.086   1.00 31.07 ? 79  ASP B OD2  1 
ATOM   1360 N N    . THR B 1 80 ? 10.388  -10.010 2.084   1.00 17.64 ? 80  THR B N    1 
ATOM   1361 C CA   . THR B 1 80 ? 9.208   -9.389  1.535   1.00 17.14 ? 80  THR B CA   1 
ATOM   1362 C C    . THR B 1 80 ? 9.264   -9.637  0.008   1.00 16.63 ? 80  THR B C    1 
ATOM   1363 O O    . THR B 1 80 ? 10.351  -9.554  -0.598  1.00 15.93 ? 80  THR B O    1 
ATOM   1364 C CB   . THR B 1 80 ? 9.253   -7.904  1.900   1.00 16.33 ? 80  THR B CB   1 
ATOM   1365 O OG1  . THR B 1 80 ? 8.134   -7.318  1.229   1.00 12.49 ? 80  THR B OG1  1 
ATOM   1366 C CG2  . THR B 1 80 ? 10.606  -7.233  1.561   1.00 16.51 ? 80  THR B CG2  1 
ATOM   1367 N N    . PRO B 1 81 ? 8.153   -9.963  -0.676  1.00 16.11 ? 81  PRO B N    1 
ATOM   1368 C CA   . PRO B 1 81 ? 8.114   -10.077 -2.136  1.00 15.84 ? 81  PRO B CA   1 
ATOM   1369 C C    . PRO B 1 81 ? 8.260   -8.747  -2.833  1.00 15.32 ? 81  PRO B C    1 
ATOM   1370 O O    . PRO B 1 81 ? 8.562   -8.764  -4.019  1.00 17.40 ? 81  PRO B O    1 
ATOM   1371 C CB   . PRO B 1 81 ? 6.797   -10.726 -2.468  1.00 14.31 ? 81  PRO B CB   1 
ATOM   1372 C CG   . PRO B 1 81 ? 5.913   -10.231 -1.328  1.00 16.53 ? 81  PRO B CG   1 
ATOM   1373 C CD   . PRO B 1 81 ? 6.857   -10.304 -0.105  1.00 16.36 ? 81  PRO B CD   1 
ATOM   1374 N N    . ILE B 1 82 ? 8.022   -7.602  -2.183  1.00 14.67 ? 82  ILE B N    1 
ATOM   1375 C CA   . ILE B 1 82 ? 8.137   -6.285  -2.790  1.00 12.39 ? 82  ILE B CA   1 
ATOM   1376 C C    . ILE B 1 82 ? 8.806   -5.396  -1.737  1.00 11.20 ? 82  ILE B C    1 
ATOM   1377 O O    . ILE B 1 82 ? 8.440   -5.442  -0.562  1.00 10.38 ? 82  ILE B O    1 
ATOM   1378 C CB   . ILE B 1 82 ? 6.769   -5.577  -3.114  1.00 13.14 ? 82  ILE B CB   1 
ATOM   1379 C CG1  . ILE B 1 82 ? 5.594   -6.510  -3.375  1.00 15.50 ? 82  ILE B CG1  1 
ATOM   1380 C CG2  . ILE B 1 82 ? 7.040   -4.724  -4.374  1.00 13.88 ? 82  ILE B CG2  1 
ATOM   1381 C CD1  . ILE B 1 82 ? 4.841   -7.028  -2.155  1.00 18.84 ? 82  ILE B CD1  1 
ATOM   1382 N N    . ASN B 1 83 ? 9.727   -4.543  -2.159  1.00 9.10  ? 83  ASN B N    1 
ATOM   1383 C CA   . ASN B 1 83 ? 10.417  -3.658  -1.268  1.00 9.73  ? 83  ASN B CA   1 
ATOM   1384 C C    . ASN B 1 83 ? 9.476   -2.508  -1.126  1.00 8.72  ? 83  ASN B C    1 
ATOM   1385 O O    . ASN B 1 83 ? 9.074   -1.902  -2.101  1.00 7.93  ? 83  ASN B O    1 
ATOM   1386 C CB   . ASN B 1 83 ? 11.715  -3.201  -1.856  1.00 11.28 ? 83  ASN B CB   1 
ATOM   1387 C CG   . ASN B 1 83 ? 12.748  -4.306  -1.831  1.00 12.08 ? 83  ASN B CG   1 
ATOM   1388 O OD1  . ASN B 1 83 ? 12.886  -5.147  -0.933  1.00 12.74 ? 83  ASN B OD1  1 
ATOM   1389 N ND2  . ASN B 1 83 ? 13.486  -4.327  -2.910  1.00 13.59 ? 83  ASN B ND2  1 
ATOM   1390 N N    . ILE B 1 84 ? 9.103   -2.249  0.118   1.00 9.33  ? 84  ILE B N    1 
ATOM   1391 C CA   . ILE B 1 84 ? 8.171   -1.211  0.473   1.00 8.90  ? 84  ILE B CA   1 
ATOM   1392 C C    . ILE B 1 84 ? 8.637   -0.029  1.286   1.00 10.09 ? 84  ILE B C    1 
ATOM   1393 O O    . ILE B 1 84 ? 9.283   -0.227  2.311   1.00 10.19 ? 84  ILE B O    1 
ATOM   1394 C CB   . ILE B 1 84 ? 7.000   -1.916  1.209   1.00 6.65  ? 84  ILE B CB   1 
ATOM   1395 C CG1  . ILE B 1 84 ? 6.317   -2.865  0.234   1.00 8.48  ? 84  ILE B CG1  1 
ATOM   1396 C CG2  . ILE B 1 84 ? 6.071   -0.877  1.840   1.00 5.51  ? 84  ILE B CG2  1 
ATOM   1397 C CD1  . ILE B 1 84 ? 5.263   -3.851  0.767   1.00 8.53  ? 84  ILE B CD1  1 
ATOM   1398 N N    . PHE B 1 85 ? 8.292   1.189   0.866   1.00 10.60 ? 85  PHE B N    1 
ATOM   1399 C CA   . PHE B 1 85 ? 8.642   2.387   1.602   1.00 8.08  ? 85  PHE B CA   1 
ATOM   1400 C C    . PHE B 1 85 ? 7.278   2.865   2.043   1.00 7.21  ? 85  PHE B C    1 
ATOM   1401 O O    . PHE B 1 85 ? 6.513   3.339   1.200   1.00 7.12  ? 85  PHE B O    1 
ATOM   1402 C CB   . PHE B 1 85 ? 9.238   3.441   0.740   1.00 9.60  ? 85  PHE B CB   1 
ATOM   1403 C CG   . PHE B 1 85 ? 10.741  3.522   0.833   1.00 9.35  ? 85  PHE B CG   1 
ATOM   1404 C CD1  . PHE B 1 85 ? 11.482  2.413   1.161   1.00 7.60  ? 85  PHE B CD1  1 
ATOM   1405 C CD2  . PHE B 1 85 ? 11.333  4.740   0.525   1.00 10.88 ? 85  PHE B CD2  1 
ATOM   1406 C CE1  . PHE B 1 85 ? 12.847  2.535   1.164   1.00 7.87  ? 85  PHE B CE1  1 
ATOM   1407 C CE2  . PHE B 1 85 ? 12.705  4.851   0.531   1.00 10.54 ? 85  PHE B CE2  1 
ATOM   1408 C CZ   . PHE B 1 85 ? 13.455  3.741   0.849   1.00 8.92  ? 85  PHE B CZ   1 
ATOM   1409 N N    . GLY B 1 86 ? 6.982   2.671   3.328   1.00 5.44  ? 86  GLY B N    1 
ATOM   1410 C CA   . GLY B 1 86 ? 5.721   3.040   3.906   1.00 5.37  ? 86  GLY B CA   1 
ATOM   1411 C C    . GLY B 1 86 ? 5.681   4.503   4.370   1.00 7.05  ? 86  GLY B C    1 
ATOM   1412 O O    . GLY B 1 86 ? 6.600   5.324   4.220   1.00 6.90  ? 86  GLY B O    1 
ATOM   1413 N N    . ARG B 1 87 ? 4.565   4.829   5.023   1.00 8.20  ? 87  ARG B N    1 
ATOM   1414 C CA   . ARG B 1 87 ? 4.249   6.166   5.481   1.00 8.89  ? 87  ARG B CA   1 
ATOM   1415 C C    . ARG B 1 87 ? 5.304   6.803   6.347   1.00 9.18  ? 87  ARG B C    1 
ATOM   1416 O O    . ARG B 1 87 ? 5.503   8.001   6.233   1.00 9.02  ? 87  ARG B O    1 
ATOM   1417 C CB   . ARG B 1 87 ? 2.946   6.163   6.240   1.00 7.20  ? 87  ARG B CB   1 
ATOM   1418 C CG   . ARG B 1 87 ? 1.748   6.015   5.292   1.00 6.83  ? 87  ARG B CG   1 
ATOM   1419 C CD   . ARG B 1 87 ? 0.468   6.201   6.051   1.00 5.19  ? 87  ARG B CD   1 
ATOM   1420 N NE   . ARG B 1 87 ? 0.364   5.296   7.201   1.00 8.09  ? 87  ARG B NE   1 
ATOM   1421 C CZ   . ARG B 1 87 ? 0.266   5.688   8.475   1.00 6.34  ? 87  ARG B CZ   1 
ATOM   1422 N NH1  . ARG B 1 87 ? 0.348   6.958   8.826   1.00 4.99  ? 87  ARG B NH1  1 
ATOM   1423 N NH2  . ARG B 1 87 ? 0.152   4.783   9.420   1.00 2.29  ? 87  ARG B NH2  1 
ATOM   1424 N N    . ASN B 1 88 ? 6.066   6.052   7.137   1.00 10.38 ? 88  ASN B N    1 
ATOM   1425 C CA   . ASN B 1 88 ? 7.071   6.679   7.960   1.00 11.86 ? 88  ASN B CA   1 
ATOM   1426 C C    . ASN B 1 88 ? 8.082   7.387   7.071   1.00 12.66 ? 88  ASN B C    1 
ATOM   1427 O O    . ASN B 1 88 ? 8.552   8.474   7.413   1.00 16.57 ? 88  ASN B O    1 
ATOM   1428 C CB   . ASN B 1 88 ? 7.791   5.647   8.872   1.00 13.09 ? 88  ASN B CB   1 
ATOM   1429 C CG   . ASN B 1 88 ? 8.641   4.630   8.147   1.00 12.69 ? 88  ASN B CG   1 
ATOM   1430 O OD1  . ASN B 1 88 ? 8.233   4.140   7.109   1.00 14.10 ? 88  ASN B OD1  1 
ATOM   1431 N ND2  . ASN B 1 88 ? 9.810   4.248   8.587   1.00 11.67 ? 88  ASN B ND2  1 
ATOM   1432 N N    . LEU B 1 89 ? 8.398   6.855   5.903   1.00 11.79 ? 89  LEU B N    1 
ATOM   1433 C CA   . LEU B 1 89 ? 9.346   7.527   5.066   1.00 10.55 ? 89  LEU B CA   1 
ATOM   1434 C C    . LEU B 1 89 ? 8.637   8.463   4.108   1.00 9.97  ? 89  LEU B C    1 
ATOM   1435 O O    . LEU B 1 89 ? 9.183   9.493   3.711   1.00 13.40 ? 89  LEU B O    1 
ATOM   1436 C CB   . LEU B 1 89 ? 10.174  6.498   4.317   1.00 9.64  ? 89  LEU B CB   1 
ATOM   1437 C CG   . LEU B 1 89 ? 10.801  5.412   5.138   1.00 8.98  ? 89  LEU B CG   1 
ATOM   1438 C CD1  . LEU B 1 89 ? 11.639  4.599   4.206   1.00 8.57  ? 89  LEU B CD1  1 
ATOM   1439 C CD2  . LEU B 1 89 ? 11.659  5.970   6.280   1.00 11.50 ? 89  LEU B CD2  1 
ATOM   1440 N N    . LEU B 1 90 ? 7.418   8.183   3.698   1.00 9.86  ? 90  LEU B N    1 
ATOM   1441 C CA   . LEU B 1 90 ? 6.705   9.055   2.784   1.00 9.44  ? 90  LEU B CA   1 
ATOM   1442 C C    . LEU B 1 90 ? 6.464   10.410  3.447   1.00 10.10 ? 90  LEU B C    1 
ATOM   1443 O O    . LEU B 1 90 ? 6.765   11.448  2.838   1.00 11.05 ? 90  LEU B O    1 
ATOM   1444 C CB   . LEU B 1 90 ? 5.407   8.332   2.369   1.00 9.29  ? 90  LEU B CB   1 
ATOM   1445 C CG   . LEU B 1 90 ? 5.367   7.532   1.000   1.00 9.25  ? 90  LEU B CG   1 
ATOM   1446 C CD1  . LEU B 1 90 ? 6.743   6.969   0.617   1.00 9.50  ? 90  LEU B CD1  1 
ATOM   1447 C CD2  . LEU B 1 90 ? 4.338   6.427   1.106   1.00 6.23  ? 90  LEU B CD2  1 
ATOM   1448 N N    . THR B 1 91 ? 6.037   10.454  4.710   1.00 10.90 ? 91  THR B N    1 
ATOM   1449 C CA   . THR B 1 91 ? 5.794   11.711  5.434   1.00 10.03 ? 91  THR B CA   1 
ATOM   1450 C C    . THR B 1 91 ? 7.116   12.502  5.512   1.00 10.03 ? 91  THR B C    1 
ATOM   1451 O O    . THR B 1 91 ? 7.153   13.704  5.253   1.00 12.00 ? 91  THR B O    1 
ATOM   1452 C CB   . THR B 1 91 ? 5.299   11.425  6.847   1.00 9.06  ? 91  THR B CB   1 
ATOM   1453 O OG1  . THR B 1 91 ? 6.226   10.493  7.402   1.00 11.12 ? 91  THR B OG1  1 
ATOM   1454 C CG2  . THR B 1 91 ? 3.917   10.882  6.894   1.00 9.15  ? 91  THR B CG2  1 
ATOM   1455 N N    . ALA B 1 92 ? 8.215   11.807  5.798   1.00 9.50  ? 92  ALA B N    1 
ATOM   1456 C CA   . ALA B 1 92 ? 9.531   12.388  5.893   1.00 10.28 ? 92  ALA B CA   1 
ATOM   1457 C C    . ALA B 1 92 ? 9.935   13.021  4.552   1.00 11.14 ? 92  ALA B C    1 
ATOM   1458 O O    . ALA B 1 92 ? 10.728  13.954  4.482   1.00 12.32 ? 92  ALA B O    1 
ATOM   1459 C CB   . ALA B 1 92 ? 10.501  11.292  6.274   1.00 7.76  ? 92  ALA B CB   1 
ATOM   1460 N N    . LEU B 1 93 ? 9.441   12.499  3.432   1.00 13.25 ? 93  LEU B N    1 
ATOM   1461 C CA   . LEU B 1 93 ? 9.741   13.035  2.119   1.00 11.70 ? 93  LEU B CA   1 
ATOM   1462 C C    . LEU B 1 93 ? 8.839   14.214  1.869   1.00 11.84 ? 93  LEU B C    1 
ATOM   1463 O O    . LEU B 1 93 ? 9.145   15.068  1.060   1.00 13.14 ? 93  LEU B O    1 
ATOM   1464 C CB   . LEU B 1 93 ? 9.491   11.988  1.063   1.00 11.49 ? 93  LEU B CB   1 
ATOM   1465 C CG   . LEU B 1 93 ? 10.564  10.944  0.861   1.00 11.23 ? 93  LEU B CG   1 
ATOM   1466 C CD1  . LEU B 1 93 ? 9.985   9.794   0.067   1.00 11.57 ? 93  LEU B CD1  1 
ATOM   1467 C CD2  . LEU B 1 93 ? 11.740  11.538  0.116   1.00 11.61 ? 93  LEU B CD2  1 
ATOM   1468 N N    . GLY B 1 94 ? 7.707   14.341  2.526   1.00 12.78 ? 94  GLY B N    1 
ATOM   1469 C CA   . GLY B 1 94 ? 6.804   15.428  2.237   1.00 13.22 ? 94  GLY B CA   1 
ATOM   1470 C C    . GLY B 1 94 ? 5.792   15.009  1.162   1.00 14.23 ? 94  GLY B C    1 
ATOM   1471 O O    . GLY B 1 94 ? 5.218   15.872  0.489   1.00 14.93 ? 94  GLY B O    1 
ATOM   1472 N N    . MET B 1 95 ? 5.502   13.703  1.035   1.00 13.61 ? 95  MET B N    1 
ATOM   1473 C CA   . MET B 1 95 ? 4.580   13.210  0.031   1.00 14.11 ? 95  MET B CA   1 
ATOM   1474 C C    . MET B 1 95 ? 3.147   13.280  0.481   1.00 14.39 ? 95  MET B C    1 
ATOM   1475 O O    . MET B 1 95 ? 2.788   13.120  1.653   1.00 16.33 ? 95  MET B O    1 
ATOM   1476 C CB   . MET B 1 95 ? 4.876   11.794  -0.348  1.00 14.32 ? 95  MET B CB   1 
ATOM   1477 C CG   . MET B 1 95 ? 6.019   11.892  -1.304  1.00 16.44 ? 95  MET B CG   1 
ATOM   1478 S SD   . MET B 1 95 ? 6.396   10.232  -1.888  1.00 19.93 ? 95  MET B SD   1 
ATOM   1479 C CE   . MET B 1 95 ? 5.974   10.422  -3.592  1.00 18.76 ? 95  MET B CE   1 
ATOM   1480 N N    . SER B 1 96 ? 2.288   13.397  -0.501  1.00 12.86 ? 96  SER B N    1 
ATOM   1481 C CA   . SER B 1 96 ? 0.902   13.508  -0.198  1.00 10.68 ? 96  SER B CA   1 
ATOM   1482 C C    . SER B 1 96 ? 0.150   12.768  -1.271  1.00 10.53 ? 96  SER B C    1 
ATOM   1483 O O    . SER B 1 96 ? 0.676   12.602  -2.375  1.00 10.74 ? 96  SER B O    1 
ATOM   1484 C CB   . SER B 1 96 ? 0.723   15.009  -0.144  1.00 9.00  ? 96  SER B CB   1 
ATOM   1485 O OG   . SER B 1 96 ? -0.570  15.547  -0.311  1.00 16.21 ? 96  SER B OG   1 
ATOM   1486 N N    . LEU B 1 97 ? -1.034  12.288  -0.897  1.00 10.14 ? 97  LEU B N    1 
ATOM   1487 C CA   . LEU B 1 97 ? -1.934  11.556  -1.763  1.00 11.08 ? 97  LEU B CA   1 
ATOM   1488 C C    . LEU B 1 97 ? -2.949  12.639  -2.049  1.00 12.36 ? 97  LEU B C    1 
ATOM   1489 O O    . LEU B 1 97 ? -3.582  13.193  -1.133  1.00 13.22 ? 97  LEU B O    1 
ATOM   1490 C CB   . LEU B 1 97 ? -2.627  10.434  -1.052  1.00 9.90  ? 97  LEU B CB   1 
ATOM   1491 C CG   . LEU B 1 97 ? -2.545  9.042   -1.620  1.00 10.43 ? 97  LEU B CG   1 
ATOM   1492 C CD1  . LEU B 1 97 ? -3.592  8.237   -0.862  1.00 10.31 ? 97  LEU B CD1  1 
ATOM   1493 C CD2  . LEU B 1 97 ? -2.754  9.001   -3.138  1.00 9.69  ? 97  LEU B CD2  1 
ATOM   1494 N N    . ASN B 1 98 ? -3.161  12.966  -3.307  1.00 12.41 ? 98  ASN B N    1 
ATOM   1495 C CA   . ASN B 1 98 ? -4.080  14.012  -3.616  1.00 13.22 ? 98  ASN B CA   1 
ATOM   1496 C C    . ASN B 1 98 ? -5.120  13.719  -4.609  1.00 13.88 ? 98  ASN B C    1 
ATOM   1497 O O    . ASN B 1 98 ? -4.892  12.941  -5.509  1.00 14.84 ? 98  ASN B O    1 
ATOM   1498 C CB   . ASN B 1 98 ? -3.361  15.251  -4.140  1.00 13.82 ? 98  ASN B CB   1 
ATOM   1499 C CG   . ASN B 1 98 ? -2.408  15.856  -3.130  1.00 15.78 ? 98  ASN B CG   1 
ATOM   1500 O OD1  . ASN B 1 98 ? -1.220  15.519  -3.164  1.00 16.64 ? 98  ASN B OD1  1 
ATOM   1501 N ND2  . ASN B 1 98 ? -2.852  16.680  -2.177  1.00 15.25 ? 98  ASN B ND2  1 
ATOM   1502 N N    . LEU B 1 99 ? -6.275  14.307  -4.350  1.00 15.34 ? 99  LEU B N    1 
ATOM   1503 C CA   . LEU B 1 99 ? -7.429  14.222  -5.204  1.00 16.08 ? 99  LEU B CA   1 
ATOM   1504 C C    . LEU B 1 99 ? -7.686  15.717  -5.459  1.00 18.21 ? 99  LEU B C    1 
ATOM   1505 O O    . LEU B 1 99 ? -8.068  16.471  -4.554  1.00 19.96 ? 99  LEU B O    1 
ATOM   1506 C CB   . LEU B 1 99 ? -8.642  13.604  -4.523  1.00 16.54 ? 99  LEU B CB   1 
ATOM   1507 C CG   . LEU B 1 99 ? -9.841  13.257  -5.430  1.00 16.74 ? 99  LEU B CG   1 
ATOM   1508 C CD1  . LEU B 1 99 ? -10.719 14.435  -5.764  1.00 18.74 ? 99  LEU B CD1  1 
ATOM   1509 C CD2  . LEU B 1 99 ? -9.314  12.815  -6.756  1.00 18.03 ? 99  LEU B CD2  1 
ATOM   1510 O OXT  . LEU B 1 99 ? -7.433  16.153  -6.580  1.00 20.91 ? 99  LEU B OXT  1 
HETATM 1511 N N    . PSI C 2 .  ? 2.109   -2.285  9.703   1.00 10.11 ? 100 PSI B N    1 
HETATM 1512 C CA   . PSI C 2 .  ? 1.617   -3.229  8.707   1.00 10.15 ? 100 PSI B CA   1 
HETATM 1513 C C    . PSI C 2 .  ? 2.055   -2.761  7.329   1.00 8.88  ? 100 PSI B C    1 
HETATM 1514 O O    . PSI C 2 .  ? 2.408   -1.591  7.135   1.00 11.20 ? 100 PSI B O    1 
HETATM 1515 C CB   . PSI C 2 .  ? 0.103   -3.312  8.719   1.00 9.92  ? 100 PSI B CB   1 
HETATM 1516 N N1   . PSI C 2 .  ? 2.068   -3.628  6.375   1.00 6.53  ? 100 PSI B N1   1 
HETATM 1517 C CA1  . PSI C 2 .  ? 2.481   -3.266  5.054   1.00 5.09  ? 100 PSI B CA1  1 
HETATM 1518 C C1   . PSI C 2 .  ? 1.552   -3.960  4.057   1.00 7.01  ? 100 PSI B C1   1 
HETATM 1519 O O1   . PSI C 2 .  ? 1.610   -5.169  3.834   1.00 7.28  ? 100 PSI B O1   1 
HETATM 1520 C CB1  . PSI C 2 .  ? 3.909   -3.723  4.891   1.00 2.01  ? 100 PSI B CB1  1 
HETATM 1521 C C3   . PSI C 2 .  ? 0.760   -5.332  -1.369  1.00 9.00  ? 100 PSI B C3   1 
HETATM 1522 O O2   . PSI C 2 .  ? 0.751   -6.375  -0.699  1.00 6.41  ? 100 PSI B O2   1 
HETATM 1523 C CA3  . PSI C 2 .  ? 1.588   -4.144  -0.899  1.00 5.71  ? 100 PSI B CA3  1 
HETATM 1524 C CM   . PSI C 2 .  ? 1.510   -4.043  0.589   1.00 7.09  ? 100 PSI B CM   1 
HETATM 1525 C C2   . PSI C 2 .  ? 0.180   -3.517  1.012   1.00 6.69  ? 100 PSI B C2   1 
HETATM 1526 O OS   . PSI C 2 .  ? 0.265   -2.111  0.823   1.00 8.34  ? 100 PSI B OS   1 
HETATM 1527 C CA2  . PSI C 2 .  ? -0.253  -3.852  2.446   1.00 7.11  ? 100 PSI B CA2  1 
HETATM 1528 N N2   . PSI C 2 .  ? 0.652   -3.235  3.413   1.00 6.32  ? 100 PSI B N2   1 
HETATM 1529 C CB2  . PSI C 2 .  ? -1.654  -3.357  2.750   1.00 6.72  ? 100 PSI B CB2  1 
HETATM 1530 C CG   . PSI C 2 .  ? -2.111  -3.814  4.118   1.00 8.43  ? 100 PSI B CG   1 
HETATM 1531 C CD1  . PSI C 2 .  ? -2.477  -5.127  4.306   1.00 7.28  ? 100 PSI B CD1  1 
HETATM 1532 C CD2  . PSI C 2 .  ? -2.167  -2.902  5.159   1.00 7.25  ? 100 PSI B CD2  1 
HETATM 1533 C CE1  . PSI C 2 .  ? -2.897  -5.508  5.559   1.00 9.98  ? 100 PSI B CE1  1 
HETATM 1534 C CE2  . PSI C 2 .  ? -2.588  -3.285  6.408   1.00 7.37  ? 100 PSI B CE2  1 
HETATM 1535 C CZ   . PSI C 2 .  ? -2.951  -4.594  6.601   1.00 9.24  ? 100 PSI B CZ   1 
HETATM 1536 N N4   . PSI C 2 .  ? 0.072   -5.211  -2.495  1.00 5.48  ? 100 PSI B N4   1 
HETATM 1537 C CA4  . PSI C 2 .  ? -0.684  -6.337  -2.952  1.00 6.71  ? 100 PSI B CA4  1 
HETATM 1538 C C4   . PSI C 2 .  ? -0.360  -6.377  -4.423  1.00 8.17  ? 100 PSI B C4   1 
HETATM 1539 O O3   . PSI C 2 .  ? -0.497  -5.404  -5.169  1.00 8.26  ? 100 PSI B O3   1 
HETATM 1540 C CB3  . PSI C 2 .  ? -2.234  -6.234  -2.820  1.00 7.58  ? 100 PSI B CB3  1 
HETATM 1541 C CG1  . PSI C 2 .  ? -2.826  -7.580  -3.219  1.00 4.58  ? 100 PSI B CG1  1 
HETATM 1542 C CG2  . PSI C 2 .  ? -2.696  -5.967  -1.394  1.00 8.41  ? 100 PSI B CG2  1 
HETATM 1543 N N5   . PSI C 2 .  ? 0.065   -7.538  -4.874  1.00 9.29  ? 100 PSI B N5   1 
HETATM 1544 C CA5  . PSI C 2 .  ? 0.390   -7.764  -6.276  1.00 9.30  ? 100 PSI B CA5  1 
HETATM 1545 C C5   . PSI C 2 .  ? -0.517  -8.919  -6.748  1.00 9.20  ? 100 PSI B C5   1 
HETATM 1546 O O4   . PSI C 2 .  ? -1.280  -9.536  -5.996  1.00 8.61  ? 100 PSI B O4   1 
HETATM 1547 C CB4  . PSI C 2 .  ? 1.878   -8.139  -6.464  1.00 8.07  ? 100 PSI B CB4  1 
HETATM 1548 C CG11 . PSI C 2 .  ? 2.192   -9.436  -5.750  1.00 8.89  ? 100 PSI B CG11 1 
HETATM 1549 C CG21 . PSI C 2 .  ? 2.731   -6.971  -6.009  1.00 6.29  ? 100 PSI B CG21 1 
HETATM 1550 C C6   . PSI C 2 .  ? -1.915  -9.607  -8.553  1.00 14.70 ? 100 PSI B C6   1 
HETATM 1551 O O5   . PSI C 2 .  ? -0.576  -9.317  -8.102  1.00 13.08 ? 100 PSI B O5   1 
HETATM 1552 O O    . HOH D 3 .  ? 3.383   14.635  4.019   1.00 16.81 ? 501 HOH A O    1 
HETATM 1553 O O    . HOH D 3 .  ? -3.325  10.225  5.305   1.00 14.08 ? 502 HOH A O    1 
HETATM 1554 O O    . HOH D 3 .  ? -4.338  13.086  6.416   1.00 7.77  ? 503 HOH A O    1 
HETATM 1555 O O    . HOH D 3 .  ? -15.907 9.111   0.736   1.00 13.08 ? 504 HOH A O    1 
HETATM 1556 O O    . HOH D 3 .  ? -19.372 7.244   0.589   1.00 25.18 ? 505 HOH A O    1 
HETATM 1557 O O    . HOH D 3 .  ? -15.578 -4.609  5.708   1.00 21.82 ? 506 HOH A O    1 
HETATM 1558 O O    . HOH D 3 .  ? -15.268 -11.464 -12.903 1.00 22.84 ? 507 HOH A O    1 
HETATM 1559 O O    . HOH D 3 .  ? -17.207 -10.585 1.661   1.00 27.17 ? 508 HOH A O    1 
HETATM 1560 O O    . HOH D 3 .  ? -18.438 -10.182 -11.766 1.00 14.80 ? 509 HOH A O    1 
HETATM 1561 O O    . HOH D 3 .  ? -4.493  -12.111 -9.513  1.00 29.74 ? 510 HOH A O    1 
HETATM 1562 O O    . HOH D 3 .  ? 5.991   -13.367 1.501   1.00 28.04 ? 511 HOH A O    1 
HETATM 1563 O O    . HOH D 3 .  ? -23.433 -3.023  -9.894  1.00 33.69 ? 512 HOH A O    1 
HETATM 1564 O O    . HOH D 3 .  ? -11.434 -1.127  -11.874 1.00 11.74 ? 514 HOH A O    1 
HETATM 1565 O O    . HOH D 3 .  ? -9.570  -5.113  -8.346  1.00 6.49  ? 515 HOH A O    1 
HETATM 1566 O O    . HOH D 3 .  ? -22.628 2.841   -3.506  1.00 32.61 ? 516 HOH A O    1 
HETATM 1567 O O    . HOH D 3 .  ? -26.032 3.525   2.006   1.00 38.08 ? 517 HOH A O    1 
HETATM 1568 O O    . HOH D 3 .  ? 1.218   -0.719  -6.816  1.00 16.64 ? 518 HOH A O    1 
HETATM 1569 O O    . HOH D 3 .  ? 1.888   -3.498  -6.298  1.00 11.63 ? 519 HOH A O    1 
HETATM 1570 O O    . HOH D 3 .  ? -4.163  -1.968  -11.361 1.00 18.50 ? 520 HOH A O    1 
HETATM 1571 O O    . HOH D 3 .  ? -5.230  -22.101 -2.508  1.00 23.30 ? 522 HOH A O    1 
HETATM 1572 O O    . HOH D 3 .  ? -18.909 -11.539 -2.148  1.00 21.94 ? 523 HOH A O    1 
HETATM 1573 O O    . HOH D 3 .  ? -4.225  8.766   -11.168 1.00 22.71 ? 531 HOH A O    1 
HETATM 1574 O O    . HOH E 3 .  ? 1.021   -7.160  1.890   1.00 4.45  ? 500 HOH B O    1 
HETATM 1575 O O    . HOH E 3 .  ? 2.774   5.542   -10.465 1.00 10.17 ? 532 HOH B O    1 
HETATM 1576 O O    . HOH E 3 .  ? 3.345   -1.166  -13.239 1.00 7.64  ? 533 HOH B O    1 
HETATM 1577 O O    . HOH E 3 .  ? 15.166  7.990   -6.574  1.00 18.02 ? 534 HOH B O    1 
HETATM 1578 O O    . HOH E 3 .  ? 18.398  6.993   -5.160  1.00 27.78 ? 535 HOH B O    1 
HETATM 1579 O O    . HOH E 3 .  ? -0.973  2.933   5.811   1.00 13.37 ? 536 HOH B O    1 
HETATM 1580 O O    . HOH E 3 .  ? -1.425  0.337   6.660   1.00 9.53  ? 537 HOH B O    1 
HETATM 1581 O O    . HOH E 3 .  ? 14.150  6.029   12.808  1.00 14.88 ? 540 HOH B O    1 
HETATM 1582 O O    . HOH E 3 .  ? 12.302  11.559  10.192  1.00 30.03 ? 543 HOH B O    1 
HETATM 1583 O O    . HOH E 3 .  ? 10.865  6.154   10.419  1.00 10.60 ? 544 HOH B O    1 
HETATM 1584 O O    . HOH E 3 .  ? 8.917   10.976  9.350   1.00 25.37 ? 545 HOH B O    1 
HETATM 1585 O O    . HOH E 3 .  ? 3.050   -0.517  12.299  1.00 30.77 ? 547 HOH B O    1 
# 
